data_5UVU
# 
_entry.id   5UVU 
# 
_audit_conform.dict_name       mmcif_pdbx.dic 
_audit_conform.dict_version    5.387 
_audit_conform.dict_location   http://mmcif.pdb.org/dictionaries/ascii/mmcif_pdbx.dic 
# 
loop_
_database_2.database_id 
_database_2.database_code 
_database_2.pdbx_database_accession 
_database_2.pdbx_DOI 
PDB   5UVU         pdb_00005uvu 10.2210/pdb5uvu/pdb 
WWPDB D_1000224225 ?            ?                   
# 
loop_
_pdbx_audit_revision_history.ordinal 
_pdbx_audit_revision_history.data_content_type 
_pdbx_audit_revision_history.major_revision 
_pdbx_audit_revision_history.minor_revision 
_pdbx_audit_revision_history.revision_date 
1 'Structure model' 1 0 2017-06-21 
2 'Structure model' 1 1 2024-03-06 
# 
_pdbx_audit_revision_details.ordinal             1 
_pdbx_audit_revision_details.revision_ordinal    1 
_pdbx_audit_revision_details.data_content_type   'Structure model' 
_pdbx_audit_revision_details.provider            repository 
_pdbx_audit_revision_details.type                'Initial release' 
_pdbx_audit_revision_details.description         ? 
_pdbx_audit_revision_details.details             ? 
# 
loop_
_pdbx_audit_revision_group.ordinal 
_pdbx_audit_revision_group.revision_ordinal 
_pdbx_audit_revision_group.data_content_type 
_pdbx_audit_revision_group.group 
1 2 'Structure model' 'Data collection'     
2 2 'Structure model' 'Database references' 
# 
loop_
_pdbx_audit_revision_category.ordinal 
_pdbx_audit_revision_category.revision_ordinal 
_pdbx_audit_revision_category.data_content_type 
_pdbx_audit_revision_category.category 
1 2 'Structure model' chem_comp_atom 
2 2 'Structure model' chem_comp_bond 
3 2 'Structure model' database_2     
# 
loop_
_pdbx_audit_revision_item.ordinal 
_pdbx_audit_revision_item.revision_ordinal 
_pdbx_audit_revision_item.data_content_type 
_pdbx_audit_revision_item.item 
1 2 'Structure model' '_database_2.pdbx_DOI'                
2 2 'Structure model' '_database_2.pdbx_database_accession' 
# 
_pdbx_database_status.status_code                     REL 
_pdbx_database_status.status_code_sf                  REL 
_pdbx_database_status.status_code_mr                  ? 
_pdbx_database_status.entry_id                        5UVU 
_pdbx_database_status.recvd_initial_deposition_date   2017-02-20 
_pdbx_database_status.SG_entry                        N 
_pdbx_database_status.deposit_site                    RCSB 
_pdbx_database_status.process_site                    RCSB 
_pdbx_database_status.status_code_cs                  ? 
_pdbx_database_status.methods_development_category    ? 
_pdbx_database_status.pdb_format_compatible           Y 
_pdbx_database_status.status_code_nmr_data            ? 
# 
loop_
_pdbx_database_related.content_type 
_pdbx_database_related.db_id 
_pdbx_database_related.db_name 
_pdbx_database_related.details 
unspecified 5UVS PDB . 
unspecified 5UVT PDB . 
unspecified 5UVV PDB . 
unspecified 5UVZ PDB . 
unspecified 5UVX PDB . 
unspecified 5UVY PDB . 
unspecified 5UVW PDB . 
# 
_audit_author.name               'Park, C.H.' 
_audit_author.pdbx_ordinal       1 
_audit_author.identifier_ORCID   ? 
# 
_citation.abstract                  ? 
_citation.abstract_id_CAS           ? 
_citation.book_id_ISBN              ? 
_citation.book_publisher            ? 
_citation.book_publisher_city       ? 
_citation.book_title                ? 
_citation.coordinate_linkage        ? 
_citation.country                   ? 
_citation.database_id_Medline       ? 
_citation.details                   ? 
_citation.id                        primary 
_citation.journal_abbrev            'To Be Published' 
_citation.journal_id_ASTM           ? 
_citation.journal_id_CSD            0353 
_citation.journal_id_ISSN           ? 
_citation.journal_full              ? 
_citation.journal_issue             ? 
_citation.journal_volume            ? 
_citation.language                  ? 
_citation.page_first                ? 
_citation.page_last                 ? 
_citation.title                     'Complex structure of BRD4_BD2_A-1461028' 
_citation.year                      ? 
_citation.database_id_CSD           ? 
_citation.pdbx_database_id_DOI      ? 
_citation.pdbx_database_id_PubMed   ? 
_citation.unpublished_flag          ? 
# 
_citation_author.citation_id        primary 
_citation_author.name               'Park, C.H.' 
_citation_author.ordinal            1 
_citation_author.identifier_ORCID   ? 
# 
loop_
_entity.id 
_entity.type 
_entity.src_method 
_entity.pdbx_description 
_entity.formula_weight 
_entity.pdbx_number_of_molecules 
_entity.pdbx_ec 
_entity.pdbx_mutation 
_entity.pdbx_fragment 
_entity.details 
1 polymer     man 'Bromodomain-containing protein 4' 12806.933 1   ? ? 'residues 352-457' ? 
2 non-polymer syn 
'7-(cyclopropylmethyl)-2-methyl-10-[(methylsulfonyl)methyl]-2,4,6,7-tetrahydro-3H-2,4,7-triazadibenzo[cd,f]azulen-3-one' 397.491   
1   ? ? ?                  ? 
3 water       nat water 18.015    200 ? ? ?                  ? 
# 
_entity_name_com.entity_id   1 
_entity_name_com.name        'Protein HUNK1' 
# 
_entity_poly.entity_id                      1 
_entity_poly.type                           'polypeptide(L)' 
_entity_poly.nstd_linkage                   no 
_entity_poly.nstd_monomer                   no 
_entity_poly.pdbx_seq_one_letter_code       
;SHMEQLKCCSGILKEMFAKKHAAYAWPFYKPVDVEALGLHDYCDIIKHPMDMSTIKSKLEAREYRDAQEFGADVRLMFSN
CYKYNPPDHEVVAMARKLQDVFEMRFAKM
;
_entity_poly.pdbx_seq_one_letter_code_can   
;SHMEQLKCCSGILKEMFAKKHAAYAWPFYKPVDVEALGLHDYCDIIKHPMDMSTIKSKLEAREYRDAQEFGADVRLMFSN
CYKYNPPDHEVVAMARKLQDVFEMRFAKM
;
_entity_poly.pdbx_strand_id                 A 
_entity_poly.pdbx_target_identifier         ? 
# 
loop_
_pdbx_entity_nonpoly.entity_id 
_pdbx_entity_nonpoly.name 
_pdbx_entity_nonpoly.comp_id 
2 '7-(cyclopropylmethyl)-2-methyl-10-[(methylsulfonyl)methyl]-2,4,6,7-tetrahydro-3H-2,4,7-triazadibenzo[cd,f]azulen-3-one' 8O4 
3 water                                                                                                                    HOH 
# 
loop_
_entity_poly_seq.entity_id 
_entity_poly_seq.num 
_entity_poly_seq.mon_id 
_entity_poly_seq.hetero 
1 1   SER n 
1 2   HIS n 
1 3   MET n 
1 4   GLU n 
1 5   GLN n 
1 6   LEU n 
1 7   LYS n 
1 8   CYS n 
1 9   CYS n 
1 10  SER n 
1 11  GLY n 
1 12  ILE n 
1 13  LEU n 
1 14  LYS n 
1 15  GLU n 
1 16  MET n 
1 17  PHE n 
1 18  ALA n 
1 19  LYS n 
1 20  LYS n 
1 21  HIS n 
1 22  ALA n 
1 23  ALA n 
1 24  TYR n 
1 25  ALA n 
1 26  TRP n 
1 27  PRO n 
1 28  PHE n 
1 29  TYR n 
1 30  LYS n 
1 31  PRO n 
1 32  VAL n 
1 33  ASP n 
1 34  VAL n 
1 35  GLU n 
1 36  ALA n 
1 37  LEU n 
1 38  GLY n 
1 39  LEU n 
1 40  HIS n 
1 41  ASP n 
1 42  TYR n 
1 43  CYS n 
1 44  ASP n 
1 45  ILE n 
1 46  ILE n 
1 47  LYS n 
1 48  HIS n 
1 49  PRO n 
1 50  MET n 
1 51  ASP n 
1 52  MET n 
1 53  SER n 
1 54  THR n 
1 55  ILE n 
1 56  LYS n 
1 57  SER n 
1 58  LYS n 
1 59  LEU n 
1 60  GLU n 
1 61  ALA n 
1 62  ARG n 
1 63  GLU n 
1 64  TYR n 
1 65  ARG n 
1 66  ASP n 
1 67  ALA n 
1 68  GLN n 
1 69  GLU n 
1 70  PHE n 
1 71  GLY n 
1 72  ALA n 
1 73  ASP n 
1 74  VAL n 
1 75  ARG n 
1 76  LEU n 
1 77  MET n 
1 78  PHE n 
1 79  SER n 
1 80  ASN n 
1 81  CYS n 
1 82  TYR n 
1 83  LYS n 
1 84  TYR n 
1 85  ASN n 
1 86  PRO n 
1 87  PRO n 
1 88  ASP n 
1 89  HIS n 
1 90  GLU n 
1 91  VAL n 
1 92  VAL n 
1 93  ALA n 
1 94  MET n 
1 95  ALA n 
1 96  ARG n 
1 97  LYS n 
1 98  LEU n 
1 99  GLN n 
1 100 ASP n 
1 101 VAL n 
1 102 PHE n 
1 103 GLU n 
1 104 MET n 
1 105 ARG n 
1 106 PHE n 
1 107 ALA n 
1 108 LYS n 
1 109 MET n 
# 
_entity_src_gen.entity_id                          1 
_entity_src_gen.pdbx_src_id                        1 
_entity_src_gen.pdbx_alt_source_flag               sample 
_entity_src_gen.pdbx_seq_type                      'Biological sequence' 
_entity_src_gen.pdbx_beg_seq_num                   1 
_entity_src_gen.pdbx_end_seq_num                   109 
_entity_src_gen.gene_src_common_name               Human 
_entity_src_gen.gene_src_genus                     ? 
_entity_src_gen.pdbx_gene_src_gene                 'BRD4, HUNK1' 
_entity_src_gen.gene_src_species                   ? 
_entity_src_gen.gene_src_strain                    ? 
_entity_src_gen.gene_src_tissue                    ? 
_entity_src_gen.gene_src_tissue_fraction           ? 
_entity_src_gen.gene_src_details                   ? 
_entity_src_gen.pdbx_gene_src_fragment             ? 
_entity_src_gen.pdbx_gene_src_scientific_name      'Homo sapiens' 
_entity_src_gen.pdbx_gene_src_ncbi_taxonomy_id     9606 
_entity_src_gen.pdbx_gene_src_variant              ? 
_entity_src_gen.pdbx_gene_src_cell_line            ? 
_entity_src_gen.pdbx_gene_src_atcc                 ? 
_entity_src_gen.pdbx_gene_src_organ                ? 
_entity_src_gen.pdbx_gene_src_organelle            ? 
_entity_src_gen.pdbx_gene_src_cell                 ? 
_entity_src_gen.pdbx_gene_src_cellular_location    ? 
_entity_src_gen.host_org_common_name               ? 
_entity_src_gen.pdbx_host_org_scientific_name      'Enterobacteria phage L1' 
_entity_src_gen.pdbx_host_org_ncbi_taxonomy_id     268588 
_entity_src_gen.host_org_genus                     ? 
_entity_src_gen.pdbx_host_org_gene                 ? 
_entity_src_gen.pdbx_host_org_organ                ? 
_entity_src_gen.host_org_species                   ? 
_entity_src_gen.pdbx_host_org_tissue               ? 
_entity_src_gen.pdbx_host_org_tissue_fraction      ? 
_entity_src_gen.pdbx_host_org_strain               ? 
_entity_src_gen.pdbx_host_org_variant              ? 
_entity_src_gen.pdbx_host_org_cell_line            ? 
_entity_src_gen.pdbx_host_org_atcc                 ? 
_entity_src_gen.pdbx_host_org_culture_collection   ? 
_entity_src_gen.pdbx_host_org_cell                 ? 
_entity_src_gen.pdbx_host_org_organelle            ? 
_entity_src_gen.pdbx_host_org_cellular_location    ? 
_entity_src_gen.pdbx_host_org_vector_type          ? 
_entity_src_gen.pdbx_host_org_vector               ? 
_entity_src_gen.host_org_details                   ? 
_entity_src_gen.expression_system_id               ? 
_entity_src_gen.plasmid_name                       ? 
_entity_src_gen.plasmid_details                    ? 
_entity_src_gen.pdbx_description                   ? 
# 
loop_
_chem_comp.id 
_chem_comp.type 
_chem_comp.mon_nstd_flag 
_chem_comp.name 
_chem_comp.pdbx_synonyms 
_chem_comp.formula 
_chem_comp.formula_weight 
8O4 non-polymer         . 
'7-(cyclopropylmethyl)-2-methyl-10-[(methylsulfonyl)methyl]-2,4,6,7-tetrahydro-3H-2,4,7-triazadibenzo[cd,f]azulen-3-one' ? 
'C21 H23 N3 O3 S' 397.491 
ALA 'L-peptide linking' y ALANINE ? 'C3 H7 N O2'      89.093  
ARG 'L-peptide linking' y ARGININE ? 'C6 H15 N4 O2 1'  175.209 
ASN 'L-peptide linking' y ASPARAGINE ? 'C4 H8 N2 O3'     132.118 
ASP 'L-peptide linking' y 'ASPARTIC ACID' ? 'C4 H7 N O4'      133.103 
CYS 'L-peptide linking' y CYSTEINE ? 'C3 H7 N O2 S'    121.158 
GLN 'L-peptide linking' y GLUTAMINE ? 'C5 H10 N2 O3'    146.144 
GLU 'L-peptide linking' y 'GLUTAMIC ACID' ? 'C5 H9 N O4'      147.129 
GLY 'peptide linking'   y GLYCINE ? 'C2 H5 N O2'      75.067  
HIS 'L-peptide linking' y HISTIDINE ? 'C6 H10 N3 O2 1'  156.162 
HOH non-polymer         . WATER ? 'H2 O'            18.015  
ILE 'L-peptide linking' y ISOLEUCINE ? 'C6 H13 N O2'     131.173 
LEU 'L-peptide linking' y LEUCINE ? 'C6 H13 N O2'     131.173 
LYS 'L-peptide linking' y LYSINE ? 'C6 H15 N2 O2 1'  147.195 
MET 'L-peptide linking' y METHIONINE ? 'C5 H11 N O2 S'   149.211 
PHE 'L-peptide linking' y PHENYLALANINE ? 'C9 H11 N O2'     165.189 
PRO 'L-peptide linking' y PROLINE ? 'C5 H9 N O2'      115.130 
SER 'L-peptide linking' y SERINE ? 'C3 H7 N O3'      105.093 
THR 'L-peptide linking' y THREONINE ? 'C4 H9 N O3'      119.119 
TRP 'L-peptide linking' y TRYPTOPHAN ? 'C11 H12 N2 O2'   204.225 
TYR 'L-peptide linking' y TYROSINE ? 'C9 H11 N O3'     181.189 
VAL 'L-peptide linking' y VALINE ? 'C5 H11 N O2'     117.146 
# 
loop_
_pdbx_poly_seq_scheme.asym_id 
_pdbx_poly_seq_scheme.entity_id 
_pdbx_poly_seq_scheme.seq_id 
_pdbx_poly_seq_scheme.mon_id 
_pdbx_poly_seq_scheme.ndb_seq_num 
_pdbx_poly_seq_scheme.pdb_seq_num 
_pdbx_poly_seq_scheme.auth_seq_num 
_pdbx_poly_seq_scheme.pdb_mon_id 
_pdbx_poly_seq_scheme.auth_mon_id 
_pdbx_poly_seq_scheme.pdb_strand_id 
_pdbx_poly_seq_scheme.pdb_ins_code 
_pdbx_poly_seq_scheme.hetero 
A 1 1   SER 1   349 ?   ?   ?   A . n 
A 1 2   HIS 2   350 ?   ?   ?   A . n 
A 1 3   MET 3   351 351 MET MET A . n 
A 1 4   GLU 4   352 352 GLU GLU A . n 
A 1 5   GLN 5   353 353 GLN GLN A . n 
A 1 6   LEU 6   354 354 LEU LEU A . n 
A 1 7   LYS 7   355 355 LYS LYS A . n 
A 1 8   CYS 8   356 356 CYS CYS A . n 
A 1 9   CYS 9   357 357 CYS CYS A . n 
A 1 10  SER 10  358 358 SER SER A . n 
A 1 11  GLY 11  359 359 GLY GLY A . n 
A 1 12  ILE 12  360 360 ILE ILE A . n 
A 1 13  LEU 13  361 361 LEU LEU A . n 
A 1 14  LYS 14  362 362 LYS LYS A . n 
A 1 15  GLU 15  363 363 GLU GLU A . n 
A 1 16  MET 16  364 364 MET MET A . n 
A 1 17  PHE 17  365 365 PHE PHE A . n 
A 1 18  ALA 18  366 366 ALA ALA A . n 
A 1 19  LYS 19  367 367 LYS LYS A . n 
A 1 20  LYS 20  368 368 LYS LYS A . n 
A 1 21  HIS 21  369 369 HIS HIS A . n 
A 1 22  ALA 22  370 370 ALA ALA A . n 
A 1 23  ALA 23  371 371 ALA ALA A . n 
A 1 24  TYR 24  372 372 TYR TYR A . n 
A 1 25  ALA 25  373 373 ALA ALA A . n 
A 1 26  TRP 26  374 374 TRP TRP A . n 
A 1 27  PRO 27  375 375 PRO PRO A . n 
A 1 28  PHE 28  376 376 PHE PHE A . n 
A 1 29  TYR 29  377 377 TYR TYR A . n 
A 1 30  LYS 30  378 378 LYS LYS A . n 
A 1 31  PRO 31  379 379 PRO PRO A . n 
A 1 32  VAL 32  380 380 VAL VAL A . n 
A 1 33  ASP 33  381 381 ASP ASP A . n 
A 1 34  VAL 34  382 382 VAL VAL A . n 
A 1 35  GLU 35  383 383 GLU GLU A . n 
A 1 36  ALA 36  384 384 ALA ALA A . n 
A 1 37  LEU 37  385 385 LEU LEU A . n 
A 1 38  GLY 38  386 386 GLY GLY A . n 
A 1 39  LEU 39  387 387 LEU LEU A . n 
A 1 40  HIS 40  388 388 HIS HIS A . n 
A 1 41  ASP 41  389 389 ASP ASP A . n 
A 1 42  TYR 42  390 390 TYR TYR A . n 
A 1 43  CYS 43  391 391 CYS CYS A . n 
A 1 44  ASP 44  392 392 ASP ASP A . n 
A 1 45  ILE 45  393 393 ILE ILE A . n 
A 1 46  ILE 46  394 394 ILE ILE A . n 
A 1 47  LYS 47  395 395 LYS LYS A . n 
A 1 48  HIS 48  396 396 HIS HIS A . n 
A 1 49  PRO 49  397 397 PRO PRO A . n 
A 1 50  MET 50  398 398 MET MET A . n 
A 1 51  ASP 51  399 399 ASP ASP A . n 
A 1 52  MET 52  400 400 MET MET A . n 
A 1 53  SER 53  401 401 SER SER A . n 
A 1 54  THR 54  402 402 THR THR A . n 
A 1 55  ILE 55  403 403 ILE ILE A . n 
A 1 56  LYS 56  404 404 LYS LYS A . n 
A 1 57  SER 57  405 405 SER SER A . n 
A 1 58  LYS 58  406 406 LYS LYS A . n 
A 1 59  LEU 59  407 407 LEU LEU A . n 
A 1 60  GLU 60  408 408 GLU GLU A . n 
A 1 61  ALA 61  409 409 ALA ALA A . n 
A 1 62  ARG 62  410 410 ARG ARG A . n 
A 1 63  GLU 63  411 411 GLU GLU A . n 
A 1 64  TYR 64  412 412 TYR TYR A . n 
A 1 65  ARG 65  413 413 ARG ARG A . n 
A 1 66  ASP 66  414 414 ASP ASP A . n 
A 1 67  ALA 67  415 415 ALA ALA A . n 
A 1 68  GLN 68  416 416 GLN GLN A . n 
A 1 69  GLU 69  417 417 GLU GLU A . n 
A 1 70  PHE 70  418 418 PHE PHE A . n 
A 1 71  GLY 71  419 419 GLY GLY A . n 
A 1 72  ALA 72  420 420 ALA ALA A . n 
A 1 73  ASP 73  421 421 ASP ASP A . n 
A 1 74  VAL 74  422 422 VAL VAL A . n 
A 1 75  ARG 75  423 423 ARG ARG A . n 
A 1 76  LEU 76  424 424 LEU LEU A . n 
A 1 77  MET 77  425 425 MET MET A . n 
A 1 78  PHE 78  426 426 PHE PHE A . n 
A 1 79  SER 79  427 427 SER SER A . n 
A 1 80  ASN 80  428 428 ASN ASN A . n 
A 1 81  CYS 81  429 429 CYS CYS A . n 
A 1 82  TYR 82  430 430 TYR TYR A . n 
A 1 83  LYS 83  431 431 LYS LYS A . n 
A 1 84  TYR 84  432 432 TYR TYR A . n 
A 1 85  ASN 85  433 433 ASN ASN A . n 
A 1 86  PRO 86  434 434 PRO PRO A . n 
A 1 87  PRO 87  435 435 PRO PRO A . n 
A 1 88  ASP 88  436 436 ASP ASP A . n 
A 1 89  HIS 89  437 437 HIS HIS A . n 
A 1 90  GLU 90  438 438 GLU GLU A . n 
A 1 91  VAL 91  439 439 VAL VAL A . n 
A 1 92  VAL 92  440 440 VAL VAL A . n 
A 1 93  ALA 93  441 441 ALA ALA A . n 
A 1 94  MET 94  442 442 MET MET A . n 
A 1 95  ALA 95  443 443 ALA ALA A . n 
A 1 96  ARG 96  444 444 ARG ARG A . n 
A 1 97  LYS 97  445 445 LYS LYS A . n 
A 1 98  LEU 98  446 446 LEU LEU A . n 
A 1 99  GLN 99  447 447 GLN GLN A . n 
A 1 100 ASP 100 448 448 ASP ASP A . n 
A 1 101 VAL 101 449 449 VAL VAL A . n 
A 1 102 PHE 102 450 450 PHE PHE A . n 
A 1 103 GLU 103 451 451 GLU GLU A . n 
A 1 104 MET 104 452 452 MET MET A . n 
A 1 105 ARG 105 453 453 ARG ARG A . n 
A 1 106 PHE 106 454 454 PHE PHE A . n 
A 1 107 ALA 107 455 455 ALA ALA A . n 
A 1 108 LYS 108 456 456 LYS LYS A . n 
A 1 109 MET 109 457 457 MET MET A . n 
# 
loop_
_pdbx_nonpoly_scheme.asym_id 
_pdbx_nonpoly_scheme.entity_id 
_pdbx_nonpoly_scheme.mon_id 
_pdbx_nonpoly_scheme.ndb_seq_num 
_pdbx_nonpoly_scheme.pdb_seq_num 
_pdbx_nonpoly_scheme.auth_seq_num 
_pdbx_nonpoly_scheme.pdb_mon_id 
_pdbx_nonpoly_scheme.auth_mon_id 
_pdbx_nonpoly_scheme.pdb_strand_id 
_pdbx_nonpoly_scheme.pdb_ins_code 
B 2 8O4 1   501 1   8O4 LIG A . 
C 3 HOH 1   601 58  HOH HOH A . 
C 3 HOH 2   602 43  HOH HOH A . 
C 3 HOH 3   603 37  HOH HOH A . 
C 3 HOH 4   604 41  HOH HOH A . 
C 3 HOH 5   605 7   HOH HOH A . 
C 3 HOH 6   606 197 HOH HOH A . 
C 3 HOH 7   607 161 HOH HOH A . 
C 3 HOH 8   608 13  HOH HOH A . 
C 3 HOH 9   609 141 HOH HOH A . 
C 3 HOH 10  610 4   HOH HOH A . 
C 3 HOH 11  611 149 HOH HOH A . 
C 3 HOH 12  612 66  HOH HOH A . 
C 3 HOH 13  613 60  HOH HOH A . 
C 3 HOH 14  614 87  HOH HOH A . 
C 3 HOH 15  615 1   HOH HOH A . 
C 3 HOH 16  616 65  HOH HOH A . 
C 3 HOH 17  617 8   HOH HOH A . 
C 3 HOH 18  618 23  HOH HOH A . 
C 3 HOH 19  619 28  HOH HOH A . 
C 3 HOH 20  620 148 HOH HOH A . 
C 3 HOH 21  621 74  HOH HOH A . 
C 3 HOH 22  622 9   HOH HOH A . 
C 3 HOH 23  623 34  HOH HOH A . 
C 3 HOH 24  624 108 HOH HOH A . 
C 3 HOH 25  625 35  HOH HOH A . 
C 3 HOH 26  626 153 HOH HOH A . 
C 3 HOH 27  627 11  HOH HOH A . 
C 3 HOH 28  628 199 HOH HOH A . 
C 3 HOH 29  629 175 HOH HOH A . 
C 3 HOH 30  630 36  HOH HOH A . 
C 3 HOH 31  631 83  HOH HOH A . 
C 3 HOH 32  632 92  HOH HOH A . 
C 3 HOH 33  633 21  HOH HOH A . 
C 3 HOH 34  634 131 HOH HOH A . 
C 3 HOH 35  635 32  HOH HOH A . 
C 3 HOH 36  636 12  HOH HOH A . 
C 3 HOH 37  637 109 HOH HOH A . 
C 3 HOH 38  638 168 HOH HOH A . 
C 3 HOH 39  639 3   HOH HOH A . 
C 3 HOH 40  640 40  HOH HOH A . 
C 3 HOH 41  641 86  HOH HOH A . 
C 3 HOH 42  642 14  HOH HOH A . 
C 3 HOH 43  643 10  HOH HOH A . 
C 3 HOH 44  644 39  HOH HOH A . 
C 3 HOH 45  645 17  HOH HOH A . 
C 3 HOH 46  646 51  HOH HOH A . 
C 3 HOH 47  647 55  HOH HOH A . 
C 3 HOH 48  648 120 HOH HOH A . 
C 3 HOH 49  649 62  HOH HOH A . 
C 3 HOH 50  650 166 HOH HOH A . 
C 3 HOH 51  651 129 HOH HOH A . 
C 3 HOH 52  652 72  HOH HOH A . 
C 3 HOH 53  653 22  HOH HOH A . 
C 3 HOH 54  654 2   HOH HOH A . 
C 3 HOH 55  655 73  HOH HOH A . 
C 3 HOH 56  656 106 HOH HOH A . 
C 3 HOH 57  657 158 HOH HOH A . 
C 3 HOH 58  658 78  HOH HOH A . 
C 3 HOH 59  659 124 HOH HOH A . 
C 3 HOH 60  660 76  HOH HOH A . 
C 3 HOH 61  661 200 HOH HOH A . 
C 3 HOH 62  662 130 HOH HOH A . 
C 3 HOH 63  663 119 HOH HOH A . 
C 3 HOH 64  664 126 HOH HOH A . 
C 3 HOH 65  665 30  HOH HOH A . 
C 3 HOH 66  666 127 HOH HOH A . 
C 3 HOH 67  667 143 HOH HOH A . 
C 3 HOH 68  668 61  HOH HOH A . 
C 3 HOH 69  669 6   HOH HOH A . 
C 3 HOH 70  670 5   HOH HOH A . 
C 3 HOH 71  671 64  HOH HOH A . 
C 3 HOH 72  672 79  HOH HOH A . 
C 3 HOH 73  673 82  HOH HOH A . 
C 3 HOH 74  674 181 HOH HOH A . 
C 3 HOH 75  675 176 HOH HOH A . 
C 3 HOH 76  676 150 HOH HOH A . 
C 3 HOH 77  677 169 HOH HOH A . 
C 3 HOH 78  678 56  HOH HOH A . 
C 3 HOH 79  679 96  HOH HOH A . 
C 3 HOH 80  680 27  HOH HOH A . 
C 3 HOH 81  681 48  HOH HOH A . 
C 3 HOH 82  682 80  HOH HOH A . 
C 3 HOH 83  683 193 HOH HOH A . 
C 3 HOH 84  684 52  HOH HOH A . 
C 3 HOH 85  685 18  HOH HOH A . 
C 3 HOH 86  686 26  HOH HOH A . 
C 3 HOH 87  687 24  HOH HOH A . 
C 3 HOH 88  688 94  HOH HOH A . 
C 3 HOH 89  689 19  HOH HOH A . 
C 3 HOH 90  690 47  HOH HOH A . 
C 3 HOH 91  691 155 HOH HOH A . 
C 3 HOH 92  692 122 HOH HOH A . 
C 3 HOH 93  693 110 HOH HOH A . 
C 3 HOH 94  694 71  HOH HOH A . 
C 3 HOH 95  695 147 HOH HOH A . 
C 3 HOH 96  696 170 HOH HOH A . 
C 3 HOH 97  697 69  HOH HOH A . 
C 3 HOH 98  698 15  HOH HOH A . 
C 3 HOH 99  699 77  HOH HOH A . 
C 3 HOH 100 700 115 HOH HOH A . 
C 3 HOH 101 701 38  HOH HOH A . 
C 3 HOH 102 702 16  HOH HOH A . 
C 3 HOH 103 703 160 HOH HOH A . 
C 3 HOH 104 704 25  HOH HOH A . 
C 3 HOH 105 705 184 HOH HOH A . 
C 3 HOH 106 706 70  HOH HOH A . 
C 3 HOH 107 707 53  HOH HOH A . 
C 3 HOH 108 708 100 HOH HOH A . 
C 3 HOH 109 709 167 HOH HOH A . 
C 3 HOH 110 710 137 HOH HOH A . 
C 3 HOH 111 711 171 HOH HOH A . 
C 3 HOH 112 712 101 HOH HOH A . 
C 3 HOH 113 713 88  HOH HOH A . 
C 3 HOH 114 714 95  HOH HOH A . 
C 3 HOH 115 715 54  HOH HOH A . 
C 3 HOH 116 716 140 HOH HOH A . 
C 3 HOH 117 717 136 HOH HOH A . 
C 3 HOH 118 718 116 HOH HOH A . 
C 3 HOH 119 719 85  HOH HOH A . 
C 3 HOH 120 720 44  HOH HOH A . 
C 3 HOH 121 721 157 HOH HOH A . 
C 3 HOH 122 722 107 HOH HOH A . 
C 3 HOH 123 723 198 HOH HOH A . 
C 3 HOH 124 724 103 HOH HOH A . 
C 3 HOH 125 725 186 HOH HOH A . 
C 3 HOH 126 726 118 HOH HOH A . 
C 3 HOH 127 727 105 HOH HOH A . 
C 3 HOH 128 728 123 HOH HOH A . 
C 3 HOH 129 729 139 HOH HOH A . 
C 3 HOH 130 730 113 HOH HOH A . 
C 3 HOH 131 731 31  HOH HOH A . 
C 3 HOH 132 732 112 HOH HOH A . 
C 3 HOH 133 733 179 HOH HOH A . 
C 3 HOH 134 734 134 HOH HOH A . 
C 3 HOH 135 735 173 HOH HOH A . 
C 3 HOH 136 736 174 HOH HOH A . 
C 3 HOH 137 737 20  HOH HOH A . 
C 3 HOH 138 738 182 HOH HOH A . 
C 3 HOH 139 739 33  HOH HOH A . 
C 3 HOH 140 740 183 HOH HOH A . 
C 3 HOH 141 741 75  HOH HOH A . 
C 3 HOH 142 742 156 HOH HOH A . 
C 3 HOH 143 743 142 HOH HOH A . 
C 3 HOH 144 744 196 HOH HOH A . 
C 3 HOH 145 745 138 HOH HOH A . 
C 3 HOH 146 746 117 HOH HOH A . 
C 3 HOH 147 747 145 HOH HOH A . 
C 3 HOH 148 748 121 HOH HOH A . 
C 3 HOH 149 749 190 HOH HOH A . 
C 3 HOH 150 750 144 HOH HOH A . 
C 3 HOH 151 751 102 HOH HOH A . 
C 3 HOH 152 752 90  HOH HOH A . 
C 3 HOH 153 753 177 HOH HOH A . 
C 3 HOH 154 754 67  HOH HOH A . 
C 3 HOH 155 755 172 HOH HOH A . 
C 3 HOH 156 756 133 HOH HOH A . 
C 3 HOH 157 757 180 HOH HOH A . 
C 3 HOH 158 758 189 HOH HOH A . 
C 3 HOH 159 759 194 HOH HOH A . 
C 3 HOH 160 760 81  HOH HOH A . 
C 3 HOH 161 761 159 HOH HOH A . 
C 3 HOH 162 762 84  HOH HOH A . 
C 3 HOH 163 763 63  HOH HOH A . 
C 3 HOH 164 764 104 HOH HOH A . 
C 3 HOH 165 765 29  HOH HOH A . 
C 3 HOH 166 766 154 HOH HOH A . 
C 3 HOH 167 767 163 HOH HOH A . 
C 3 HOH 168 768 128 HOH HOH A . 
C 3 HOH 169 769 59  HOH HOH A . 
C 3 HOH 170 770 50  HOH HOH A . 
C 3 HOH 171 771 195 HOH HOH A . 
C 3 HOH 172 772 99  HOH HOH A . 
C 3 HOH 173 773 46  HOH HOH A . 
C 3 HOH 174 774 187 HOH HOH A . 
C 3 HOH 175 775 89  HOH HOH A . 
C 3 HOH 176 776 98  HOH HOH A . 
C 3 HOH 177 777 111 HOH HOH A . 
C 3 HOH 178 778 162 HOH HOH A . 
C 3 HOH 179 779 114 HOH HOH A . 
C 3 HOH 180 780 57  HOH HOH A . 
C 3 HOH 181 781 97  HOH HOH A . 
C 3 HOH 182 782 192 HOH HOH A . 
C 3 HOH 183 783 68  HOH HOH A . 
C 3 HOH 184 784 91  HOH HOH A . 
C 3 HOH 185 785 165 HOH HOH A . 
C 3 HOH 186 786 49  HOH HOH A . 
C 3 HOH 187 787 146 HOH HOH A . 
C 3 HOH 188 788 151 HOH HOH A . 
C 3 HOH 189 789 45  HOH HOH A . 
C 3 HOH 190 790 42  HOH HOH A . 
C 3 HOH 191 791 191 HOH HOH A . 
C 3 HOH 192 792 132 HOH HOH A . 
C 3 HOH 193 793 178 HOH HOH A . 
C 3 HOH 194 794 164 HOH HOH A . 
C 3 HOH 195 795 93  HOH HOH A . 
C 3 HOH 196 796 152 HOH HOH A . 
C 3 HOH 197 797 135 HOH HOH A . 
C 3 HOH 198 798 185 HOH HOH A . 
C 3 HOH 199 799 125 HOH HOH A . 
C 3 HOH 200 800 188 HOH HOH A . 
# 
loop_
_software.citation_id 
_software.classification 
_software.compiler_name 
_software.compiler_version 
_software.contact_author 
_software.contact_author_email 
_software.date 
_software.description 
_software.dependencies 
_software.hardware 
_software.language 
_software.location 
_software.mods 
_software.name 
_software.os 
_software.os_version 
_software.type 
_software.version 
_software.pdbx_ordinal 
? 'data reduction' ? ? ? ? ? ? ? ? ? ? ? XDS    ? ? ? 2.11.7 1 
? 'data scaling'   ? ? ? ? ? ? ? ? ? ? ? SCALA  ? ? ? .      2 
? 'model building' ? ? ? ? ? ? ? ? ? ? ? Coot   ? ? ? .      3 
? refinement       ? ? ? ? ? ? ? ? ? ? ? BUSTER ? ? ? 2.11.7 4 
# 
_cell.angle_alpha                  90.00 
_cell.angle_alpha_esd              ? 
_cell.angle_beta                   90.00 
_cell.angle_beta_esd               ? 
_cell.angle_gamma                  90.00 
_cell.angle_gamma_esd              ? 
_cell.entry_id                     5UVU 
_cell.details                      ? 
_cell.formula_units_Z              ? 
_cell.length_a                     63.712 
_cell.length_a_esd                 ? 
_cell.length_b                     70.541 
_cell.length_b_esd                 ? 
_cell.length_c                     33.648 
_cell.length_c_esd                 ? 
_cell.volume                       ? 
_cell.volume_esd                   ? 
_cell.Z_PDB                        4 
_cell.reciprocal_angle_alpha       ? 
_cell.reciprocal_angle_beta        ? 
_cell.reciprocal_angle_gamma       ? 
_cell.reciprocal_angle_alpha_esd   ? 
_cell.reciprocal_angle_beta_esd    ? 
_cell.reciprocal_angle_gamma_esd   ? 
_cell.reciprocal_length_a          ? 
_cell.reciprocal_length_b          ? 
_cell.reciprocal_length_c          ? 
_cell.reciprocal_length_a_esd      ? 
_cell.reciprocal_length_b_esd      ? 
_cell.reciprocal_length_c_esd      ? 
_cell.pdbx_unique_axis             ? 
# 
_symmetry.entry_id                         5UVU 
_symmetry.cell_setting                     ? 
_symmetry.Int_Tables_number                18 
_symmetry.space_group_name_Hall            ? 
_symmetry.space_group_name_H-M             'P 21 21 2' 
_symmetry.pdbx_full_space_group_name_H-M   ? 
# 
_exptl.absorpt_coefficient_mu     ? 
_exptl.absorpt_correction_T_max   ? 
_exptl.absorpt_correction_T_min   ? 
_exptl.absorpt_correction_type    ? 
_exptl.absorpt_process_details    ? 
_exptl.entry_id                   5UVU 
_exptl.crystals_number            1 
_exptl.details                    ? 
_exptl.method                     'X-RAY DIFFRACTION' 
_exptl.method_details             ? 
# 
_exptl_crystal.colour                      ? 
_exptl_crystal.density_diffrn              ? 
_exptl_crystal.density_Matthews            3.00 
_exptl_crystal.density_method              ? 
_exptl_crystal.density_percent_sol         59.07 
_exptl_crystal.description                 ? 
_exptl_crystal.F_000                       ? 
_exptl_crystal.id                          1 
_exptl_crystal.preparation                 ? 
_exptl_crystal.size_max                    ? 
_exptl_crystal.size_mid                    ? 
_exptl_crystal.size_min                    ? 
_exptl_crystal.size_rad                    ? 
_exptl_crystal.colour_lustre               ? 
_exptl_crystal.colour_modifier             ? 
_exptl_crystal.colour_primary              ? 
_exptl_crystal.density_meas                ? 
_exptl_crystal.density_meas_esd            ? 
_exptl_crystal.density_meas_gt             ? 
_exptl_crystal.density_meas_lt             ? 
_exptl_crystal.density_meas_temp           ? 
_exptl_crystal.density_meas_temp_esd       ? 
_exptl_crystal.density_meas_temp_gt        ? 
_exptl_crystal.density_meas_temp_lt        ? 
_exptl_crystal.pdbx_crystal_image_url      ? 
_exptl_crystal.pdbx_crystal_image_format   ? 
_exptl_crystal.pdbx_mosaicity              ? 
_exptl_crystal.pdbx_mosaicity_esd          ? 
# 
_exptl_crystal_grow.apparatus       ? 
_exptl_crystal_grow.atmosphere      ? 
_exptl_crystal_grow.crystal_id      1 
_exptl_crystal_grow.details         ? 
_exptl_crystal_grow.method          'VAPOR DIFFUSION' 
_exptl_crystal_grow.method_ref      ? 
_exptl_crystal_grow.pH              ? 
_exptl_crystal_grow.pressure        ? 
_exptl_crystal_grow.pressure_esd    ? 
_exptl_crystal_grow.seeding         ? 
_exptl_crystal_grow.seeding_ref     ? 
_exptl_crystal_grow.temp            277 
_exptl_crystal_grow.temp_details    ? 
_exptl_crystal_grow.temp_esd        ? 
_exptl_crystal_grow.time            ? 
_exptl_crystal_grow.pdbx_details    
;Protein Buffer :
10 mM HEPES PH 7.5
100 MM NaCl  5 mM DTT
Crystallization :
15 % (v/v) Ethanol,  Tris PH 7.0
;
_exptl_crystal_grow.pdbx_pH_range   ? 
# 
_diffrn.ambient_environment    ? 
_diffrn.ambient_temp           100 
_diffrn.ambient_temp_details   ? 
_diffrn.ambient_temp_esd       ? 
_diffrn.crystal_id             1 
_diffrn.crystal_support        ? 
_diffrn.crystal_treatment      ? 
_diffrn.details                ? 
_diffrn.id                     1 
_diffrn.ambient_pressure       ? 
_diffrn.ambient_pressure_esd   ? 
_diffrn.ambient_pressure_gt    ? 
_diffrn.ambient_pressure_lt    ? 
_diffrn.ambient_temp_gt        ? 
_diffrn.ambient_temp_lt        ? 
# 
_diffrn_detector.details                      ? 
_diffrn_detector.detector                     PIXEL 
_diffrn_detector.diffrn_id                    1 
_diffrn_detector.type                         'DECTRIS PILATUS3 S 6M' 
_diffrn_detector.area_resol_mean              ? 
_diffrn_detector.dtime                        ? 
_diffrn_detector.pdbx_frames_total            ? 
_diffrn_detector.pdbx_collection_time_total   ? 
_diffrn_detector.pdbx_collection_date         2012-10-03 
# 
_diffrn_radiation.collimation                      ? 
_diffrn_radiation.diffrn_id                        1 
_diffrn_radiation.filter_edge                      ? 
_diffrn_radiation.inhomogeneity                    ? 
_diffrn_radiation.monochromator                    ? 
_diffrn_radiation.polarisn_norm                    ? 
_diffrn_radiation.polarisn_ratio                   ? 
_diffrn_radiation.probe                            ? 
_diffrn_radiation.type                             ? 
_diffrn_radiation.xray_symbol                      ? 
_diffrn_radiation.wavelength_id                    1 
_diffrn_radiation.pdbx_monochromatic_or_laue_m_l   M 
_diffrn_radiation.pdbx_wavelength_list             ? 
_diffrn_radiation.pdbx_wavelength                  ? 
_diffrn_radiation.pdbx_diffrn_protocol             'SINGLE WAVELENGTH' 
_diffrn_radiation.pdbx_analyzer                    ? 
_diffrn_radiation.pdbx_scattering_type             x-ray 
# 
_diffrn_radiation_wavelength.id           1 
_diffrn_radiation_wavelength.wavelength   1.0 
_diffrn_radiation_wavelength.wt           1.0 
# 
_diffrn_source.current                     ? 
_diffrn_source.details                     ? 
_diffrn_source.diffrn_id                   1 
_diffrn_source.power                       ? 
_diffrn_source.size                        ? 
_diffrn_source.source                      SYNCHROTRON 
_diffrn_source.target                      ? 
_diffrn_source.type                        'APS BEAMLINE 17-ID' 
_diffrn_source.voltage                     ? 
_diffrn_source.take-off_angle              ? 
_diffrn_source.pdbx_wavelength_list        1.0 
_diffrn_source.pdbx_wavelength             ? 
_diffrn_source.pdbx_synchrotron_beamline   17-ID 
_diffrn_source.pdbx_synchrotron_site       APS 
# 
_reflns.B_iso_Wilson_estimate            24.36 
_reflns.entry_id                         5UVU 
_reflns.data_reduction_details           ? 
_reflns.data_reduction_method            ? 
_reflns.d_resolution_high                1.66 
_reflns.d_resolution_low                 47.3 
_reflns.details                          ? 
_reflns.limit_h_max                      ? 
_reflns.limit_h_min                      ? 
_reflns.limit_k_max                      ? 
_reflns.limit_k_min                      ? 
_reflns.limit_l_max                      ? 
_reflns.limit_l_min                      ? 
_reflns.number_all                       ? 
_reflns.number_obs                       18674 
_reflns.observed_criterion               ? 
_reflns.observed_criterion_F_max         ? 
_reflns.observed_criterion_F_min         ? 
_reflns.observed_criterion_I_max         ? 
_reflns.observed_criterion_I_min         ? 
_reflns.observed_criterion_sigma_F       ? 
_reflns.observed_criterion_sigma_I       ? 
_reflns.percent_possible_obs             99.9 
_reflns.R_free_details                   ? 
_reflns.Rmerge_F_all                     ? 
_reflns.Rmerge_F_obs                     ? 
_reflns.Friedel_coverage                 ? 
_reflns.number_gt                        ? 
_reflns.threshold_expression             ? 
_reflns.pdbx_redundancy                  6.0 
_reflns.pdbx_Rmerge_I_obs                0.072 
_reflns.pdbx_Rmerge_I_all                ? 
_reflns.pdbx_Rsym_value                  0.072 
_reflns.pdbx_netI_over_av_sigmaI         ? 
_reflns.pdbx_netI_over_sigmaI            18.8 
_reflns.pdbx_res_netI_over_av_sigmaI_2   ? 
_reflns.pdbx_res_netI_over_sigmaI_2      ? 
_reflns.pdbx_chi_squared                 ? 
_reflns.pdbx_scaling_rejects             ? 
_reflns.pdbx_d_res_high_opt              ? 
_reflns.pdbx_d_res_low_opt               ? 
_reflns.pdbx_d_res_opt_method            ? 
_reflns.phase_calculation_details        ? 
_reflns.pdbx_Rrim_I_all                  ? 
_reflns.pdbx_Rpim_I_all                  ? 
_reflns.pdbx_d_opt                       ? 
_reflns.pdbx_number_measured_all         ? 
_reflns.pdbx_diffrn_id                   1 
_reflns.pdbx_ordinal                     1 
_reflns.pdbx_CC_half                     ? 
_reflns.pdbx_R_split                     ? 
# 
_reflns_shell.d_res_high                  . 
_reflns_shell.d_res_low                   ? 
_reflns_shell.meanI_over_sigI_all         ? 
_reflns_shell.meanI_over_sigI_obs         ? 
_reflns_shell.number_measured_all         ? 
_reflns_shell.number_measured_obs         ? 
_reflns_shell.number_possible             ? 
_reflns_shell.number_unique_all           ? 
_reflns_shell.number_unique_obs           ? 
_reflns_shell.percent_possible_all        ? 
_reflns_shell.percent_possible_obs        ? 
_reflns_shell.Rmerge_F_all                ? 
_reflns_shell.Rmerge_F_obs                ? 
_reflns_shell.Rmerge_I_all                ? 
_reflns_shell.Rmerge_I_obs                ? 
_reflns_shell.meanI_over_sigI_gt          ? 
_reflns_shell.meanI_over_uI_all           ? 
_reflns_shell.meanI_over_uI_gt            ? 
_reflns_shell.number_measured_gt          ? 
_reflns_shell.number_unique_gt            ? 
_reflns_shell.percent_possible_gt         ? 
_reflns_shell.Rmerge_F_gt                 ? 
_reflns_shell.Rmerge_I_gt                 ? 
_reflns_shell.pdbx_redundancy             ? 
_reflns_shell.pdbx_Rsym_value             ? 
_reflns_shell.pdbx_chi_squared            ? 
_reflns_shell.pdbx_netI_over_sigmaI_all   ? 
_reflns_shell.pdbx_netI_over_sigmaI_obs   ? 
_reflns_shell.pdbx_Rrim_I_all             ? 
_reflns_shell.pdbx_Rpim_I_all             ? 
_reflns_shell.pdbx_rejects                ? 
_reflns_shell.pdbx_ordinal                1 
_reflns_shell.pdbx_diffrn_id              1 
_reflns_shell.pdbx_CC_half                ? 
_reflns_shell.pdbx_R_split                ? 
# 
_refine.aniso_B[1][1]                            -5.76120 
_refine.aniso_B[1][2]                            0.00000 
_refine.aniso_B[1][3]                            0.00000 
_refine.aniso_B[2][2]                            5.18120 
_refine.aniso_B[2][3]                            0.00000 
_refine.aniso_B[3][3]                            0.57990 
_refine.B_iso_max                                ? 
_refine.B_iso_mean                               27.96 
_refine.B_iso_min                                ? 
_refine.correlation_coeff_Fo_to_Fc               0.947 
_refine.correlation_coeff_Fo_to_Fc_free          0.943 
_refine.details                                  ? 
_refine.diff_density_max                         ? 
_refine.diff_density_max_esd                     ? 
_refine.diff_density_min                         ? 
_refine.diff_density_min_esd                     ? 
_refine.diff_density_rms                         ? 
_refine.diff_density_rms_esd                     ? 
_refine.entry_id                                 5UVU 
_refine.pdbx_refine_id                           'X-RAY DIFFRACTION' 
_refine.ls_abs_structure_details                 ? 
_refine.ls_abs_structure_Flack                   ? 
_refine.ls_abs_structure_Flack_esd               ? 
_refine.ls_abs_structure_Rogers                  ? 
_refine.ls_abs_structure_Rogers_esd              ? 
_refine.ls_d_res_high                            1.66 
_refine.ls_d_res_low                             47.28 
_refine.ls_extinction_coef                       ? 
_refine.ls_extinction_coef_esd                   ? 
_refine.ls_extinction_expression                 ? 
_refine.ls_extinction_method                     ? 
_refine.ls_goodness_of_fit_all                   ? 
_refine.ls_goodness_of_fit_all_esd               ? 
_refine.ls_goodness_of_fit_obs                   ? 
_refine.ls_goodness_of_fit_obs_esd               ? 
_refine.ls_hydrogen_treatment                    ? 
_refine.ls_matrix_type                           ? 
_refine.ls_number_constraints                    ? 
_refine.ls_number_parameters                     ? 
_refine.ls_number_reflns_all                     ? 
_refine.ls_number_reflns_obs                     18520 
_refine.ls_number_reflns_R_free                  942 
_refine.ls_number_reflns_R_work                  ? 
_refine.ls_number_restraints                     ? 
_refine.ls_percent_reflns_obs                    99.6 
_refine.ls_percent_reflns_R_free                 5.090 
_refine.ls_R_factor_all                          ? 
_refine.ls_R_factor_obs                          0.190 
_refine.ls_R_factor_R_free                       0.212 
_refine.ls_R_factor_R_free_error                 0.02 
_refine.ls_R_factor_R_free_error_details         ? 
_refine.ls_R_factor_R_work                       0.189 
_refine.ls_R_Fsqd_factor_obs                     ? 
_refine.ls_R_I_factor_obs                        ? 
_refine.ls_redundancy_reflns_all                 ? 
_refine.ls_redundancy_reflns_obs                 ? 
_refine.ls_restrained_S_all                      ? 
_refine.ls_restrained_S_obs                      ? 
_refine.ls_shift_over_esd_max                    ? 
_refine.ls_shift_over_esd_mean                   ? 
_refine.ls_structure_factor_coef                 ? 
_refine.ls_weighting_details                     ? 
_refine.ls_weighting_scheme                      ? 
_refine.ls_wR_factor_all                         ? 
_refine.ls_wR_factor_obs                         ? 
_refine.ls_wR_factor_R_free                      ? 
_refine.ls_wR_factor_R_work                      ? 
_refine.occupancy_max                            ? 
_refine.occupancy_min                            ? 
_refine.solvent_model_details                    ? 
_refine.solvent_model_param_bsol                 ? 
_refine.solvent_model_param_ksol                 ? 
_refine.ls_R_factor_gt                           ? 
_refine.ls_goodness_of_fit_gt                    ? 
_refine.ls_goodness_of_fit_ref                   ? 
_refine.ls_shift_over_su_max                     ? 
_refine.ls_shift_over_su_max_lt                  ? 
_refine.ls_shift_over_su_mean                    ? 
_refine.ls_shift_over_su_mean_lt                 ? 
_refine.pdbx_ls_sigma_I                          ? 
_refine.pdbx_ls_sigma_F                          0.000 
_refine.pdbx_ls_sigma_Fsqd                       ? 
_refine.pdbx_data_cutoff_high_absF               ? 
_refine.pdbx_data_cutoff_high_rms_absF           ? 
_refine.pdbx_data_cutoff_low_absF                ? 
_refine.pdbx_isotropic_thermal_model             ? 
_refine.pdbx_ls_cross_valid_method               THROUGHOUT 
_refine.pdbx_method_to_determine_struct          ? 
_refine.pdbx_starting_model                      ? 
_refine.pdbx_stereochemistry_target_values       ? 
_refine.pdbx_R_Free_selection_details            RANDOM 
_refine.pdbx_stereochem_target_val_spec_case     ? 
_refine.pdbx_overall_ESU_R                       ? 
_refine.pdbx_overall_ESU_R_Free                  ? 
_refine.pdbx_solvent_vdw_probe_radii             ? 
_refine.pdbx_solvent_ion_probe_radii             ? 
_refine.pdbx_solvent_shrinkage_radii             ? 
_refine.pdbx_real_space_R                        ? 
_refine.pdbx_density_correlation                 ? 
_refine.pdbx_pd_number_of_powder_patterns        ? 
_refine.pdbx_pd_number_of_points                 ? 
_refine.pdbx_pd_meas_number_of_points            ? 
_refine.pdbx_pd_proc_ls_prof_R_factor            ? 
_refine.pdbx_pd_proc_ls_prof_wR_factor           ? 
_refine.pdbx_pd_Marquardt_correlation_coeff      ? 
_refine.pdbx_pd_Fsqrd_R_factor                   ? 
_refine.pdbx_pd_ls_matrix_band_width             ? 
_refine.pdbx_overall_phase_error                 ? 
_refine.pdbx_overall_SU_R_free_Cruickshank_DPI   0.086 
_refine.pdbx_overall_SU_R_free_Blow_DPI          0.095 
_refine.pdbx_overall_SU_R_Blow_DPI               0.102 
_refine.pdbx_TLS_residual_ADP_flag               ? 
_refine.pdbx_diffrn_id                           1 
_refine.overall_SU_B                             ? 
_refine.overall_SU_ML                            ? 
_refine.overall_SU_R_Cruickshank_DPI             0.088 
_refine.overall_SU_R_free                        ? 
_refine.overall_FOM_free_R_set                   ? 
_refine.overall_FOM_work_R_set                   ? 
_refine.pdbx_average_fsc_overall                 ? 
_refine.pdbx_average_fsc_work                    ? 
_refine.pdbx_average_fsc_free                    ? 
# 
_refine_analyze.entry_id                        5UVU 
_refine_analyze.pdbx_refine_id                  'X-RAY DIFFRACTION' 
_refine_analyze.Luzzati_coordinate_error_free   ? 
_refine_analyze.Luzzati_coordinate_error_obs    0.23 
_refine_analyze.Luzzati_d_res_low_free          ? 
_refine_analyze.Luzzati_d_res_low_obs           ? 
_refine_analyze.Luzzati_sigma_a_free            ? 
_refine_analyze.Luzzati_sigma_a_free_details    ? 
_refine_analyze.Luzzati_sigma_a_obs             ? 
_refine_analyze.Luzzati_sigma_a_obs_details     ? 
_refine_analyze.number_disordered_residues      ? 
_refine_analyze.occupancy_sum_hydrogen          ? 
_refine_analyze.occupancy_sum_non_hydrogen      ? 
_refine_analyze.RG_d_res_high                   ? 
_refine_analyze.RG_d_res_low                    ? 
_refine_analyze.RG_free                         ? 
_refine_analyze.RG_work                         ? 
_refine_analyze.RG_free_work_ratio              ? 
_refine_analyze.pdbx_Luzzati_d_res_high_obs     ? 
# 
_refine_hist.pdbx_refine_id                   'X-RAY DIFFRACTION' 
_refine_hist.cycle_id                         1 
_refine_hist.pdbx_number_atoms_protein        876 
_refine_hist.pdbx_number_atoms_nucleic_acid   0 
_refine_hist.pdbx_number_atoms_ligand         28 
_refine_hist.number_atoms_solvent             200 
_refine_hist.number_atoms_total               1104 
_refine_hist.d_res_high                       1.66 
_refine_hist.d_res_low                        47.28 
# 
loop_
_refine_ls_restr.pdbx_refine_id 
_refine_ls_restr.criterion 
_refine_ls_restr.dev_ideal 
_refine_ls_restr.dev_ideal_target 
_refine_ls_restr.number 
_refine_ls_restr.rejects 
_refine_ls_restr.type 
_refine_ls_restr.weight 
_refine_ls_restr.pdbx_restraint_function 
'X-RAY DIFFRACTION' ? 0.010 ? 953  ? t_bond_d                  2.00  HARMONIC     
'X-RAY DIFFRACTION' ? 0.89  ? 1306 ? t_angle_deg               2.00  HARMONIC     
'X-RAY DIFFRACTION' ? ?     ? 327  ? t_dihedral_angle_d        2.00  SINUSOIDAL   
'X-RAY DIFFRACTION' ? ?     ? ?    ? t_incorr_chiral_ct        ?     ?            
'X-RAY DIFFRACTION' ? ?     ? ?    ? t_pseud_angle             ?     ?            
'X-RAY DIFFRACTION' ? ?     ? 21   ? t_trig_c_planes           2.00  HARMONIC     
'X-RAY DIFFRACTION' ? ?     ? 141  ? t_gen_planes              5.00  HARMONIC     
'X-RAY DIFFRACTION' ? ?     ? 953  ? t_it                      20.00 HARMONIC     
'X-RAY DIFFRACTION' ? ?     ? ?    ? t_nbd                     ?     ?            
'X-RAY DIFFRACTION' ? 2.98  ? ?    ? t_omega_torsion           ?     ?            
'X-RAY DIFFRACTION' ? 15.56 ? ?    ? t_other_torsion           ?     ?            
'X-RAY DIFFRACTION' ? ?     ? ?    ? t_improper_torsion        ?     ?            
'X-RAY DIFFRACTION' ? ?     ? 110  ? t_chiral_improper_torsion 5.00  SEMIHARMONIC 
'X-RAY DIFFRACTION' ? ?     ? ?    ? t_sum_occupancies         ?     ?            
'X-RAY DIFFRACTION' ? ?     ? ?    ? t_utility_distance        ?     ?            
'X-RAY DIFFRACTION' ? ?     ? ?    ? t_utility_angle           ?     ?            
'X-RAY DIFFRACTION' ? ?     ? ?    ? t_utility_torsion         ?     ?            
'X-RAY DIFFRACTION' ? ?     ? 1227 ? t_ideal_dist_contact      4.00  SEMIHARMONIC 
# 
_refine_ls_shell.pdbx_refine_id                   'X-RAY DIFFRACTION' 
_refine_ls_shell.d_res_high                       1.66 
_refine_ls_shell.d_res_low                        1.76 
_refine_ls_shell.number_reflns_all                2969 
_refine_ls_shell.number_reflns_obs                ? 
_refine_ls_shell.number_reflns_R_free             143 
_refine_ls_shell.number_reflns_R_work             2826 
_refine_ls_shell.percent_reflns_obs               99.97 
_refine_ls_shell.percent_reflns_R_free            4.82 
_refine_ls_shell.R_factor_all                     0.224 
_refine_ls_shell.R_factor_obs                     ? 
_refine_ls_shell.R_factor_R_free                  0.243 
_refine_ls_shell.R_factor_R_free_error            0.000 
_refine_ls_shell.R_factor_R_work                  0.222 
_refine_ls_shell.redundancy_reflns_all            ? 
_refine_ls_shell.redundancy_reflns_obs            ? 
_refine_ls_shell.wR_factor_all                    ? 
_refine_ls_shell.wR_factor_obs                    ? 
_refine_ls_shell.wR_factor_R_free                 ? 
_refine_ls_shell.wR_factor_R_work                 ? 
_refine_ls_shell.pdbx_total_number_of_bins_used   9 
_refine_ls_shell.pdbx_phase_error                 ? 
_refine_ls_shell.pdbx_fsc_work                    ? 
_refine_ls_shell.pdbx_fsc_free                    ? 
# 
_struct.entry_id                     5UVU 
_struct.title                        BRD4_BD2_A-1461028 
_struct.pdbx_model_details           ? 
_struct.pdbx_formula_weight          ? 
_struct.pdbx_formula_weight_method   ? 
_struct.pdbx_model_type_details      ? 
_struct.pdbx_CASP_flag               N 
# 
_struct_keywords.entry_id        5UVU 
_struct_keywords.text            'Helix bundle, SIGNALING PROTEIN-INHIBITOR complex' 
_struct_keywords.pdbx_keywords   'SIGNALING PROTEIN/INHIBITOR' 
# 
loop_
_struct_asym.id 
_struct_asym.pdbx_blank_PDB_chainid_flag 
_struct_asym.pdbx_modified 
_struct_asym.entity_id 
_struct_asym.details 
A N N 1 ? 
B N N 2 ? 
C N N 3 ? 
# 
_struct_ref.id                         1 
_struct_ref.db_name                    UNP 
_struct_ref.db_code                    BRD4_HUMAN 
_struct_ref.pdbx_db_accession          O60885 
_struct_ref.pdbx_db_isoform            ? 
_struct_ref.entity_id                  1 
_struct_ref.pdbx_seq_one_letter_code   
;EQLKCCSGILKEMFAKKHAAYAWPFYKPVDVEALGLHDYCDIIKHPMDMSTIKSKLEAREYRDAQEFGADVRLMFSNCYK
YNPPDHEVVAMARKLQDVFEMRFAKM
;
_struct_ref.pdbx_align_begin           352 
# 
_struct_ref_seq.align_id                      1 
_struct_ref_seq.ref_id                        1 
_struct_ref_seq.pdbx_PDB_id_code              5UVU 
_struct_ref_seq.pdbx_strand_id                A 
_struct_ref_seq.seq_align_beg                 4 
_struct_ref_seq.pdbx_seq_align_beg_ins_code   ? 
_struct_ref_seq.seq_align_end                 109 
_struct_ref_seq.pdbx_seq_align_end_ins_code   ? 
_struct_ref_seq.pdbx_db_accession             O60885 
_struct_ref_seq.db_align_beg                  352 
_struct_ref_seq.pdbx_db_align_beg_ins_code    ? 
_struct_ref_seq.db_align_end                  457 
_struct_ref_seq.pdbx_db_align_end_ins_code    ? 
_struct_ref_seq.pdbx_auth_seq_align_beg       352 
_struct_ref_seq.pdbx_auth_seq_align_end       457 
# 
loop_
_struct_ref_seq_dif.align_id 
_struct_ref_seq_dif.pdbx_pdb_id_code 
_struct_ref_seq_dif.mon_id 
_struct_ref_seq_dif.pdbx_pdb_strand_id 
_struct_ref_seq_dif.seq_num 
_struct_ref_seq_dif.pdbx_pdb_ins_code 
_struct_ref_seq_dif.pdbx_seq_db_name 
_struct_ref_seq_dif.pdbx_seq_db_accession_code 
_struct_ref_seq_dif.db_mon_id 
_struct_ref_seq_dif.pdbx_seq_db_seq_num 
_struct_ref_seq_dif.details 
_struct_ref_seq_dif.pdbx_auth_seq_num 
_struct_ref_seq_dif.pdbx_ordinal 
1 5UVU SER A 1 ? UNP O60885 ? ? 'expression tag' 349 1 
1 5UVU HIS A 2 ? UNP O60885 ? ? 'expression tag' 350 2 
1 5UVU MET A 3 ? UNP O60885 ? ? 'expression tag' 351 3 
# 
_pdbx_struct_assembly.id                   1 
_pdbx_struct_assembly.details              author_and_software_defined_assembly 
_pdbx_struct_assembly.method_details       PISA 
_pdbx_struct_assembly.oligomeric_details   monomeric 
_pdbx_struct_assembly.oligomeric_count     1 
# 
loop_
_pdbx_struct_assembly_prop.biol_id 
_pdbx_struct_assembly_prop.type 
_pdbx_struct_assembly_prop.value 
_pdbx_struct_assembly_prop.details 
1 'ABSA (A^2)' 0    ? 
1 MORE         0    ? 
1 'SSA (A^2)'  6590 ? 
# 
_pdbx_struct_assembly_gen.assembly_id       1 
_pdbx_struct_assembly_gen.oper_expression   1 
_pdbx_struct_assembly_gen.asym_id_list      A,B,C 
# 
_pdbx_struct_oper_list.id                   1 
_pdbx_struct_oper_list.type                 'identity operation' 
_pdbx_struct_oper_list.name                 1_555 
_pdbx_struct_oper_list.symmetry_operation   x,y,z 
_pdbx_struct_oper_list.matrix[1][1]         1.0000000000 
_pdbx_struct_oper_list.matrix[1][2]         0.0000000000 
_pdbx_struct_oper_list.matrix[1][3]         0.0000000000 
_pdbx_struct_oper_list.vector[1]            0.0000000000 
_pdbx_struct_oper_list.matrix[2][1]         0.0000000000 
_pdbx_struct_oper_list.matrix[2][2]         1.0000000000 
_pdbx_struct_oper_list.matrix[2][3]         0.0000000000 
_pdbx_struct_oper_list.vector[2]            0.0000000000 
_pdbx_struct_oper_list.matrix[3][1]         0.0000000000 
_pdbx_struct_oper_list.matrix[3][2]         0.0000000000 
_pdbx_struct_oper_list.matrix[3][3]         1.0000000000 
_pdbx_struct_oper_list.vector[3]            0.0000000000 
# 
loop_
_struct_conf.conf_type_id 
_struct_conf.id 
_struct_conf.pdbx_PDB_helix_id 
_struct_conf.beg_label_comp_id 
_struct_conf.beg_label_asym_id 
_struct_conf.beg_label_seq_id 
_struct_conf.pdbx_beg_PDB_ins_code 
_struct_conf.end_label_comp_id 
_struct_conf.end_label_asym_id 
_struct_conf.end_label_seq_id 
_struct_conf.pdbx_end_PDB_ins_code 
_struct_conf.beg_auth_comp_id 
_struct_conf.beg_auth_asym_id 
_struct_conf.beg_auth_seq_id 
_struct_conf.end_auth_comp_id 
_struct_conf.end_auth_asym_id 
_struct_conf.end_auth_seq_id 
_struct_conf.pdbx_PDB_helix_class 
_struct_conf.details 
_struct_conf.pdbx_PDB_helix_length 
HELX_P HELX_P1 AA1 MET A 3  ? ALA A 18  ? MET A 351 ALA A 366 1 ? 16 
HELX_P HELX_P2 AA2 HIS A 21 ? TRP A 26  ? HIS A 369 TRP A 374 1 ? 6  
HELX_P HELX_P3 AA3 PRO A 27 ? TYR A 29  ? PRO A 375 TYR A 377 5 ? 3  
HELX_P HELX_P4 AA4 ASP A 33 ? GLY A 38  ? ASP A 381 GLY A 386 1 ? 6  
HELX_P HELX_P5 AA5 ASP A 41 ? ILE A 46  ? ASP A 389 ILE A 394 1 ? 6  
HELX_P HELX_P6 AA6 ASP A 51 ? ALA A 61  ? ASP A 399 ALA A 409 1 ? 11 
HELX_P HELX_P7 AA7 ASP A 66 ? ASN A 85  ? ASP A 414 ASN A 433 1 ? 20 
HELX_P HELX_P8 AA8 HIS A 89 ? ALA A 107 ? HIS A 437 ALA A 455 1 ? 19 
# 
_struct_conf_type.id          HELX_P 
_struct_conf_type.criteria    ? 
_struct_conf_type.reference   ? 
# 
_struct_site.id                   AC1 
_struct_site.pdbx_evidence_code   Software 
_struct_site.pdbx_auth_asym_id    A 
_struct_site.pdbx_auth_comp_id    8O4 
_struct_site.pdbx_auth_seq_id     501 
_struct_site.pdbx_auth_ins_code   ? 
_struct_site.pdbx_num_residues    10 
_struct_site.details              'binding site for residue 8O4 A 501' 
# 
loop_
_struct_site_gen.id 
_struct_site_gen.site_id 
_struct_site_gen.pdbx_num_res 
_struct_site_gen.label_comp_id 
_struct_site_gen.label_asym_id 
_struct_site_gen.label_seq_id 
_struct_site_gen.pdbx_auth_ins_code 
_struct_site_gen.auth_comp_id 
_struct_site_gen.auth_asym_id 
_struct_site_gen.auth_seq_id 
_struct_site_gen.label_atom_id 
_struct_site_gen.label_alt_id 
_struct_site_gen.symmetry 
_struct_site_gen.details 
1  AC1 10 TRP A 26 ? TRP A 374 . ? 1_555 ? 
2  AC1 10 PRO A 27 ? PRO A 375 . ? 1_555 ? 
3  AC1 10 PHE A 28 ? PHE A 376 . ? 1_555 ? 
4  AC1 10 PRO A 31 ? PRO A 379 . ? 1_555 ? 
5  AC1 10 VAL A 32 ? VAL A 380 . ? 1_555 ? 
6  AC1 10 ASP A 33 ? ASP A 381 . ? 1_555 ? 
7  AC1 10 LEU A 37 ? LEU A 385 . ? 1_555 ? 
8  AC1 10 ASN A 85 ? ASN A 433 . ? 1_555 ? 
9  AC1 10 HOH C .  ? HOH A 611 . ? 1_555 ? 
10 AC1 10 HOH C .  ? HOH A 676 . ? 1_555 ? 
# 
_pdbx_struct_special_symmetry.id              1 
_pdbx_struct_special_symmetry.PDB_model_num   1 
_pdbx_struct_special_symmetry.auth_asym_id    A 
_pdbx_struct_special_symmetry.auth_comp_id    HOH 
_pdbx_struct_special_symmetry.auth_seq_id     703 
_pdbx_struct_special_symmetry.PDB_ins_code    ? 
_pdbx_struct_special_symmetry.label_asym_id   C 
_pdbx_struct_special_symmetry.label_comp_id   HOH 
_pdbx_struct_special_symmetry.label_seq_id    . 
# 
_pdbx_distant_solvent_atoms.id                                1 
_pdbx_distant_solvent_atoms.PDB_model_num                     1 
_pdbx_distant_solvent_atoms.auth_atom_id                      O 
_pdbx_distant_solvent_atoms.label_alt_id                      ? 
_pdbx_distant_solvent_atoms.auth_asym_id                      A 
_pdbx_distant_solvent_atoms.auth_comp_id                      HOH 
_pdbx_distant_solvent_atoms.auth_seq_id                       800 
_pdbx_distant_solvent_atoms.PDB_ins_code                      ? 
_pdbx_distant_solvent_atoms.neighbor_macromolecule_distance   5.96 
_pdbx_distant_solvent_atoms.neighbor_ligand_distance          . 
# 
loop_
_pdbx_unobs_or_zero_occ_residues.id 
_pdbx_unobs_or_zero_occ_residues.PDB_model_num 
_pdbx_unobs_or_zero_occ_residues.polymer_flag 
_pdbx_unobs_or_zero_occ_residues.occupancy_flag 
_pdbx_unobs_or_zero_occ_residues.auth_asym_id 
_pdbx_unobs_or_zero_occ_residues.auth_comp_id 
_pdbx_unobs_or_zero_occ_residues.auth_seq_id 
_pdbx_unobs_or_zero_occ_residues.PDB_ins_code 
_pdbx_unobs_or_zero_occ_residues.label_asym_id 
_pdbx_unobs_or_zero_occ_residues.label_comp_id 
_pdbx_unobs_or_zero_occ_residues.label_seq_id 
1 1 Y 1 A SER 349 ? A SER 1 
2 1 Y 1 A HIS 350 ? A HIS 2 
# 
loop_
_chem_comp_atom.comp_id 
_chem_comp_atom.atom_id 
_chem_comp_atom.type_symbol 
_chem_comp_atom.pdbx_aromatic_flag 
_chem_comp_atom.pdbx_stereo_config 
_chem_comp_atom.pdbx_ordinal 
8O4 C4   C Y N 1   
8O4 C5   C Y N 2   
8O4 C6   C Y N 3   
8O4 C7   C Y N 4   
8O4 C8   C Y N 5   
8O4 C10  C Y N 6   
8O4 C13  C N N 7   
8O4 C15  C N N 8   
8O4 C17  C N N 9   
8O4 C20  C N N 10  
8O4 C21  C N N 11  
8O4 C1   C Y N 12  
8O4 C2   C Y N 13  
8O4 C3   C Y N 14  
8O4 C9   C Y N 15  
8O4 C11  C N N 16  
8O4 C12  C N N 17  
8O4 C14  C N N 18  
8O4 C16  C N N 19  
8O4 C18  C N N 20  
8O4 C19  C N N 21  
8O4 N22  N Y N 22  
8O4 N23  N N N 23  
8O4 N24  N N N 24  
8O4 O25  O N N 25  
8O4 O26  O N N 26  
8O4 O27  O N N 27  
8O4 S28  S N N 28  
8O4 H4   H N N 29  
8O4 H151 H N N 30  
8O4 H152 H N N 31  
8O4 H17  H N N 32  
8O4 H211 H N N 33  
8O4 H212 H N N 34  
8O4 H1   H N N 35  
8O4 H2   H N N 36  
8O4 H3   H N N 37  
8O4 H11  H N N 38  
8O4 H142 H N N 39  
8O4 H141 H N N 40  
8O4 H162 H N N 41  
8O4 H161 H N N 42  
8O4 H183 H N N 43  
8O4 H181 H N N 44  
8O4 H182 H N N 45  
8O4 H22  H N N 46  
8O4 H7   H N N 47  
8O4 H8   H N N 48  
8O4 H9   H N N 49  
8O4 H10  H N N 50  
8O4 H12  H N N 51  
ALA N    N N N 52  
ALA CA   C N S 53  
ALA C    C N N 54  
ALA O    O N N 55  
ALA CB   C N N 56  
ALA OXT  O N N 57  
ALA H    H N N 58  
ALA H2   H N N 59  
ALA HA   H N N 60  
ALA HB1  H N N 61  
ALA HB2  H N N 62  
ALA HB3  H N N 63  
ALA HXT  H N N 64  
ARG N    N N N 65  
ARG CA   C N S 66  
ARG C    C N N 67  
ARG O    O N N 68  
ARG CB   C N N 69  
ARG CG   C N N 70  
ARG CD   C N N 71  
ARG NE   N N N 72  
ARG CZ   C N N 73  
ARG NH1  N N N 74  
ARG NH2  N N N 75  
ARG OXT  O N N 76  
ARG H    H N N 77  
ARG H2   H N N 78  
ARG HA   H N N 79  
ARG HB2  H N N 80  
ARG HB3  H N N 81  
ARG HG2  H N N 82  
ARG HG3  H N N 83  
ARG HD2  H N N 84  
ARG HD3  H N N 85  
ARG HE   H N N 86  
ARG HH11 H N N 87  
ARG HH12 H N N 88  
ARG HH21 H N N 89  
ARG HH22 H N N 90  
ARG HXT  H N N 91  
ASN N    N N N 92  
ASN CA   C N S 93  
ASN C    C N N 94  
ASN O    O N N 95  
ASN CB   C N N 96  
ASN CG   C N N 97  
ASN OD1  O N N 98  
ASN ND2  N N N 99  
ASN OXT  O N N 100 
ASN H    H N N 101 
ASN H2   H N N 102 
ASN HA   H N N 103 
ASN HB2  H N N 104 
ASN HB3  H N N 105 
ASN HD21 H N N 106 
ASN HD22 H N N 107 
ASN HXT  H N N 108 
ASP N    N N N 109 
ASP CA   C N S 110 
ASP C    C N N 111 
ASP O    O N N 112 
ASP CB   C N N 113 
ASP CG   C N N 114 
ASP OD1  O N N 115 
ASP OD2  O N N 116 
ASP OXT  O N N 117 
ASP H    H N N 118 
ASP H2   H N N 119 
ASP HA   H N N 120 
ASP HB2  H N N 121 
ASP HB3  H N N 122 
ASP HD2  H N N 123 
ASP HXT  H N N 124 
CYS N    N N N 125 
CYS CA   C N R 126 
CYS C    C N N 127 
CYS O    O N N 128 
CYS CB   C N N 129 
CYS SG   S N N 130 
CYS OXT  O N N 131 
CYS H    H N N 132 
CYS H2   H N N 133 
CYS HA   H N N 134 
CYS HB2  H N N 135 
CYS HB3  H N N 136 
CYS HG   H N N 137 
CYS HXT  H N N 138 
GLN N    N N N 139 
GLN CA   C N S 140 
GLN C    C N N 141 
GLN O    O N N 142 
GLN CB   C N N 143 
GLN CG   C N N 144 
GLN CD   C N N 145 
GLN OE1  O N N 146 
GLN NE2  N N N 147 
GLN OXT  O N N 148 
GLN H    H N N 149 
GLN H2   H N N 150 
GLN HA   H N N 151 
GLN HB2  H N N 152 
GLN HB3  H N N 153 
GLN HG2  H N N 154 
GLN HG3  H N N 155 
GLN HE21 H N N 156 
GLN HE22 H N N 157 
GLN HXT  H N N 158 
GLU N    N N N 159 
GLU CA   C N S 160 
GLU C    C N N 161 
GLU O    O N N 162 
GLU CB   C N N 163 
GLU CG   C N N 164 
GLU CD   C N N 165 
GLU OE1  O N N 166 
GLU OE2  O N N 167 
GLU OXT  O N N 168 
GLU H    H N N 169 
GLU H2   H N N 170 
GLU HA   H N N 171 
GLU HB2  H N N 172 
GLU HB3  H N N 173 
GLU HG2  H N N 174 
GLU HG3  H N N 175 
GLU HE2  H N N 176 
GLU HXT  H N N 177 
GLY N    N N N 178 
GLY CA   C N N 179 
GLY C    C N N 180 
GLY O    O N N 181 
GLY OXT  O N N 182 
GLY H    H N N 183 
GLY H2   H N N 184 
GLY HA2  H N N 185 
GLY HA3  H N N 186 
GLY HXT  H N N 187 
HIS N    N N N 188 
HIS CA   C N S 189 
HIS C    C N N 190 
HIS O    O N N 191 
HIS CB   C N N 192 
HIS CG   C Y N 193 
HIS ND1  N Y N 194 
HIS CD2  C Y N 195 
HIS CE1  C Y N 196 
HIS NE2  N Y N 197 
HIS OXT  O N N 198 
HIS H    H N N 199 
HIS H2   H N N 200 
HIS HA   H N N 201 
HIS HB2  H N N 202 
HIS HB3  H N N 203 
HIS HD1  H N N 204 
HIS HD2  H N N 205 
HIS HE1  H N N 206 
HIS HE2  H N N 207 
HIS HXT  H N N 208 
HOH O    O N N 209 
HOH H1   H N N 210 
HOH H2   H N N 211 
ILE N    N N N 212 
ILE CA   C N S 213 
ILE C    C N N 214 
ILE O    O N N 215 
ILE CB   C N S 216 
ILE CG1  C N N 217 
ILE CG2  C N N 218 
ILE CD1  C N N 219 
ILE OXT  O N N 220 
ILE H    H N N 221 
ILE H2   H N N 222 
ILE HA   H N N 223 
ILE HB   H N N 224 
ILE HG12 H N N 225 
ILE HG13 H N N 226 
ILE HG21 H N N 227 
ILE HG22 H N N 228 
ILE HG23 H N N 229 
ILE HD11 H N N 230 
ILE HD12 H N N 231 
ILE HD13 H N N 232 
ILE HXT  H N N 233 
LEU N    N N N 234 
LEU CA   C N S 235 
LEU C    C N N 236 
LEU O    O N N 237 
LEU CB   C N N 238 
LEU CG   C N N 239 
LEU CD1  C N N 240 
LEU CD2  C N N 241 
LEU OXT  O N N 242 
LEU H    H N N 243 
LEU H2   H N N 244 
LEU HA   H N N 245 
LEU HB2  H N N 246 
LEU HB3  H N N 247 
LEU HG   H N N 248 
LEU HD11 H N N 249 
LEU HD12 H N N 250 
LEU HD13 H N N 251 
LEU HD21 H N N 252 
LEU HD22 H N N 253 
LEU HD23 H N N 254 
LEU HXT  H N N 255 
LYS N    N N N 256 
LYS CA   C N S 257 
LYS C    C N N 258 
LYS O    O N N 259 
LYS CB   C N N 260 
LYS CG   C N N 261 
LYS CD   C N N 262 
LYS CE   C N N 263 
LYS NZ   N N N 264 
LYS OXT  O N N 265 
LYS H    H N N 266 
LYS H2   H N N 267 
LYS HA   H N N 268 
LYS HB2  H N N 269 
LYS HB3  H N N 270 
LYS HG2  H N N 271 
LYS HG3  H N N 272 
LYS HD2  H N N 273 
LYS HD3  H N N 274 
LYS HE2  H N N 275 
LYS HE3  H N N 276 
LYS HZ1  H N N 277 
LYS HZ2  H N N 278 
LYS HZ3  H N N 279 
LYS HXT  H N N 280 
MET N    N N N 281 
MET CA   C N S 282 
MET C    C N N 283 
MET O    O N N 284 
MET CB   C N N 285 
MET CG   C N N 286 
MET SD   S N N 287 
MET CE   C N N 288 
MET OXT  O N N 289 
MET H    H N N 290 
MET H2   H N N 291 
MET HA   H N N 292 
MET HB2  H N N 293 
MET HB3  H N N 294 
MET HG2  H N N 295 
MET HG3  H N N 296 
MET HE1  H N N 297 
MET HE2  H N N 298 
MET HE3  H N N 299 
MET HXT  H N N 300 
PHE N    N N N 301 
PHE CA   C N S 302 
PHE C    C N N 303 
PHE O    O N N 304 
PHE CB   C N N 305 
PHE CG   C Y N 306 
PHE CD1  C Y N 307 
PHE CD2  C Y N 308 
PHE CE1  C Y N 309 
PHE CE2  C Y N 310 
PHE CZ   C Y N 311 
PHE OXT  O N N 312 
PHE H    H N N 313 
PHE H2   H N N 314 
PHE HA   H N N 315 
PHE HB2  H N N 316 
PHE HB3  H N N 317 
PHE HD1  H N N 318 
PHE HD2  H N N 319 
PHE HE1  H N N 320 
PHE HE2  H N N 321 
PHE HZ   H N N 322 
PHE HXT  H N N 323 
PRO N    N N N 324 
PRO CA   C N S 325 
PRO C    C N N 326 
PRO O    O N N 327 
PRO CB   C N N 328 
PRO CG   C N N 329 
PRO CD   C N N 330 
PRO OXT  O N N 331 
PRO H    H N N 332 
PRO HA   H N N 333 
PRO HB2  H N N 334 
PRO HB3  H N N 335 
PRO HG2  H N N 336 
PRO HG3  H N N 337 
PRO HD2  H N N 338 
PRO HD3  H N N 339 
PRO HXT  H N N 340 
SER N    N N N 341 
SER CA   C N S 342 
SER C    C N N 343 
SER O    O N N 344 
SER CB   C N N 345 
SER OG   O N N 346 
SER OXT  O N N 347 
SER H    H N N 348 
SER H2   H N N 349 
SER HA   H N N 350 
SER HB2  H N N 351 
SER HB3  H N N 352 
SER HG   H N N 353 
SER HXT  H N N 354 
THR N    N N N 355 
THR CA   C N S 356 
THR C    C N N 357 
THR O    O N N 358 
THR CB   C N R 359 
THR OG1  O N N 360 
THR CG2  C N N 361 
THR OXT  O N N 362 
THR H    H N N 363 
THR H2   H N N 364 
THR HA   H N N 365 
THR HB   H N N 366 
THR HG1  H N N 367 
THR HG21 H N N 368 
THR HG22 H N N 369 
THR HG23 H N N 370 
THR HXT  H N N 371 
TRP N    N N N 372 
TRP CA   C N S 373 
TRP C    C N N 374 
TRP O    O N N 375 
TRP CB   C N N 376 
TRP CG   C Y N 377 
TRP CD1  C Y N 378 
TRP CD2  C Y N 379 
TRP NE1  N Y N 380 
TRP CE2  C Y N 381 
TRP CE3  C Y N 382 
TRP CZ2  C Y N 383 
TRP CZ3  C Y N 384 
TRP CH2  C Y N 385 
TRP OXT  O N N 386 
TRP H    H N N 387 
TRP H2   H N N 388 
TRP HA   H N N 389 
TRP HB2  H N N 390 
TRP HB3  H N N 391 
TRP HD1  H N N 392 
TRP HE1  H N N 393 
TRP HE3  H N N 394 
TRP HZ2  H N N 395 
TRP HZ3  H N N 396 
TRP HH2  H N N 397 
TRP HXT  H N N 398 
TYR N    N N N 399 
TYR CA   C N S 400 
TYR C    C N N 401 
TYR O    O N N 402 
TYR CB   C N N 403 
TYR CG   C Y N 404 
TYR CD1  C Y N 405 
TYR CD2  C Y N 406 
TYR CE1  C Y N 407 
TYR CE2  C Y N 408 
TYR CZ   C Y N 409 
TYR OH   O N N 410 
TYR OXT  O N N 411 
TYR H    H N N 412 
TYR H2   H N N 413 
TYR HA   H N N 414 
TYR HB2  H N N 415 
TYR HB3  H N N 416 
TYR HD1  H N N 417 
TYR HD2  H N N 418 
TYR HE1  H N N 419 
TYR HE2  H N N 420 
TYR HH   H N N 421 
TYR HXT  H N N 422 
VAL N    N N N 423 
VAL CA   C N S 424 
VAL C    C N N 425 
VAL O    O N N 426 
VAL CB   C N N 427 
VAL CG1  C N N 428 
VAL CG2  C N N 429 
VAL OXT  O N N 430 
VAL H    H N N 431 
VAL H2   H N N 432 
VAL HA   H N N 433 
VAL HB   H N N 434 
VAL HG11 H N N 435 
VAL HG12 H N N 436 
VAL HG13 H N N 437 
VAL HG21 H N N 438 
VAL HG22 H N N 439 
VAL HG23 H N N 440 
VAL HXT  H N N 441 
# 
loop_
_chem_comp_bond.comp_id 
_chem_comp_bond.atom_id_1 
_chem_comp_bond.atom_id_2 
_chem_comp_bond.value_order 
_chem_comp_bond.pdbx_aromatic_flag 
_chem_comp_bond.pdbx_stereo_config 
_chem_comp_bond.pdbx_ordinal 
8O4 C4  C7   doub Y N 1   
8O4 C4  N22  sing Y N 2   
8O4 C5  C3   doub Y N 3   
8O4 C5  C9   sing Y N 4   
8O4 C5  C12  sing N N 5   
8O4 C6  C7   sing Y N 6   
8O4 C6  C10  doub Y N 7   
8O4 C6  C12  sing N N 8   
8O4 C7  C14  sing N N 9   
8O4 C8  C20  sing N N 10  
8O4 C8  C1   doub Y N 11  
8O4 C8  C3   sing Y N 12  
8O4 C10 C13  sing N N 13  
8O4 C10 N22  sing Y N 14  
8O4 C13 N24  sing N N 15  
8O4 C13 O25  doub N N 16  
8O4 C15 C17  sing N N 17  
8O4 C15 C16  sing N N 18  
8O4 C17 C21  sing N N 19  
8O4 C17 C16  sing N N 20  
8O4 C20 S28  sing N N 21  
8O4 C21 N23  sing N N 22  
8O4 C1  C2   sing Y N 23  
8O4 C2  C9   doub Y N 24  
8O4 C9  N23  sing N N 25  
8O4 C11 C12  doub N N 26  
8O4 C11 N24  sing N N 27  
8O4 C14 N23  sing N N 28  
8O4 C18 N24  sing N N 29  
8O4 C19 S28  sing N N 30  
8O4 O26 S28  doub N N 31  
8O4 O27 S28  doub N N 32  
8O4 C4  H4   sing N N 33  
8O4 C15 H151 sing N N 34  
8O4 C15 H152 sing N N 35  
8O4 C17 H17  sing N N 36  
8O4 C21 H211 sing N N 37  
8O4 C21 H212 sing N N 38  
8O4 C1  H1   sing N N 39  
8O4 C2  H2   sing N N 40  
8O4 C3  H3   sing N N 41  
8O4 C11 H11  sing N N 42  
8O4 C14 H142 sing N N 43  
8O4 C14 H141 sing N N 44  
8O4 C16 H162 sing N N 45  
8O4 C16 H161 sing N N 46  
8O4 C18 H183 sing N N 47  
8O4 C18 H181 sing N N 48  
8O4 C18 H182 sing N N 49  
8O4 N22 H22  sing N N 50  
8O4 C20 H7   sing N N 51  
8O4 C20 H8   sing N N 52  
8O4 C19 H9   sing N N 53  
8O4 C19 H10  sing N N 54  
8O4 C19 H12  sing N N 55  
ALA N   CA   sing N N 56  
ALA N   H    sing N N 57  
ALA N   H2   sing N N 58  
ALA CA  C    sing N N 59  
ALA CA  CB   sing N N 60  
ALA CA  HA   sing N N 61  
ALA C   O    doub N N 62  
ALA C   OXT  sing N N 63  
ALA CB  HB1  sing N N 64  
ALA CB  HB2  sing N N 65  
ALA CB  HB3  sing N N 66  
ALA OXT HXT  sing N N 67  
ARG N   CA   sing N N 68  
ARG N   H    sing N N 69  
ARG N   H2   sing N N 70  
ARG CA  C    sing N N 71  
ARG CA  CB   sing N N 72  
ARG CA  HA   sing N N 73  
ARG C   O    doub N N 74  
ARG C   OXT  sing N N 75  
ARG CB  CG   sing N N 76  
ARG CB  HB2  sing N N 77  
ARG CB  HB3  sing N N 78  
ARG CG  CD   sing N N 79  
ARG CG  HG2  sing N N 80  
ARG CG  HG3  sing N N 81  
ARG CD  NE   sing N N 82  
ARG CD  HD2  sing N N 83  
ARG CD  HD3  sing N N 84  
ARG NE  CZ   sing N N 85  
ARG NE  HE   sing N N 86  
ARG CZ  NH1  sing N N 87  
ARG CZ  NH2  doub N N 88  
ARG NH1 HH11 sing N N 89  
ARG NH1 HH12 sing N N 90  
ARG NH2 HH21 sing N N 91  
ARG NH2 HH22 sing N N 92  
ARG OXT HXT  sing N N 93  
ASN N   CA   sing N N 94  
ASN N   H    sing N N 95  
ASN N   H2   sing N N 96  
ASN CA  C    sing N N 97  
ASN CA  CB   sing N N 98  
ASN CA  HA   sing N N 99  
ASN C   O    doub N N 100 
ASN C   OXT  sing N N 101 
ASN CB  CG   sing N N 102 
ASN CB  HB2  sing N N 103 
ASN CB  HB3  sing N N 104 
ASN CG  OD1  doub N N 105 
ASN CG  ND2  sing N N 106 
ASN ND2 HD21 sing N N 107 
ASN ND2 HD22 sing N N 108 
ASN OXT HXT  sing N N 109 
ASP N   CA   sing N N 110 
ASP N   H    sing N N 111 
ASP N   H2   sing N N 112 
ASP CA  C    sing N N 113 
ASP CA  CB   sing N N 114 
ASP CA  HA   sing N N 115 
ASP C   O    doub N N 116 
ASP C   OXT  sing N N 117 
ASP CB  CG   sing N N 118 
ASP CB  HB2  sing N N 119 
ASP CB  HB3  sing N N 120 
ASP CG  OD1  doub N N 121 
ASP CG  OD2  sing N N 122 
ASP OD2 HD2  sing N N 123 
ASP OXT HXT  sing N N 124 
CYS N   CA   sing N N 125 
CYS N   H    sing N N 126 
CYS N   H2   sing N N 127 
CYS CA  C    sing N N 128 
CYS CA  CB   sing N N 129 
CYS CA  HA   sing N N 130 
CYS C   O    doub N N 131 
CYS C   OXT  sing N N 132 
CYS CB  SG   sing N N 133 
CYS CB  HB2  sing N N 134 
CYS CB  HB3  sing N N 135 
CYS SG  HG   sing N N 136 
CYS OXT HXT  sing N N 137 
GLN N   CA   sing N N 138 
GLN N   H    sing N N 139 
GLN N   H2   sing N N 140 
GLN CA  C    sing N N 141 
GLN CA  CB   sing N N 142 
GLN CA  HA   sing N N 143 
GLN C   O    doub N N 144 
GLN C   OXT  sing N N 145 
GLN CB  CG   sing N N 146 
GLN CB  HB2  sing N N 147 
GLN CB  HB3  sing N N 148 
GLN CG  CD   sing N N 149 
GLN CG  HG2  sing N N 150 
GLN CG  HG3  sing N N 151 
GLN CD  OE1  doub N N 152 
GLN CD  NE2  sing N N 153 
GLN NE2 HE21 sing N N 154 
GLN NE2 HE22 sing N N 155 
GLN OXT HXT  sing N N 156 
GLU N   CA   sing N N 157 
GLU N   H    sing N N 158 
GLU N   H2   sing N N 159 
GLU CA  C    sing N N 160 
GLU CA  CB   sing N N 161 
GLU CA  HA   sing N N 162 
GLU C   O    doub N N 163 
GLU C   OXT  sing N N 164 
GLU CB  CG   sing N N 165 
GLU CB  HB2  sing N N 166 
GLU CB  HB3  sing N N 167 
GLU CG  CD   sing N N 168 
GLU CG  HG2  sing N N 169 
GLU CG  HG3  sing N N 170 
GLU CD  OE1  doub N N 171 
GLU CD  OE2  sing N N 172 
GLU OE2 HE2  sing N N 173 
GLU OXT HXT  sing N N 174 
GLY N   CA   sing N N 175 
GLY N   H    sing N N 176 
GLY N   H2   sing N N 177 
GLY CA  C    sing N N 178 
GLY CA  HA2  sing N N 179 
GLY CA  HA3  sing N N 180 
GLY C   O    doub N N 181 
GLY C   OXT  sing N N 182 
GLY OXT HXT  sing N N 183 
HIS N   CA   sing N N 184 
HIS N   H    sing N N 185 
HIS N   H2   sing N N 186 
HIS CA  C    sing N N 187 
HIS CA  CB   sing N N 188 
HIS CA  HA   sing N N 189 
HIS C   O    doub N N 190 
HIS C   OXT  sing N N 191 
HIS CB  CG   sing N N 192 
HIS CB  HB2  sing N N 193 
HIS CB  HB3  sing N N 194 
HIS CG  ND1  sing Y N 195 
HIS CG  CD2  doub Y N 196 
HIS ND1 CE1  doub Y N 197 
HIS ND1 HD1  sing N N 198 
HIS CD2 NE2  sing Y N 199 
HIS CD2 HD2  sing N N 200 
HIS CE1 NE2  sing Y N 201 
HIS CE1 HE1  sing N N 202 
HIS NE2 HE2  sing N N 203 
HIS OXT HXT  sing N N 204 
HOH O   H1   sing N N 205 
HOH O   H2   sing N N 206 
ILE N   CA   sing N N 207 
ILE N   H    sing N N 208 
ILE N   H2   sing N N 209 
ILE CA  C    sing N N 210 
ILE CA  CB   sing N N 211 
ILE CA  HA   sing N N 212 
ILE C   O    doub N N 213 
ILE C   OXT  sing N N 214 
ILE CB  CG1  sing N N 215 
ILE CB  CG2  sing N N 216 
ILE CB  HB   sing N N 217 
ILE CG1 CD1  sing N N 218 
ILE CG1 HG12 sing N N 219 
ILE CG1 HG13 sing N N 220 
ILE CG2 HG21 sing N N 221 
ILE CG2 HG22 sing N N 222 
ILE CG2 HG23 sing N N 223 
ILE CD1 HD11 sing N N 224 
ILE CD1 HD12 sing N N 225 
ILE CD1 HD13 sing N N 226 
ILE OXT HXT  sing N N 227 
LEU N   CA   sing N N 228 
LEU N   H    sing N N 229 
LEU N   H2   sing N N 230 
LEU CA  C    sing N N 231 
LEU CA  CB   sing N N 232 
LEU CA  HA   sing N N 233 
LEU C   O    doub N N 234 
LEU C   OXT  sing N N 235 
LEU CB  CG   sing N N 236 
LEU CB  HB2  sing N N 237 
LEU CB  HB3  sing N N 238 
LEU CG  CD1  sing N N 239 
LEU CG  CD2  sing N N 240 
LEU CG  HG   sing N N 241 
LEU CD1 HD11 sing N N 242 
LEU CD1 HD12 sing N N 243 
LEU CD1 HD13 sing N N 244 
LEU CD2 HD21 sing N N 245 
LEU CD2 HD22 sing N N 246 
LEU CD2 HD23 sing N N 247 
LEU OXT HXT  sing N N 248 
LYS N   CA   sing N N 249 
LYS N   H    sing N N 250 
LYS N   H2   sing N N 251 
LYS CA  C    sing N N 252 
LYS CA  CB   sing N N 253 
LYS CA  HA   sing N N 254 
LYS C   O    doub N N 255 
LYS C   OXT  sing N N 256 
LYS CB  CG   sing N N 257 
LYS CB  HB2  sing N N 258 
LYS CB  HB3  sing N N 259 
LYS CG  CD   sing N N 260 
LYS CG  HG2  sing N N 261 
LYS CG  HG3  sing N N 262 
LYS CD  CE   sing N N 263 
LYS CD  HD2  sing N N 264 
LYS CD  HD3  sing N N 265 
LYS CE  NZ   sing N N 266 
LYS CE  HE2  sing N N 267 
LYS CE  HE3  sing N N 268 
LYS NZ  HZ1  sing N N 269 
LYS NZ  HZ2  sing N N 270 
LYS NZ  HZ3  sing N N 271 
LYS OXT HXT  sing N N 272 
MET N   CA   sing N N 273 
MET N   H    sing N N 274 
MET N   H2   sing N N 275 
MET CA  C    sing N N 276 
MET CA  CB   sing N N 277 
MET CA  HA   sing N N 278 
MET C   O    doub N N 279 
MET C   OXT  sing N N 280 
MET CB  CG   sing N N 281 
MET CB  HB2  sing N N 282 
MET CB  HB3  sing N N 283 
MET CG  SD   sing N N 284 
MET CG  HG2  sing N N 285 
MET CG  HG3  sing N N 286 
MET SD  CE   sing N N 287 
MET CE  HE1  sing N N 288 
MET CE  HE2  sing N N 289 
MET CE  HE3  sing N N 290 
MET OXT HXT  sing N N 291 
PHE N   CA   sing N N 292 
PHE N   H    sing N N 293 
PHE N   H2   sing N N 294 
PHE CA  C    sing N N 295 
PHE CA  CB   sing N N 296 
PHE CA  HA   sing N N 297 
PHE C   O    doub N N 298 
PHE C   OXT  sing N N 299 
PHE CB  CG   sing N N 300 
PHE CB  HB2  sing N N 301 
PHE CB  HB3  sing N N 302 
PHE CG  CD1  doub Y N 303 
PHE CG  CD2  sing Y N 304 
PHE CD1 CE1  sing Y N 305 
PHE CD1 HD1  sing N N 306 
PHE CD2 CE2  doub Y N 307 
PHE CD2 HD2  sing N N 308 
PHE CE1 CZ   doub Y N 309 
PHE CE1 HE1  sing N N 310 
PHE CE2 CZ   sing Y N 311 
PHE CE2 HE2  sing N N 312 
PHE CZ  HZ   sing N N 313 
PHE OXT HXT  sing N N 314 
PRO N   CA   sing N N 315 
PRO N   CD   sing N N 316 
PRO N   H    sing N N 317 
PRO CA  C    sing N N 318 
PRO CA  CB   sing N N 319 
PRO CA  HA   sing N N 320 
PRO C   O    doub N N 321 
PRO C   OXT  sing N N 322 
PRO CB  CG   sing N N 323 
PRO CB  HB2  sing N N 324 
PRO CB  HB3  sing N N 325 
PRO CG  CD   sing N N 326 
PRO CG  HG2  sing N N 327 
PRO CG  HG3  sing N N 328 
PRO CD  HD2  sing N N 329 
PRO CD  HD3  sing N N 330 
PRO OXT HXT  sing N N 331 
SER N   CA   sing N N 332 
SER N   H    sing N N 333 
SER N   H2   sing N N 334 
SER CA  C    sing N N 335 
SER CA  CB   sing N N 336 
SER CA  HA   sing N N 337 
SER C   O    doub N N 338 
SER C   OXT  sing N N 339 
SER CB  OG   sing N N 340 
SER CB  HB2  sing N N 341 
SER CB  HB3  sing N N 342 
SER OG  HG   sing N N 343 
SER OXT HXT  sing N N 344 
THR N   CA   sing N N 345 
THR N   H    sing N N 346 
THR N   H2   sing N N 347 
THR CA  C    sing N N 348 
THR CA  CB   sing N N 349 
THR CA  HA   sing N N 350 
THR C   O    doub N N 351 
THR C   OXT  sing N N 352 
THR CB  OG1  sing N N 353 
THR CB  CG2  sing N N 354 
THR CB  HB   sing N N 355 
THR OG1 HG1  sing N N 356 
THR CG2 HG21 sing N N 357 
THR CG2 HG22 sing N N 358 
THR CG2 HG23 sing N N 359 
THR OXT HXT  sing N N 360 
TRP N   CA   sing N N 361 
TRP N   H    sing N N 362 
TRP N   H2   sing N N 363 
TRP CA  C    sing N N 364 
TRP CA  CB   sing N N 365 
TRP CA  HA   sing N N 366 
TRP C   O    doub N N 367 
TRP C   OXT  sing N N 368 
TRP CB  CG   sing N N 369 
TRP CB  HB2  sing N N 370 
TRP CB  HB3  sing N N 371 
TRP CG  CD1  doub Y N 372 
TRP CG  CD2  sing Y N 373 
TRP CD1 NE1  sing Y N 374 
TRP CD1 HD1  sing N N 375 
TRP CD2 CE2  doub Y N 376 
TRP CD2 CE3  sing Y N 377 
TRP NE1 CE2  sing Y N 378 
TRP NE1 HE1  sing N N 379 
TRP CE2 CZ2  sing Y N 380 
TRP CE3 CZ3  doub Y N 381 
TRP CE3 HE3  sing N N 382 
TRP CZ2 CH2  doub Y N 383 
TRP CZ2 HZ2  sing N N 384 
TRP CZ3 CH2  sing Y N 385 
TRP CZ3 HZ3  sing N N 386 
TRP CH2 HH2  sing N N 387 
TRP OXT HXT  sing N N 388 
TYR N   CA   sing N N 389 
TYR N   H    sing N N 390 
TYR N   H2   sing N N 391 
TYR CA  C    sing N N 392 
TYR CA  CB   sing N N 393 
TYR CA  HA   sing N N 394 
TYR C   O    doub N N 395 
TYR C   OXT  sing N N 396 
TYR CB  CG   sing N N 397 
TYR CB  HB2  sing N N 398 
TYR CB  HB3  sing N N 399 
TYR CG  CD1  doub Y N 400 
TYR CG  CD2  sing Y N 401 
TYR CD1 CE1  sing Y N 402 
TYR CD1 HD1  sing N N 403 
TYR CD2 CE2  doub Y N 404 
TYR CD2 HD2  sing N N 405 
TYR CE1 CZ   doub Y N 406 
TYR CE1 HE1  sing N N 407 
TYR CE2 CZ   sing Y N 408 
TYR CE2 HE2  sing N N 409 
TYR CZ  OH   sing N N 410 
TYR OH  HH   sing N N 411 
TYR OXT HXT  sing N N 412 
VAL N   CA   sing N N 413 
VAL N   H    sing N N 414 
VAL N   H2   sing N N 415 
VAL CA  C    sing N N 416 
VAL CA  CB   sing N N 417 
VAL CA  HA   sing N N 418 
VAL C   O    doub N N 419 
VAL C   OXT  sing N N 420 
VAL CB  CG1  sing N N 421 
VAL CB  CG2  sing N N 422 
VAL CB  HB   sing N N 423 
VAL CG1 HG11 sing N N 424 
VAL CG1 HG12 sing N N 425 
VAL CG1 HG13 sing N N 426 
VAL CG2 HG21 sing N N 427 
VAL CG2 HG22 sing N N 428 
VAL CG2 HG23 sing N N 429 
VAL OXT HXT  sing N N 430 
# 
_atom_sites.entry_id                    5UVU 
_atom_sites.fract_transf_matrix[1][1]   -0.00411563 
_atom_sites.fract_transf_matrix[1][2]   0.01019610 
_atom_sites.fract_transf_matrix[1][3]   0.01120114 
_atom_sites.fract_transf_matrix[2][1]   -0.00427729 
_atom_sites.fract_transf_matrix[2][2]   -0.01073996 
_atom_sites.fract_transf_matrix[2][3]   0.00820470 
_atom_sites.fract_transf_matrix[3][1]   0.02724127 
_atom_sites.fract_transf_matrix[3][2]   -0.00188900 
_atom_sites.fract_transf_matrix[3][3]   0.01172876 
_atom_sites.fract_transf_vector[1]      0.327555 
_atom_sites.fract_transf_vector[2]      0.001991 
_atom_sites.fract_transf_vector[3]      0.412709 
# 
loop_
_atom_type.symbol 
C 
H 
N 
O 
S 
# 
loop_
_atom_site.group_PDB 
_atom_site.id 
_atom_site.type_symbol 
_atom_site.label_atom_id 
_atom_site.label_alt_id 
_atom_site.label_comp_id 
_atom_site.label_asym_id 
_atom_site.label_entity_id 
_atom_site.label_seq_id 
_atom_site.pdbx_PDB_ins_code 
_atom_site.Cartn_x 
_atom_site.Cartn_y 
_atom_site.Cartn_z 
_atom_site.occupancy 
_atom_site.B_iso_or_equiv 
_atom_site.pdbx_formal_charge 
_atom_site.auth_seq_id 
_atom_site.auth_comp_id 
_atom_site.auth_asym_id 
_atom_site.auth_atom_id 
_atom_site.pdbx_PDB_model_num 
ATOM   1    N N    . MET A 1 3   ? -9.501  13.911  -13.482 1.00 57.05 ? 351 MET A N    1 
ATOM   2    C CA   . MET A 1 3   ? -9.257  14.780  -12.333 1.00 56.78 ? 351 MET A CA   1 
ATOM   3    C C    . MET A 1 3   ? -7.756  15.078  -12.161 1.00 57.79 ? 351 MET A C    1 
ATOM   4    O O    . MET A 1 3   ? -6.919  14.210  -12.429 1.00 56.99 ? 351 MET A O    1 
ATOM   5    C CB   . MET A 1 3   ? -9.873  14.159  -11.053 1.00 59.66 ? 351 MET A CB   1 
ATOM   6    C CG   . MET A 1 3   ? -9.660  14.969  -9.773  1.00 64.16 ? 351 MET A CG   1 
ATOM   7    S SD   . MET A 1 3   ? -10.545 16.552  -9.716  1.00 69.27 ? 351 MET A SD   1 
ATOM   8    C CE   . MET A 1 3   ? -9.518  17.454  -8.565  1.00 65.86 ? 351 MET A CE   1 
ATOM   9    N N    . GLU A 1 4   ? -7.433  16.319  -11.725 1.00 52.31 ? 352 GLU A N    1 
ATOM   10   C CA   . GLU A 1 4   ? -6.076  16.799  -11.438 1.00 51.13 ? 352 GLU A CA   1 
ATOM   11   C C    . GLU A 1 4   ? -5.498  16.008  -10.256 1.00 51.07 ? 352 GLU A C    1 
ATOM   12   O O    . GLU A 1 4   ? -4.334  15.612  -10.293 1.00 50.32 ? 352 GLU A O    1 
ATOM   13   C CB   . GLU A 1 4   ? -6.092  18.301  -11.078 1.00 52.80 ? 352 GLU A CB   1 
ATOM   14   C CG   . GLU A 1 4   ? -6.368  19.238  -12.242 1.00 67.19 ? 352 GLU A CG   1 
ATOM   15   C CD   . GLU A 1 4   ? -6.593  20.683  -11.837 1.00 95.53 ? 352 GLU A CD   1 
ATOM   16   O OE1  . GLU A 1 4   ? -7.767  21.119  -11.818 1.00 95.95 ? 352 GLU A OE1  1 
ATOM   17   O OE2  . GLU A 1 4   ? -5.598  21.379  -11.532 1.00 91.48 ? 352 GLU A OE2  1 
ATOM   18   N N    . GLN A 1 5   ? -6.325  15.777  -9.210  1.00 44.66 ? 353 GLN A N    1 
ATOM   19   C CA   . GLN A 1 5   ? -5.922  15.044  -8.009  1.00 42.94 ? 353 GLN A CA   1 
ATOM   20   C C    . GLN A 1 5   ? -5.640  13.568  -8.283  1.00 42.11 ? 353 GLN A C    1 
ATOM   21   O O    . GLN A 1 5   ? -4.817  12.987  -7.578  1.00 39.99 ? 353 GLN A O    1 
ATOM   22   C CB   . GLN A 1 5   ? -6.926  15.237  -6.869  1.00 44.49 ? 353 GLN A CB   1 
ATOM   23   C CG   . GLN A 1 5   ? -6.682  16.529  -6.091  1.00 64.15 ? 353 GLN A CG   1 
ATOM   24   C CD   . GLN A 1 5   ? -7.743  16.816  -5.058  1.00 84.89 ? 353 GLN A CD   1 
ATOM   25   O OE1  . GLN A 1 5   ? -7.970  16.044  -4.118  1.00 79.21 ? 353 GLN A OE1  1 
ATOM   26   N NE2  . GLN A 1 5   ? -8.389  17.966  -5.185  1.00 79.09 ? 353 GLN A NE2  1 
ATOM   27   N N    . LEU A 1 6   ? -6.278  12.972  -9.322  1.00 36.51 ? 354 LEU A N    1 
ATOM   28   C CA   . LEU A 1 6   ? -6.018  11.579  -9.709  1.00 35.73 ? 354 LEU A CA   1 
ATOM   29   C C    . LEU A 1 6   ? -4.656  11.467  -10.402 1.00 38.39 ? 354 LEU A C    1 
ATOM   30   O O    . LEU A 1 6   ? -4.015  10.416  -10.319 1.00 37.88 ? 354 LEU A O    1 
ATOM   31   C CB   . LEU A 1 6   ? -7.144  10.978  -10.577 1.00 35.65 ? 354 LEU A CB   1 
ATOM   32   C CG   . LEU A 1 6   ? -8.476  10.674  -9.856  1.00 39.25 ? 354 LEU A CG   1 
ATOM   33   C CD1  . LEU A 1 6   ? -9.566  10.349  -10.852 1.00 39.44 ? 354 LEU A CD1  1 
ATOM   34   C CD2  . LEU A 1 6   ? -8.337  9.506   -8.879  1.00 39.67 ? 354 LEU A CD2  1 
ATOM   35   N N    . LYS A 1 7   ? -4.200  12.568  -11.053 1.00 33.83 ? 355 LYS A N    1 
ATOM   36   C CA   . LYS A 1 7   ? -2.877  12.653  -11.690 1.00 33.62 ? 355 LYS A CA   1 
ATOM   37   C C    . LYS A 1 7   ? -1.836  12.739  -10.575 1.00 35.44 ? 355 LYS A C    1 
ATOM   38   O O    . LYS A 1 7   ? -0.748  12.178  -10.716 1.00 35.82 ? 355 LYS A O    1 
ATOM   39   C CB   . LYS A 1 7   ? -2.758  13.887  -12.609 1.00 37.10 ? 355 LYS A CB   1 
ATOM   40   C CG   . LYS A 1 7   ? -3.685  13.892  -13.814 1.00 54.04 ? 355 LYS A CG   1 
ATOM   41   C CD   . LYS A 1 7   ? -3.608  15.234  -14.542 1.00 65.04 ? 355 LYS A CD   1 
ATOM   42   C CE   . LYS A 1 7   ? -4.677  15.380  -15.597 1.00 77.68 ? 355 LYS A CE   1 
ATOM   43   N NZ   . LYS A 1 7   ? -4.594  16.694  -16.285 1.00 87.27 ? 355 LYS A NZ   1 
ATOM   44   N N    . CYS A 1 8   ? -2.184  13.422  -9.448  1.00 30.32 ? 356 CYS A N    1 
ATOM   45   C CA   . CYS A 1 8   ? -1.335  13.531  -8.254  1.00 29.82 ? 356 CYS A CA   1 
ATOM   46   C C    . CYS A 1 8   ? -1.145  12.135  -7.684  1.00 28.53 ? 356 CYS A C    1 
ATOM   47   O O    . CYS A 1 8   ? -0.054  11.815  -7.207  1.00 25.87 ? 356 CYS A O    1 
ATOM   48   C CB   . CYS A 1 8   ? -1.949  14.464  -7.216  1.00 31.93 ? 356 CYS A CB   1 
ATOM   49   S SG   . CYS A 1 8   ? -1.911  16.214  -7.678  1.00 37.31 ? 356 CYS A SG   1 
ATOM   50   N N    . CYS A 1 9   ? -2.210  11.298  -7.755  1.00 23.54 ? 357 CYS A N    1 
ATOM   51   C CA   . CYS A 1 9   ? -2.149  9.911   -7.283  1.00 22.29 ? 357 CYS A CA   1 
ATOM   52   C C    . CYS A 1 9   ? -1.146  9.068   -8.071  1.00 24.18 ? 357 CYS A C    1 
ATOM   53   O O    . CYS A 1 9   ? -0.420  8.284   -7.452  1.00 21.58 ? 357 CYS A O    1 
ATOM   54   C CB   . CYS A 1 9   ? -3.538  9.283   -7.245  1.00 23.15 ? 357 CYS A CB   1 
ATOM   55   S SG   . CYS A 1 9   ? -4.693  10.170  -6.164  1.00 27.51 ? 357 CYS A SG   1 
ATOM   56   N N    . SER A 1 10  ? -1.046  9.275   -9.413  1.00 21.29 ? 358 SER A N    1 
ATOM   57   C CA   . SER A 1 10  ? -0.054  8.583   -10.254 1.00 21.39 ? 358 SER A CA   1 
ATOM   58   C C    . SER A 1 10  ? 1.374   8.906   -9.749  1.00 22.02 ? 358 SER A C    1 
ATOM   59   O O    . SER A 1 10  ? 2.199   7.999   -9.625  1.00 21.88 ? 358 SER A O    1 
ATOM   60   C CB   . SER A 1 10  ? -0.200  8.975   -11.724 1.00 26.50 ? 358 SER A CB   1 
ATOM   61   O OG   . SER A 1 10  ? -1.382  8.420   -12.273 0.50 33.83 ? 358 SER A OG   1 
ATOM   62   N N    . GLY A 1 11  ? 1.611   10.177  -9.424  1.00 18.75 ? 359 GLY A N    1 
ATOM   63   C CA   . GLY A 1 11  ? 2.861   10.677  -8.862  1.00 18.87 ? 359 GLY A CA   1 
ATOM   64   C C    . GLY A 1 11  ? 3.171   10.033  -7.519  1.00 20.57 ? 359 GLY A C    1 
ATOM   65   O O    . GLY A 1 11  ? 4.311   9.610   -7.282  1.00 18.92 ? 359 GLY A O    1 
ATOM   66   N N    . ILE A 1 12  ? 2.143   9.909   -6.643  1.00 16.93 ? 360 ILE A N    1 
ATOM   67   C CA   . ILE A 1 12  ? 2.302   9.235   -5.335  1.00 16.73 ? 360 ILE A CA   1 
ATOM   68   C C    . ILE A 1 12  ? 2.827   7.802   -5.528  1.00 19.05 ? 360 ILE A C    1 
ATOM   69   O O    . ILE A 1 12  ? 3.782   7.397   -4.851  1.00 18.10 ? 360 ILE A O    1 
ATOM   70   C CB   . ILE A 1 12  ? 0.999   9.286   -4.494  1.00 19.49 ? 360 ILE A CB   1 
ATOM   71   C CG1  . ILE A 1 12  ? 0.738   10.719  -4.004  1.00 20.62 ? 360 ILE A CG1  1 
ATOM   72   C CG2  . ILE A 1 12  ? 1.048   8.284   -3.296  1.00 20.88 ? 360 ILE A CG2  1 
ATOM   73   C CD1  . ILE A 1 12  ? -0.680  11.001  -3.518  1.00 26.52 ? 360 ILE A CD1  1 
ATOM   74   N N    . LEU A 1 13  ? 2.222   7.038   -6.464  1.00 16.55 ? 361 LEU A N    1 
ATOM   75   C CA   . LEU A 1 13  ? 2.659   5.668   -6.745  1.00 17.18 ? 361 LEU A CA   1 
ATOM   76   C C    . LEU A 1 13  ? 4.062   5.617   -7.309  1.00 20.10 ? 361 LEU A C    1 
ATOM   77   O O    . LEU A 1 13  ? 4.833   4.764   -6.871  1.00 20.44 ? 361 LEU A O    1 
ATOM   78   C CB   . LEU A 1 13  ? 1.690   4.935   -7.684  1.00 17.69 ? 361 LEU A CB   1 
ATOM   79   C CG   . LEU A 1 13  ? 0.362   4.549   -7.062  1.00 22.22 ? 361 LEU A CG   1 
ATOM   80   C CD1  . LEU A 1 13  ? -0.531  3.898   -8.112  1.00 23.05 ? 361 LEU A CD1  1 
ATOM   81   C CD2  . LEU A 1 13  ? 0.557   3.597   -5.854  1.00 23.74 ? 361 LEU A CD2  1 
ATOM   82   N N    . LYS A 1 14  ? 4.421   6.537   -8.245  1.00 16.35 ? 362 LYS A N    1 
ATOM   83   C CA   . LYS A 1 14  ? 5.791   6.592   -8.784  1.00 16.83 ? 362 LYS A CA   1 
ATOM   84   C C    . LYS A 1 14  ? 6.800   6.757   -7.633  1.00 19.92 ? 362 LYS A C    1 
ATOM   85   O O    . LYS A 1 14  ? 7.832   6.088   -7.616  1.00 20.14 ? 362 LYS A O    1 
ATOM   86   C CB   . LYS A 1 14  ? 5.952   7.744   -9.783  1.00 18.88 ? 362 LYS A CB   1 
ATOM   87   C CG   . LYS A 1 14  ? 5.334   7.460   -11.145 1.00 27.20 ? 362 LYS A CG   1 
ATOM   88   C CD   . LYS A 1 14  ? 5.662   8.599   -12.107 1.00 32.46 ? 362 LYS A CD   1 
ATOM   89   C CE   . LYS A 1 14  ? 5.261   8.270   -13.527 1.00 49.66 ? 362 LYS A CE   1 
ATOM   90   N NZ   . LYS A 1 14  ? 3.806   8.477   -13.751 1.00 62.18 ? 362 LYS A NZ   1 
ATOM   91   N N    . GLU A 1 15  ? 6.486   7.621   -6.653  1.00 15.94 ? 363 GLU A N    1 
ATOM   92   C CA   . GLU A 1 15  ? 7.385   7.830   -5.505  1.00 14.73 ? 363 GLU A CA   1 
ATOM   93   C C    . GLU A 1 15  ? 7.499   6.582   -4.653  1.00 17.12 ? 363 GLU A C    1 
ATOM   94   O O    . GLU A 1 15  ? 8.610   6.171   -4.322  1.00 17.29 ? 363 GLU A O    1 
ATOM   95   C CB   . GLU A 1 15  ? 6.879   8.996   -4.652  1.00 15.55 ? 363 GLU A CB   1 
ATOM   96   C CG   . GLU A 1 15  ? 7.859   9.415   -3.569  1.00 17.29 ? 363 GLU A CG   1 
ATOM   97   C CD   . GLU A 1 15  ? 7.401   10.608  -2.746  1.00 22.30 ? 363 GLU A CD   1 
ATOM   98   O OE1  . GLU A 1 15  ? 6.178   10.852  -2.676  1.00 22.00 ? 363 GLU A OE1  1 
ATOM   99   O OE2  . GLU A 1 15  ? 8.268   11.301  -2.175  1.00 23.39 ? 363 GLU A OE2  1 
ATOM   100  N N    . MET A 1 16  ? 6.361   5.962   -4.329  1.00 14.05 ? 364 MET A N    1 
ATOM   101  C CA   . MET A 1 16  ? 6.350   4.751   -3.493  1.00 12.99 ? 364 MET A CA   1 
ATOM   102  C C    . MET A 1 16  ? 7.094   3.568   -4.161  1.00 17.21 ? 364 MET A C    1 
ATOM   103  O O    . MET A 1 16  ? 7.664   2.750   -3.445  1.00 17.83 ? 364 MET A O    1 
ATOM   104  C CB   . MET A 1 16  ? 4.915   4.370   -3.102  1.00 14.32 ? 364 MET A CB   1 
ATOM   105  C CG   . MET A 1 16  ? 4.276   5.359   -2.159  1.00 16.31 ? 364 MET A CG   1 
ATOM   106  S SD   . MET A 1 16  ? 2.511   5.029   -1.936  1.00 19.42 ? 364 MET A SD   1 
ATOM   107  C CE   . MET A 1 16  ? 2.569   3.581   -0.862  1.00 17.50 ? 364 MET A CE   1 
ATOM   108  N N    . PHE A 1 17  ? 7.095   3.499   -5.516  1.00 15.39 ? 365 PHE A N    1 
ATOM   109  C CA   . PHE A 1 17  ? 7.791   2.442   -6.280  1.00 14.81 ? 365 PHE A CA   1 
ATOM   110  C C    . PHE A 1 17  ? 9.262   2.765   -6.576  1.00 18.44 ? 365 PHE A C    1 
ATOM   111  O O    . PHE A 1 17  ? 9.963   1.899   -7.120  1.00 18.46 ? 365 PHE A O    1 
ATOM   112  C CB   . PHE A 1 17  ? 7.071   2.156   -7.619  1.00 16.55 ? 365 PHE A CB   1 
ATOM   113  C CG   . PHE A 1 17  ? 5.957   1.143   -7.565  1.00 17.21 ? 365 PHE A CG   1 
ATOM   114  C CD1  . PHE A 1 17  ? 6.230   -0.211  -7.380  1.00 18.38 ? 365 PHE A CD1  1 
ATOM   115  C CD2  . PHE A 1 17  ? 4.636   1.529   -7.774  1.00 19.14 ? 365 PHE A CD2  1 
ATOM   116  C CE1  . PHE A 1 17  ? 5.197   -1.158  -7.387  1.00 18.99 ? 365 PHE A CE1  1 
ATOM   117  C CE2  . PHE A 1 17  ? 3.601   0.581   -7.762  1.00 20.86 ? 365 PHE A CE2  1 
ATOM   118  C CZ   . PHE A 1 17  ? 3.892   -0.752  -7.573  1.00 19.62 ? 365 PHE A CZ   1 
ATOM   119  N N    . ALA A 1 18  ? 9.723   3.994   -6.246  1.00 18.17 ? 366 ALA A N    1 
ATOM   120  C CA   . ALA A 1 18  ? 11.068  4.479   -6.594  1.00 18.60 ? 366 ALA A CA   1 
ATOM   121  C C    . ALA A 1 18  ? 12.191  3.732   -5.876  1.00 21.00 ? 366 ALA A C    1 
ATOM   122  O O    . ALA A 1 18  ? 11.984  3.190   -4.794  1.00 20.17 ? 366 ALA A O    1 
ATOM   123  C CB   . ALA A 1 18  ? 11.179  5.992   -6.384  1.00 19.99 ? 366 ALA A CB   1 
ATOM   124  N N    . LYS A 1 19  ? 13.396  3.739   -6.467  1.00 17.88 ? 367 LYS A N    1 
ATOM   125  C CA   . LYS A 1 19  ? 14.549  3.047   -5.878  1.00 18.48 ? 367 LYS A CA   1 
ATOM   126  C C    . LYS A 1 19  ? 14.907  3.541   -4.462  1.00 20.79 ? 367 LYS A C    1 
ATOM   127  O O    . LYS A 1 19  ? 15.330  2.727   -3.628  1.00 20.46 ? 367 LYS A O    1 
ATOM   128  C CB   . LYS A 1 19  ? 15.768  3.168   -6.803  1.00 20.57 ? 367 LYS A CB   1 
ATOM   129  C CG   . LYS A 1 19  ? 15.638  2.325   -8.069  1.00 33.35 ? 367 LYS A CG   1 
ATOM   130  C CD   . LYS A 1 19  ? 16.784  2.607   -9.035  1.00 44.44 ? 367 LYS A CD   1 
ATOM   131  C CE   . LYS A 1 19  ? 16.593  1.909   -10.359 1.00 59.31 ? 367 LYS A CE   1 
ATOM   132  N NZ   . LYS A 1 19  ? 17.652  2.280   -11.337 1.00 67.06 ? 367 LYS A NZ   1 
ATOM   133  N N    . LYS A 1 20  ? 14.702  4.844   -4.185  1.00 16.70 ? 368 LYS A N    1 
ATOM   134  C CA   . LYS A 1 20  ? 15.027  5.456   -2.883  1.00 17.00 ? 368 LYS A CA   1 
ATOM   135  C C    . LYS A 1 20  ? 14.348  4.705   -1.717  1.00 19.30 ? 368 LYS A C    1 
ATOM   136  O O    . LYS A 1 20  ? 14.950  4.532   -0.651  1.00 20.12 ? 368 LYS A O    1 
ATOM   137  C CB   . LYS A 1 20  ? 14.612  6.953   -2.881  1.00 20.25 ? 368 LYS A CB   1 
ATOM   138  C CG   . LYS A 1 20  ? 14.865  7.673   -1.570  1.00 25.61 ? 368 LYS A CG   1 
ATOM   139  C CD   . LYS A 1 20  ? 14.687  9.175   -1.693  1.00 31.75 ? 368 LYS A CD   1 
ATOM   140  C CE   . LYS A 1 20  ? 14.927  9.818   -0.347  1.00 36.57 ? 368 LYS A CE   1 
ATOM   141  N NZ   . LYS A 1 20  ? 15.161  11.277  -0.468  1.00 45.30 ? 368 LYS A NZ   1 
ATOM   142  N N    . HIS A 1 21  ? 13.120  4.250   -1.940  1.00 15.50 ? 369 HIS A N    1 
ATOM   143  C CA   . HIS A 1 21  ? 12.289  3.581   -0.939  1.00 15.46 ? 369 HIS A CA   1 
ATOM   144  C C    . HIS A 1 21  ? 12.230  2.049   -1.027  1.00 18.41 ? 369 HIS A C    1 
ATOM   145  O O    . HIS A 1 21  ? 11.551  1.437   -0.188  1.00 16.88 ? 369 HIS A O    1 
ATOM   146  C CB   . HIS A 1 21  ? 10.856  4.181   -1.003  1.00 16.15 ? 369 HIS A CB   1 
ATOM   147  C CG   . HIS A 1 21  ? 10.881  5.681   -0.971  1.00 18.21 ? 369 HIS A CG   1 
ATOM   148  N ND1  . HIS A 1 21  ? 11.379  6.367   0.126   1.00 19.18 ? 369 HIS A ND1  1 
ATOM   149  C CD2  . HIS A 1 21  ? 10.569  6.575   -1.940  1.00 19.59 ? 369 HIS A CD2  1 
ATOM   150  C CE1  . HIS A 1 21  ? 11.321  7.649   -0.192  1.00 19.07 ? 369 HIS A CE1  1 
ATOM   151  N NE2  . HIS A 1 21  ? 10.841  7.824   -1.427  1.00 19.51 ? 369 HIS A NE2  1 
ATOM   152  N N    . ALA A 1 22  ? 12.912  1.428   -2.023  1.00 16.13 ? 370 ALA A N    1 
ATOM   153  C CA   . ALA A 1 22  ? 12.832  -0.015  -2.282  1.00 17.25 ? 370 ALA A CA   1 
ATOM   154  C C    . ALA A 1 22  ? 13.192  -0.887  -1.098  1.00 18.58 ? 370 ALA A C    1 
ATOM   155  O O    . ALA A 1 22  ? 12.583  -1.942  -0.936  1.00 18.57 ? 370 ALA A O    1 
ATOM   156  C CB   . ALA A 1 22  ? 13.670  -0.406  -3.497  1.00 18.37 ? 370 ALA A CB   1 
ATOM   157  N N    . ALA A 1 23  ? 14.163  -0.456  -0.265  1.00 16.94 ? 371 ALA A N    1 
ATOM   158  C CA   . ALA A 1 23  ? 14.593  -1.233  0.901   1.00 17.55 ? 371 ALA A CA   1 
ATOM   159  C C    . ALA A 1 23  ? 13.457  -1.588  1.859   1.00 19.10 ? 371 ALA A C    1 
ATOM   160  O O    . ALA A 1 23  ? 13.520  -2.636  2.493   1.00 19.05 ? 371 ALA A O    1 
ATOM   161  C CB   . ALA A 1 23  ? 15.696  -0.505  1.643   1.00 18.53 ? 371 ALA A CB   1 
ATOM   162  N N    . TYR A 1 24  ? 12.429  -0.724  1.971   1.00 16.09 ? 372 TYR A N    1 
ATOM   163  C CA   . TYR A 1 24  ? 11.277  -0.974  2.841   1.00 15.72 ? 372 TYR A CA   1 
ATOM   164  C C    . TYR A 1 24  ? 9.955   -1.134  2.093   1.00 18.63 ? 372 TYR A C    1 
ATOM   165  O O    . TYR A 1 24  ? 9.008   -1.673  2.665   1.00 18.20 ? 372 TYR A O    1 
ATOM   166  C CB   . TYR A 1 24  ? 11.134  0.087   3.966   1.00 17.14 ? 372 TYR A CB   1 
ATOM   167  C CG   . TYR A 1 24  ? 11.351  1.525   3.535   1.00 16.79 ? 372 TYR A CG   1 
ATOM   168  C CD1  . TYR A 1 24  ? 10.277  2.340   3.177   1.00 18.39 ? 372 TYR A CD1  1 
ATOM   169  C CD2  . TYR A 1 24  ? 12.613  2.104   3.597   1.00 17.28 ? 372 TYR A CD2  1 
ATOM   170  C CE1  . TYR A 1 24  ? 10.467  3.684   2.844   1.00 18.17 ? 372 TYR A CE1  1 
ATOM   171  C CE2  . TYR A 1 24  ? 12.823  3.425   3.211   1.00 17.72 ? 372 TYR A CE2  1 
ATOM   172  C CZ   . TYR A 1 24  ? 11.741  4.230   2.897   1.00 19.03 ? 372 TYR A CZ   1 
ATOM   173  O OH   . TYR A 1 24  ? 11.970  5.545   2.584   1.00 19.75 ? 372 TYR A OH   1 
ATOM   174  N N    . ALA A 1 25  ? 9.859   -0.654  0.837   1.00 15.11 ? 373 ALA A N    1 
ATOM   175  C CA   . ALA A 1 25  ? 8.597   -0.759  0.092   1.00 13.45 ? 373 ALA A CA   1 
ATOM   176  C C    . ALA A 1 25  ? 8.358   -2.125  -0.546  1.00 17.52 ? 373 ALA A C    1 
ATOM   177  O O    . ALA A 1 25  ? 7.199   -2.473  -0.824  1.00 17.31 ? 373 ALA A O    1 
ATOM   178  C CB   . ALA A 1 25  ? 8.544   0.325   -0.993  1.00 13.78 ? 373 ALA A CB   1 
ATOM   179  N N    . TRP A 1 26  ? 9.439   -2.894  -0.818  1.00 15.27 ? 374 TRP A N    1 
ATOM   180  C CA   . TRP A 1 26  ? 9.354   -4.126  -1.608  1.00 16.48 ? 374 TRP A CA   1 
ATOM   181  C C    . TRP A 1 26  ? 8.317   -5.167  -1.113  1.00 18.16 ? 374 TRP A C    1 
ATOM   182  O O    . TRP A 1 26  ? 7.698   -5.760  -2.006  1.00 18.47 ? 374 TRP A O    1 
ATOM   183  C CB   . TRP A 1 26  ? 10.724  -4.779  -1.858  1.00 16.59 ? 374 TRP A CB   1 
ATOM   184  C CG   . TRP A 1 26  ? 11.337  -5.434  -0.670  1.00 17.72 ? 374 TRP A CG   1 
ATOM   185  C CD1  . TRP A 1 26  ? 12.223  -4.883  0.208   1.00 20.58 ? 374 TRP A CD1  1 
ATOM   186  C CD2  . TRP A 1 26  ? 11.092  -6.772  -0.215  1.00 17.92 ? 374 TRP A CD2  1 
ATOM   187  N NE1  . TRP A 1 26  ? 12.532  -5.790  1.199   1.00 20.22 ? 374 TRP A NE1  1 
ATOM   188  C CE2  . TRP A 1 26  ? 11.831  -6.950  0.976   1.00 22.05 ? 374 TRP A CE2  1 
ATOM   189  C CE3  . TRP A 1 26  ? 10.309  -7.842  -0.696  1.00 19.77 ? 374 TRP A CE3  1 
ATOM   190  C CZ2  . TRP A 1 26  ? 11.829  -8.163  1.687   1.00 22.02 ? 374 TRP A CZ2  1 
ATOM   191  C CZ3  . TRP A 1 26  ? 10.295  -9.037  0.019   1.00 21.25 ? 374 TRP A CZ3  1 
ATOM   192  C CH2  . TRP A 1 26  ? 11.037  -9.181  1.200   1.00 21.88 ? 374 TRP A CH2  1 
ATOM   193  N N    . PRO A 1 27  ? 8.028   -5.355  0.207   1.00 14.56 ? 375 PRO A N    1 
ATOM   194  C CA   . PRO A 1 27  ? 7.005   -6.350  0.606   1.00 15.28 ? 375 PRO A CA   1 
ATOM   195  C C    . PRO A 1 27  ? 5.573   -5.924  0.255   1.00 18.72 ? 375 PRO A C    1 
ATOM   196  O O    . PRO A 1 27  ? 4.648   -6.727  0.410   1.00 19.88 ? 375 PRO A O    1 
ATOM   197  C CB   . PRO A 1 27  ? 7.153   -6.421  2.130   1.00 16.91 ? 375 PRO A CB   1 
ATOM   198  C CG   . PRO A 1 27  ? 8.520   -5.888  2.412   1.00 19.57 ? 375 PRO A CG   1 
ATOM   199  C CD   . PRO A 1 27  ? 8.686   -4.794  1.412   1.00 15.56 ? 375 PRO A CD   1 
ATOM   200  N N    . PHE A 1 28  ? 5.393   -4.680  -0.215  1.00 15.21 ? 376 PHE A N    1 
ATOM   201  C CA   . PHE A 1 28  ? 4.081   -4.092  -0.555  1.00 14.59 ? 376 PHE A CA   1 
ATOM   202  C C    . PHE A 1 28  ? 3.849   -3.960  -2.055  1.00 19.36 ? 376 PHE A C    1 
ATOM   203  O O    . PHE A 1 28  ? 2.766   -3.537  -2.469  1.00 17.77 ? 376 PHE A O    1 
ATOM   204  C CB   . PHE A 1 28  ? 3.918   -2.725  0.165   1.00 15.35 ? 376 PHE A CB   1 
ATOM   205  C CG   . PHE A 1 28  ? 4.198   -2.852  1.638   1.00 15.89 ? 376 PHE A CG   1 
ATOM   206  C CD1  . PHE A 1 28  ? 3.224   -3.339  2.511   1.00 17.18 ? 376 PHE A CD1  1 
ATOM   207  C CD2  . PHE A 1 28  ? 5.446   -2.517  2.158   1.00 16.50 ? 376 PHE A CD2  1 
ATOM   208  C CE1  . PHE A 1 28  ? 3.499   -3.504  3.876   1.00 18.23 ? 376 PHE A CE1  1 
ATOM   209  C CE2  . PHE A 1 28  ? 5.721   -2.691  3.523   1.00 18.72 ? 376 PHE A CE2  1 
ATOM   210  C CZ   . PHE A 1 28  ? 4.752   -3.199  4.367   1.00 17.83 ? 376 PHE A CZ   1 
ATOM   211  N N    . TYR A 1 29  ? 4.851   -4.342  -2.878  1.00 16.26 ? 377 TYR A N    1 
ATOM   212  C CA   . TYR A 1 29  ? 4.743   -4.194  -4.325  1.00 16.27 ? 377 TYR A CA   1 
ATOM   213  C C    . TYR A 1 29  ? 3.657   -5.029  -4.943  1.00 20.07 ? 377 TYR A C    1 
ATOM   214  O O    . TYR A 1 29  ? 2.992   -4.553  -5.855  1.00 21.04 ? 377 TYR A O    1 
ATOM   215  C CB   . TYR A 1 29  ? 6.061   -4.544  -5.020  1.00 16.64 ? 377 TYR A CB   1 
ATOM   216  C CG   . TYR A 1 29  ? 7.223   -3.584  -4.879  1.00 16.87 ? 377 TYR A CG   1 
ATOM   217  C CD1  . TYR A 1 29  ? 7.044   -2.297  -4.363  1.00 18.07 ? 377 TYR A CD1  1 
ATOM   218  C CD2  . TYR A 1 29  ? 8.488   -3.929  -5.346  1.00 18.18 ? 377 TYR A CD2  1 
ATOM   219  C CE1  . TYR A 1 29  ? 8.111   -1.390  -4.295  1.00 17.37 ? 377 TYR A CE1  1 
ATOM   220  C CE2  . TYR A 1 29  ? 9.560   -3.046  -5.255  1.00 18.61 ? 377 TYR A CE2  1 
ATOM   221  C CZ   . TYR A 1 29  ? 9.372   -1.786  -4.721  1.00 22.36 ? 377 TYR A CZ   1 
ATOM   222  O OH   . TYR A 1 29  ? 10.446  -0.928  -4.687  1.00 19.84 ? 377 TYR A OH   1 
ATOM   223  N N    . LYS A 1 30  ? 3.486   -6.273  -4.471  1.00 17.22 ? 378 LYS A N    1 
ATOM   224  C CA   . LYS A 1 30  ? 2.533   -7.224  -5.060  1.00 17.44 ? 378 LYS A CA   1 
ATOM   225  C C    . LYS A 1 30  ? 1.669   -7.873  -3.966  1.00 20.13 ? 378 LYS A C    1 
ATOM   226  O O    . LYS A 1 30  ? 2.018   -7.782  -2.782  1.00 18.96 ? 378 LYS A O    1 
ATOM   227  C CB   . LYS A 1 30  ? 3.325   -8.313  -5.821  1.00 20.71 ? 378 LYS A CB   1 
ATOM   228  C CG   . LYS A 1 30  ? 4.105   -7.781  -7.026  1.00 31.27 ? 378 LYS A CG   1 
ATOM   229  C CD   . LYS A 1 30  ? 3.908   -8.613  -8.283  1.00 44.81 ? 378 LYS A CD   1 
ATOM   230  C CE   . LYS A 1 30  ? 4.532   -7.954  -9.500  1.00 56.13 ? 378 LYS A CE   1 
ATOM   231  N NZ   . LYS A 1 30  ? 3.804   -6.720  -9.924  1.00 61.51 ? 378 LYS A NZ   1 
ATOM   232  N N    . PRO A 1 31  ? 0.532   -8.519  -4.319  1.00 18.00 ? 379 PRO A N    1 
ATOM   233  C CA   . PRO A 1 31  ? -0.292  -9.160  -3.283  1.00 18.12 ? 379 PRO A CA   1 
ATOM   234  C C    . PRO A 1 31  ? 0.502   -10.126 -2.405  1.00 21.89 ? 379 PRO A C    1 
ATOM   235  O O    . PRO A 1 31  ? 1.437   -10.775 -2.883  1.00 20.86 ? 379 PRO A O    1 
ATOM   236  C CB   . PRO A 1 31  ? -1.342  -9.939  -4.089  1.00 20.02 ? 379 PRO A CB   1 
ATOM   237  C CG   . PRO A 1 31  ? -1.415  -9.264  -5.402  1.00 24.88 ? 379 PRO A CG   1 
ATOM   238  C CD   . PRO A 1 31  ? -0.045  -8.712  -5.671  1.00 20.85 ? 379 PRO A CD   1 
ATOM   239  N N    . VAL A 1 32  ? 0.140   -10.205 -1.110  1.00 18.98 ? 380 VAL A N    1 
ATOM   240  C CA   . VAL A 1 32  ? 0.771   -11.149 -0.177  1.00 18.89 ? 380 VAL A CA   1 
ATOM   241  C C    . VAL A 1 32  ? 0.531   -12.567 -0.735  1.00 24.49 ? 380 VAL A C    1 
ATOM   242  O O    . VAL A 1 32  ? -0.620  -12.936 -0.996  1.00 25.03 ? 380 VAL A O    1 
ATOM   243  C CB   . VAL A 1 32  ? 0.203   -10.984 1.256   1.00 22.53 ? 380 VAL A CB   1 
ATOM   244  C CG1  . VAL A 1 32  ? 0.721   -12.091 2.187   1.00 22.09 ? 380 VAL A CG1  1 
ATOM   245  C CG2  . VAL A 1 32  ? 0.534   -9.600  1.814   1.00 21.97 ? 380 VAL A CG2  1 
ATOM   246  N N    . ASP A 1 33  ? 1.619   -13.309 -0.986  1.00 21.77 ? 381 ASP A N    1 
ATOM   247  C CA   . ASP A 1 33  ? 1.540   -14.665 -1.557  1.00 21.55 ? 381 ASP A CA   1 
ATOM   248  C C    . ASP A 1 33  ? 1.430   -15.640 -0.385  1.00 23.06 ? 381 ASP A C    1 
ATOM   249  O O    . ASP A 1 33  ? 2.435   -16.132 0.112   1.00 21.72 ? 381 ASP A O    1 
ATOM   250  C CB   . ASP A 1 33  ? 2.768   -14.939 -2.443  1.00 23.76 ? 381 ASP A CB   1 
ATOM   251  C CG   . ASP A 1 33  ? 2.699   -16.212 -3.280  1.00 34.01 ? 381 ASP A CG   1 
ATOM   252  O OD1  . ASP A 1 33  ? 1.880   -17.112 -2.944  1.00 33.93 ? 381 ASP A OD1  1 
ATOM   253  O OD2  . ASP A 1 33  ? 3.491   -16.331 -4.243  1.00 38.26 ? 381 ASP A OD2  1 
ATOM   254  N N    . VAL A 1 34  ? 0.194   -15.868 0.085   1.00 22.70 ? 382 VAL A N    1 
ATOM   255  C CA   . VAL A 1 34  ? -0.079  -16.711 1.260   1.00 24.10 ? 382 VAL A CA   1 
ATOM   256  C C    . VAL A 1 34  ? 0.536   -18.124 1.132   1.00 28.52 ? 382 VAL A C    1 
ATOM   257  O O    . VAL A 1 34  ? 1.158   -18.604 2.085   1.00 27.52 ? 382 VAL A O    1 
ATOM   258  C CB   . VAL A 1 34  ? -1.587  -16.747 1.644   1.00 30.36 ? 382 VAL A CB   1 
ATOM   259  C CG1  . VAL A 1 34  ? -2.073  -15.366 2.081   1.00 30.62 ? 382 VAL A CG1  1 
ATOM   260  C CG2  . VAL A 1 34  ? -2.454  -17.286 0.513   1.00 30.69 ? 382 VAL A CG2  1 
ATOM   261  N N    . GLU A 1 35  ? 0.418   -18.741 -0.055  1.00 26.51 ? 383 GLU A N    1 
ATOM   262  C CA   . GLU A 1 35  ? 0.956   -20.076 -0.336  1.00 27.24 ? 383 GLU A CA   1 
ATOM   263  C C    . GLU A 1 35  ? 2.472   -20.121 -0.222  1.00 29.66 ? 383 GLU A C    1 
ATOM   264  O O    . GLU A 1 35  ? 2.982   -20.978 0.490   1.00 30.60 ? 383 GLU A O    1 
ATOM   265  C CB   . GLU A 1 35  ? 0.503   -20.593 -1.723  1.00 28.85 ? 383 GLU A CB   1 
ATOM   266  C CG   . GLU A 1 35  ? -0.960  -21.003 -1.780  1.00 41.11 ? 383 GLU A CG   1 
ATOM   267  C CD   . GLU A 1 35  ? -1.339  -22.174 -0.893  1.00 63.20 ? 383 GLU A CD   1 
ATOM   268  O OE1  . GLU A 1 35  ? -0.609  -23.193 -0.911  1.00 45.25 ? 383 GLU A OE1  1 
ATOM   269  O OE2  . GLU A 1 35  ? -2.363  -22.072 -0.180  1.00 60.24 ? 383 GLU A OE2  1 
ATOM   270  N N    . ALA A 1 36  ? 3.199   -19.200 -0.888  1.00 25.29 ? 384 ALA A N    1 
ATOM   271  C CA   . ALA A 1 36  ? 4.663   -19.198 -0.833  1.00 25.01 ? 384 ALA A CA   1 
ATOM   272  C C    . ALA A 1 36  ? 5.222   -18.801 0.533   1.00 27.60 ? 384 ALA A C    1 
ATOM   273  O O    . ALA A 1 36  ? 6.328   -19.220 0.888   1.00 28.49 ? 384 ALA A O    1 
ATOM   274  C CB   . ALA A 1 36  ? 5.235   -18.291 -1.910  1.00 26.14 ? 384 ALA A CB   1 
ATOM   275  N N    . LEU A 1 37  ? 4.470   -17.985 1.294   1.00 22.56 ? 385 LEU A N    1 
ATOM   276  C CA   . LEU A 1 37  ? 4.910   -17.476 2.601   1.00 20.85 ? 385 LEU A CA   1 
ATOM   277  C C    . LEU A 1 37  ? 4.457   -18.317 3.786   1.00 23.72 ? 385 LEU A C    1 
ATOM   278  O O    . LEU A 1 37  ? 4.943   -18.101 4.909   1.00 24.59 ? 385 LEU A O    1 
ATOM   279  C CB   . LEU A 1 37  ? 4.457   -16.020 2.800   1.00 20.77 ? 385 LEU A CB   1 
ATOM   280  C CG   . LEU A 1 37  ? 5.064   -14.982 1.818   1.00 24.22 ? 385 LEU A CG   1 
ATOM   281  C CD1  . LEU A 1 37  ? 4.383   -13.636 1.978   1.00 24.50 ? 385 LEU A CD1  1 
ATOM   282  C CD2  . LEU A 1 37  ? 6.573   -14.857 1.988   1.00 26.64 ? 385 LEU A CD2  1 
ATOM   283  N N    . GLY A 1 38  ? 3.502   -19.210 3.541   1.00 20.16 ? 386 GLY A N    1 
ATOM   284  C CA   . GLY A 1 38  ? 2.950   -20.085 4.571   1.00 19.43 ? 386 GLY A CA   1 
ATOM   285  C C    . GLY A 1 38  ? 2.048   -19.361 5.556   1.00 22.86 ? 386 GLY A C    1 
ATOM   286  O O    . GLY A 1 38  ? 1.889   -19.801 6.707   1.00 21.59 ? 386 GLY A O    1 
ATOM   287  N N    . LEU A 1 39  ? 1.452   -18.235 5.108   1.00 19.18 ? 387 LEU A N    1 
ATOM   288  C CA   . LEU A 1 39  ? 0.570   -17.417 5.957   1.00 18.97 ? 387 LEU A CA   1 
ATOM   289  C C    . LEU A 1 39  ? -0.863  -17.904 5.784   1.00 22.13 ? 387 LEU A C    1 
ATOM   290  O O    . LEU A 1 39  ? -1.740  -17.154 5.363   1.00 20.96 ? 387 LEU A O    1 
ATOM   291  C CB   . LEU A 1 39  ? 0.713   -15.917 5.584   1.00 18.58 ? 387 LEU A CB   1 
ATOM   292  C CG   . LEU A 1 39  ? 2.115   -15.305 5.654   1.00 23.48 ? 387 LEU A CG   1 
ATOM   293  C CD1  . LEU A 1 39  ? 2.056   -13.807 5.390   1.00 23.58 ? 387 LEU A CD1  1 
ATOM   294  C CD2  . LEU A 1 39  ? 2.808   -15.605 7.002   1.00 24.66 ? 387 LEU A CD2  1 
ATOM   295  N N    . HIS A 1 40  ? -1.118  -19.173 6.163   1.00 20.22 ? 388 HIS A N    1 
ATOM   296  C CA   . HIS A 1 40  ? -2.416  -19.794 5.927   1.00 20.50 ? 388 HIS A CA   1 
ATOM   297  C C    . HIS A 1 40  ? -3.567  -19.231 6.782   1.00 26.44 ? 388 HIS A C    1 
ATOM   298  O O    . HIS A 1 40  ? -4.726  -19.523 6.492   1.00 27.68 ? 388 HIS A O    1 
ATOM   299  C CB   . HIS A 1 40  ? -2.284  -21.324 6.042   1.00 20.82 ? 388 HIS A CB   1 
ATOM   300  C CG   . HIS A 1 40  ? -1.289  -21.869 5.049   1.00 22.90 ? 388 HIS A CG   1 
ATOM   301  N ND1  . HIS A 1 40  ? -1.543  -21.849 3.685   1.00 24.78 ? 388 HIS A ND1  1 
ATOM   302  C CD2  . HIS A 1 40  ? -0.043  -22.354 5.248   1.00 23.88 ? 388 HIS A CD2  1 
ATOM   303  C CE1  . HIS A 1 40  ? -0.455  -22.338 3.105   1.00 23.80 ? 388 HIS A CE1  1 
ATOM   304  N NE2  . HIS A 1 40  ? 0.468   -22.669 4.006   1.00 24.13 ? 388 HIS A NE2  1 
ATOM   305  N N    . ASP A 1 41  ? -3.259  -18.382 7.771   1.00 23.96 ? 389 ASP A N    1 
ATOM   306  C CA   . ASP A 1 41  ? -4.280  -17.721 8.599   1.00 24.11 ? 389 ASP A CA   1 
ATOM   307  C C    . ASP A 1 41  ? -4.549  -16.274 8.089   1.00 26.91 ? 389 ASP A C    1 
ATOM   308  O O    . ASP A 1 41  ? -5.395  -15.573 8.652   1.00 24.89 ? 389 ASP A O    1 
ATOM   309  C CB   . ASP A 1 41  ? -3.816  -17.675 10.068  1.00 26.52 ? 389 ASP A CB   1 
ATOM   310  C CG   . ASP A 1 41  ? -2.541  -16.889 10.331  1.00 34.80 ? 389 ASP A CG   1 
ATOM   311  O OD1  . ASP A 1 41  ? -1.715  -16.747 9.389   1.00 31.62 ? 389 ASP A OD1  1 
ATOM   312  O OD2  . ASP A 1 41  ? -2.348  -16.442 11.486  1.00 45.78 ? 389 ASP A OD2  1 
ATOM   313  N N    . TYR A 1 42  ? -3.810  -15.831 7.053   1.00 22.53 ? 390 TYR A N    1 
ATOM   314  C CA   . TYR A 1 42  ? -3.939  -14.452 6.545   1.00 22.14 ? 390 TYR A CA   1 
ATOM   315  C C    . TYR A 1 42  ? -5.367  -14.064 6.172   1.00 25.62 ? 390 TYR A C    1 
ATOM   316  O O    . TYR A 1 42  ? -5.850  -13.026 6.632   1.00 24.79 ? 390 TYR A O    1 
ATOM   317  C CB   . TYR A 1 42  ? -2.974  -14.196 5.382   1.00 21.90 ? 390 TYR A CB   1 
ATOM   318  C CG   . TYR A 1 42  ? -2.807  -12.731 5.031   1.00 20.74 ? 390 TYR A CG   1 
ATOM   319  C CD1  . TYR A 1 42  ? -1.941  -11.915 5.757   1.00 21.17 ? 390 TYR A CD1  1 
ATOM   320  C CD2  . TYR A 1 42  ? -3.525  -12.158 3.988   1.00 21.57 ? 390 TYR A CD2  1 
ATOM   321  C CE1  . TYR A 1 42  ? -1.775  -10.567 5.434   1.00 20.67 ? 390 TYR A CE1  1 
ATOM   322  C CE2  . TYR A 1 42  ? -3.365  -10.813 3.652   1.00 20.87 ? 390 TYR A CE2  1 
ATOM   323  C CZ   . TYR A 1 42  ? -2.503  -10.018 4.393   1.00 22.57 ? 390 TYR A CZ   1 
ATOM   324  O OH   . TYR A 1 42  ? -2.349  -8.691  4.081   1.00 20.75 ? 390 TYR A OH   1 
ATOM   325  N N    . CYS A 1 43  ? -6.054  -14.894 5.375   1.00 23.25 ? 391 CYS A N    1 
ATOM   326  C CA   . CYS A 1 43  ? -7.413  -14.600 4.934   1.00 23.26 ? 391 CYS A CA   1 
ATOM   327  C C    . CYS A 1 43  ? -8.455  -14.662 6.072   1.00 26.20 ? 391 CYS A C    1 
ATOM   328  O O    . CYS A 1 43  ? -9.530  -14.079 5.931   1.00 26.46 ? 391 CYS A O    1 
ATOM   329  C CB   . CYS A 1 43  ? -7.806  -15.471 3.746   1.00 24.05 ? 391 CYS A CB   1 
ATOM   330  S SG   . CYS A 1 43  ? -6.741  -15.252 2.295   0.50 28.00 ? 391 CYS A SG   1 
ATOM   331  N N    . ASP A 1 44  ? -8.118  -15.313 7.206   1.00 21.64 ? 392 ASP A N    1 
ATOM   332  C CA   . ASP A 1 44  ? -9.014  -15.343 8.374   1.00 20.90 ? 392 ASP A CA   1 
ATOM   333  C C    . ASP A 1 44  ? -8.999  -13.998 9.104   1.00 25.60 ? 392 ASP A C    1 
ATOM   334  O O    . ASP A 1 44  ? -9.977  -13.645 9.767   1.00 27.63 ? 392 ASP A O    1 
ATOM   335  C CB   . ASP A 1 44  ? -8.571  -16.426 9.366   1.00 21.85 ? 392 ASP A CB   1 
ATOM   336  C CG   . ASP A 1 44  ? -8.715  -17.852 8.863   1.00 23.40 ? 392 ASP A CG   1 
ATOM   337  O OD1  . ASP A 1 44  ? -9.369  -18.054 7.819   1.00 21.98 ? 392 ASP A OD1  1 
ATOM   338  O OD2  . ASP A 1 44  ? -8.240  -18.760 9.552   1.00 24.20 ? 392 ASP A OD2  1 
ATOM   339  N N    . ILE A 1 45  ? -7.881  -13.262 9.005   1.00 21.37 ? 393 ILE A N    1 
ATOM   340  C CA   . ILE A 1 45  ? -7.684  -11.977 9.683   1.00 20.91 ? 393 ILE A CA   1 
ATOM   341  C C    . ILE A 1 45  ? -7.949  -10.778 8.738   1.00 22.46 ? 393 ILE A C    1 
ATOM   342  O O    . ILE A 1 45  ? -8.612  -9.818  9.139   1.00 21.75 ? 393 ILE A O    1 
ATOM   343  C CB   . ILE A 1 45  ? -6.268  -11.943 10.343  1.00 24.06 ? 393 ILE A CB   1 
ATOM   344  C CG1  . ILE A 1 45  ? -6.141  -13.059 11.431  1.00 25.01 ? 393 ILE A CG1  1 
ATOM   345  C CG2  . ILE A 1 45  ? -5.920  -10.557 10.916  1.00 24.58 ? 393 ILE A CG2  1 
ATOM   346  C CD1  . ILE A 1 45  ? -4.727  -13.520 11.770  1.00 34.88 ? 393 ILE A CD1  1 
ATOM   347  N N    . ILE A 1 46  ? -7.449  -10.868 7.497   1.00 18.86 ? 394 ILE A N    1 
ATOM   348  C CA   . ILE A 1 46  ? -7.533  -9.830  6.458   1.00 18.07 ? 394 ILE A CA   1 
ATOM   349  C C    . ILE A 1 46  ? -8.661  -10.092 5.476   1.00 24.48 ? 394 ILE A C    1 
ATOM   350  O O    . ILE A 1 46  ? -8.549  -10.948 4.589   1.00 24.69 ? 394 ILE A O    1 
ATOM   351  C CB   . ILE A 1 46  ? -6.154  -9.639  5.762   1.00 19.56 ? 394 ILE A CB   1 
ATOM   352  C CG1  . ILE A 1 46  ? -5.028  -9.323  6.795   1.00 18.66 ? 394 ILE A CG1  1 
ATOM   353  C CG2  . ILE A 1 46  ? -6.211  -8.579  4.644   1.00 19.70 ? 394 ILE A CG2  1 
ATOM   354  C CD1  . ILE A 1 46  ? -5.316  -8.124  7.781   1.00 19.30 ? 394 ILE A CD1  1 
ATOM   355  N N    . LYS A 1 47  ? -9.727  -9.296  5.606   1.00 23.73 ? 395 LYS A N    1 
ATOM   356  C CA   . LYS A 1 47  ? -10.902 -9.432  4.755   1.00 24.42 ? 395 LYS A CA   1 
ATOM   357  C C    . LYS A 1 47  ? -10.738 -8.804  3.372   1.00 26.83 ? 395 LYS A C    1 
ATOM   358  O O    . LYS A 1 47  ? -11.337 -9.284  2.412   1.00 26.40 ? 395 LYS A O    1 
ATOM   359  C CB   . LYS A 1 47  ? -12.170 -8.897  5.459   1.00 27.49 ? 395 LYS A CB   1 
ATOM   360  C CG   . LYS A 1 47  ? -12.486 -9.510  6.855   1.00 48.48 ? 395 LYS A CG   1 
ATOM   361  C CD   . LYS A 1 47  ? -12.185 -11.023 7.056   1.00 59.63 ? 395 LYS A CD   1 
ATOM   362  C CE   . LYS A 1 47  ? -13.169 -11.977 6.421   1.00 73.36 ? 395 LYS A CE   1 
ATOM   363  N NZ   . LYS A 1 47  ? -12.781 -13.391 6.670   1.00 83.58 ? 395 LYS A NZ   1 
ATOM   364  N N    . HIS A 1 48  ? -9.909  -7.749  3.260   1.00 23.06 ? 396 HIS A N    1 
ATOM   365  C CA   . HIS A 1 48  ? -9.709  -7.054  1.995   1.00 23.08 ? 396 HIS A CA   1 
ATOM   366  C C    . HIS A 1 48  ? -8.216  -6.820  1.744   1.00 23.30 ? 396 HIS A C    1 
ATOM   367  O O    . HIS A 1 48  ? -7.703  -5.749  2.098   1.00 22.01 ? 396 HIS A O    1 
ATOM   368  C CB   . HIS A 1 48  ? -10.507 -5.732  1.970   1.00 25.42 ? 396 HIS A CB   1 
ATOM   369  C CG   . HIS A 1 48  ? -11.985 -5.920  2.160   1.00 30.65 ? 396 HIS A CG   1 
ATOM   370  N ND1  . HIS A 1 48  ? -12.775 -6.488  1.170   1.00 33.48 ? 396 HIS A ND1  1 
ATOM   371  C CD2  . HIS A 1 48  ? -12.761 -5.646  3.234   1.00 33.96 ? 396 HIS A CD2  1 
ATOM   372  C CE1  . HIS A 1 48  ? -14.002 -6.526  1.668   1.00 33.36 ? 396 HIS A CE1  1 
ATOM   373  N NE2  . HIS A 1 48  ? -14.044 -6.039  2.907   1.00 33.88 ? 396 HIS A NE2  1 
ATOM   374  N N    . PRO A 1 49  ? -7.489  -7.821  1.183   1.00 19.63 ? 397 PRO A N    1 
ATOM   375  C CA   . PRO A 1 49  ? -6.057  -7.606  0.899   1.00 18.83 ? 397 PRO A CA   1 
ATOM   376  C C    . PRO A 1 49  ? -5.855  -6.479  -0.127  1.00 20.91 ? 397 PRO A C    1 
ATOM   377  O O    . PRO A 1 49  ? -6.706  -6.232  -1.003  1.00 18.89 ? 397 PRO A O    1 
ATOM   378  C CB   . PRO A 1 49  ? -5.576  -8.960  0.354   1.00 20.84 ? 397 PRO A CB   1 
ATOM   379  C CG   . PRO A 1 49  ? -6.682  -9.943  0.651   1.00 26.99 ? 397 PRO A CG   1 
ATOM   380  C CD   . PRO A 1 49  ? -7.943  -9.135  0.677   1.00 22.63 ? 397 PRO A CD   1 
ATOM   381  N N    . MET A 1 50  ? -4.739  -5.744  0.015   1.00 18.60 ? 398 MET A N    1 
ATOM   382  C CA   . MET A 1 50  ? -4.421  -4.642  -0.904  1.00 16.22 ? 398 MET A CA   1 
ATOM   383  C C    . MET A 1 50  ? -2.906  -4.535  -0.995  1.00 19.96 ? 398 MET A C    1 
ATOM   384  O O    . MET A 1 50  ? -2.204  -4.840  -0.021  1.00 20.49 ? 398 MET A O    1 
ATOM   385  C CB   . MET A 1 50  ? -5.033  -3.310  -0.416  1.00 17.76 ? 398 MET A CB   1 
ATOM   386  C CG   . MET A 1 50  ? -5.012  -2.165  -1.456  1.00 19.64 ? 398 MET A CG   1 
ATOM   387  S SD   . MET A 1 50  ? -5.587  -2.648  -3.111  1.00 21.62 ? 398 MET A SD   1 
ATOM   388  C CE   . MET A 1 50  ? -7.348  -3.110  -2.721  1.00 20.03 ? 398 MET A CE   1 
ATOM   389  N N    . ASP A 1 51  ? -2.406  -4.120  -2.166  1.00 16.31 ? 399 ASP A N    1 
ATOM   390  C CA   . ASP A 1 51  ? -0.973  -3.966  -2.428  1.00 15.37 ? 399 ASP A CA   1 
ATOM   391  C C    . ASP A 1 51  ? -0.787  -2.887  -3.495  1.00 16.74 ? 399 ASP A C    1 
ATOM   392  O O    . ASP A 1 51  ? -1.755  -2.495  -4.142  1.00 18.35 ? 399 ASP A O    1 
ATOM   393  C CB   . ASP A 1 51  ? -0.377  -5.292  -2.898  1.00 16.59 ? 399 ASP A CB   1 
ATOM   394  C CG   . ASP A 1 51  ? -0.969  -5.679  -4.221  1.00 22.63 ? 399 ASP A CG   1 
ATOM   395  O OD1  . ASP A 1 51  ? -2.057  -6.279  -4.218  1.00 24.07 ? 399 ASP A OD1  1 
ATOM   396  O OD2  . ASP A 1 51  ? -0.397  -5.286  -5.260  1.00 21.49 ? 399 ASP A OD2  1 
ATOM   397  N N    . MET A 1 52  ? 0.445   -2.409  -3.685  1.00 13.78 ? 400 MET A N    1 
ATOM   398  C CA   . MET A 1 52  ? 0.724   -1.302  -4.606  1.00 13.75 ? 400 MET A CA   1 
ATOM   399  C C    . MET A 1 52  ? 0.404   -1.596  -6.074  1.00 19.27 ? 400 MET A C    1 
ATOM   400  O O    . MET A 1 52  ? -0.097  -0.697  -6.756  1.00 19.88 ? 400 MET A O    1 
ATOM   401  C CB   . MET A 1 52  ? 2.158   -0.823  -4.448  1.00 15.72 ? 400 MET A CB   1 
ATOM   402  C CG   . MET A 1 52  ? 2.408   -0.209  -3.091  1.00 17.03 ? 400 MET A CG   1 
ATOM   403  S SD   . MET A 1 52  ? 4.180   -0.007  -2.732  1.00 19.23 ? 400 MET A SD   1 
ATOM   404  C CE   . MET A 1 52  ? 4.732   0.920   -4.182  1.00 17.53 ? 400 MET A CE   1 
ATOM   405  N N    . SER A 1 53  ? 0.672   -2.831  -6.552  1.00 17.55 ? 401 SER A N    1 
ATOM   406  C CA   . SER A 1 53  ? 0.386   -3.194  -7.953  1.00 18.04 ? 401 SER A CA   1 
ATOM   407  C C    . SER A 1 53  ? -1.106  -3.204  -8.225  1.00 22.28 ? 401 SER A C    1 
ATOM   408  O O    . SER A 1 53  ? -1.526  -2.719  -9.281  1.00 21.48 ? 401 SER A O    1 
ATOM   409  C CB   . SER A 1 53  ? 1.049   -4.507  -8.341  1.00 19.80 ? 401 SER A CB   1 
ATOM   410  O OG   . SER A 1 53  ? 2.445   -4.273  -8.478  1.00 24.89 ? 401 SER A OG   1 
ATOM   411  N N    . THR A 1 54  ? -1.905  -3.685  -7.248  1.00 20.14 ? 402 THR A N    1 
ATOM   412  C CA   . THR A 1 54  ? -3.365  -3.697  -7.352  1.00 19.23 ? 402 THR A CA   1 
ATOM   413  C C    . THR A 1 54  ? -3.893  -2.259  -7.407  1.00 22.96 ? 402 THR A C    1 
ATOM   414  O O    . THR A 1 54  ? -4.731  -1.942  -8.259  1.00 22.54 ? 402 THR A O    1 
ATOM   415  C CB   . THR A 1 54  ? -3.981  -4.539  -6.237  1.00 23.60 ? 402 THR A CB   1 
ATOM   416  O OG1  . THR A 1 54  ? -3.490  -5.869  -6.388  1.00 21.51 ? 402 THR A OG1  1 
ATOM   417  C CG2  . THR A 1 54  ? -5.518  -4.558  -6.291  1.00 24.61 ? 402 THR A CG2  1 
ATOM   418  N N    . ILE A 1 55  ? -3.364  -1.376  -6.529  1.00 18.42 ? 403 ILE A N    1 
ATOM   419  C CA   . ILE A 1 55  ? -3.777  0.036   -6.504  1.00 17.33 ? 403 ILE A CA   1 
ATOM   420  C C    . ILE A 1 55  ? -3.450  0.706   -7.849  1.00 20.42 ? 403 ILE A C    1 
ATOM   421  O O    . ILE A 1 55  ? -4.278  1.467   -8.373  1.00 20.08 ? 403 ILE A O    1 
ATOM   422  C CB   . ILE A 1 55  ? -3.098  0.793   -5.328  1.00 18.51 ? 403 ILE A CB   1 
ATOM   423  C CG1  . ILE A 1 55  ? -3.572  0.226   -3.986  1.00 16.42 ? 403 ILE A CG1  1 
ATOM   424  C CG2  . ILE A 1 55  ? -3.370  2.320   -5.404  1.00 19.83 ? 403 ILE A CG2  1 
ATOM   425  C CD1  . ILE A 1 55  ? -2.728  0.667   -2.726  1.00 17.93 ? 403 ILE A CD1  1 
ATOM   426  N N    . LYS A 1 56  ? -2.249  0.414   -8.406  1.00 18.72 ? 404 LYS A N    1 
ATOM   427  C CA   . LYS A 1 56  ? -1.813  0.979   -9.685  1.00 18.47 ? 404 LYS A CA   1 
ATOM   428  C C    . LYS A 1 56  ? -2.797  0.555   -10.779 1.00 23.49 ? 404 LYS A C    1 
ATOM   429  O O    . LYS A 1 56  ? -3.261  1.406   -11.541 1.00 22.83 ? 404 LYS A O    1 
ATOM   430  C CB   . LYS A 1 56  ? -0.385  0.537   -10.011 1.00 20.81 ? 404 LYS A CB   1 
ATOM   431  C CG   . LYS A 1 56  ? 0.197   1.217   -11.251 1.00 27.91 ? 404 LYS A CG   1 
ATOM   432  C CD   . LYS A 1 56  ? 1.670   0.870   -11.429 1.00 38.46 ? 404 LYS A CD   1 
ATOM   433  C CE   . LYS A 1 56  ? 2.318   1.616   -12.576 1.00 51.87 ? 404 LYS A CE   1 
ATOM   434  N NZ   . LYS A 1 56  ? 1.993   1.012   -13.892 1.00 65.94 ? 404 LYS A NZ   1 
ATOM   435  N N    . SER A 1 57  ? -3.173  -0.739  -10.786 1.00 21.78 ? 405 SER A N    1 
ATOM   436  C CA   . SER A 1 57  ? -4.123  -1.286  -11.767 1.00 22.53 ? 405 SER A CA   1 
ATOM   437  C C    . SER A 1 57  ? -5.501  -0.644  -11.613 1.00 25.62 ? 405 SER A C    1 
ATOM   438  O O    . SER A 1 57  ? -6.104  -0.285  -12.624 1.00 25.38 ? 405 SER A O    1 
ATOM   439  C CB   . SER A 1 57  ? -4.201  -2.804  -11.663 1.00 25.69 ? 405 SER A CB   1 
ATOM   440  O OG   . SER A 1 57  ? -2.933  -3.359  -11.979 1.00 32.36 ? 405 SER A OG   1 
ATOM   441  N N    . LYS A 1 58  ? -5.963  -0.433  -10.363 1.00 21.36 ? 406 LYS A N    1 
ATOM   442  C CA   . LYS A 1 58  ? -7.251  0.210   -10.073 1.00 20.55 ? 406 LYS A CA   1 
ATOM   443  C C    . LYS A 1 58  ? -7.257  1.662   -10.546 1.00 24.74 ? 406 LYS A C    1 
ATOM   444  O O    . LYS A 1 58  ? -8.219  2.093   -11.185 1.00 25.38 ? 406 LYS A O    1 
ATOM   445  C CB   . LYS A 1 58  ? -7.612  0.106   -8.586  1.00 23.05 ? 406 LYS A CB   1 
ATOM   446  C CG   . LYS A 1 58  ? -8.003  -1.314  -8.165  1.00 27.84 ? 406 LYS A CG   1 
ATOM   447  C CD   . LYS A 1 58  ? -8.433  -1.376  -6.715  1.00 27.30 ? 406 LYS A CD   1 
ATOM   448  C CE   . LYS A 1 58  ? -9.760  -0.708  -6.447  1.00 27.62 ? 406 LYS A CE   1 
ATOM   449  N NZ   . LYS A 1 58  ? -10.210 -0.932  -5.048  1.00 27.36 ? 406 LYS A NZ   1 
ATOM   450  N N    . LEU A 1 59  ? -6.158  2.401   -10.287 1.00 21.34 ? 407 LEU A N    1 
ATOM   451  C CA   . LEU A 1 59  ? -6.027  3.792   -10.720 1.00 22.02 ? 407 LEU A CA   1 
ATOM   452  C C    . LEU A 1 59  ? -6.112  3.902   -12.260 1.00 29.24 ? 407 LEU A C    1 
ATOM   453  O O    . LEU A 1 59  ? -6.919  4.687   -12.774 1.00 28.97 ? 407 LEU A O    1 
ATOM   454  C CB   . LEU A 1 59  ? -4.703  4.375   -10.184 1.00 21.87 ? 407 LEU A CB   1 
ATOM   455  C CG   . LEU A 1 59  ? -4.480  5.877   -10.374 1.00 26.18 ? 407 LEU A CG   1 
ATOM   456  C CD1  . LEU A 1 59  ? -5.555  6.710   -9.656  1.00 27.06 ? 407 LEU A CD1  1 
ATOM   457  C CD2  . LEU A 1 59  ? -3.087  6.271   -9.901  1.00 25.35 ? 407 LEU A CD2  1 
ATOM   458  N N    . GLU A 1 60  ? -5.324  3.085   -12.977 1.00 27.77 ? 408 GLU A N    1 
ATOM   459  C CA   . GLU A 1 60  ? -5.292  3.050   -14.444 1.00 29.77 ? 408 GLU A CA   1 
ATOM   460  C C    . GLU A 1 60  ? -6.646  2.655   -15.056 1.00 35.12 ? 408 GLU A C    1 
ATOM   461  O O    . GLU A 1 60  ? -7.007  3.185   -16.109 1.00 36.38 ? 408 GLU A O    1 
ATOM   462  C CB   . GLU A 1 60  ? -4.152  2.153   -14.939 1.00 31.72 ? 408 GLU A CB   1 
ATOM   463  C CG   . GLU A 1 60  ? -2.797  2.845   -14.871 1.00 46.15 ? 408 GLU A CG   1 
ATOM   464  C CD   . GLU A 1 60  ? -1.551  1.977   -14.913 1.00 67.68 ? 408 GLU A CD   1 
ATOM   465  O OE1  . GLU A 1 60  ? -1.658  0.765   -15.212 1.00 73.54 ? 408 GLU A OE1  1 
ATOM   466  O OE2  . GLU A 1 60  ? -0.456  2.521   -14.643 1.00 58.21 ? 408 GLU A OE2  1 
ATOM   467  N N    . ALA A 1 61  ? -7.409  1.780   -14.366 1.00 30.88 ? 409 ALA A N    1 
ATOM   468  C CA   . ALA A 1 61  ? -8.743  1.328   -14.787 1.00 30.27 ? 409 ALA A CA   1 
ATOM   469  C C    . ALA A 1 61  ? -9.874  2.271   -14.336 1.00 32.73 ? 409 ALA A C    1 
ATOM   470  O O    . ALA A 1 61  ? -11.044 1.913   -14.470 1.00 32.26 ? 409 ALA A O    1 
ATOM   471  C CB   . ALA A 1 61  ? -9.005  -0.090  -14.287 1.00 31.00 ? 409 ALA A CB   1 
ATOM   472  N N    . ARG A 1 62  ? -9.531  3.464   -13.790 1.00 27.08 ? 410 ARG A N    1 
ATOM   473  C CA   . ARG A 1 62  ? -10.480 4.491   -13.325 1.00 26.54 ? 410 ARG A CA   1 
ATOM   474  C C    . ARG A 1 62  ? -11.459 3.982   -12.239 1.00 30.13 ? 410 ARG A C    1 
ATOM   475  O O    . ARG A 1 62  ? -12.651 4.343   -12.228 1.00 29.93 ? 410 ARG A O    1 
ATOM   476  C CB   . ARG A 1 62  ? -11.228 5.138   -14.522 1.00 27.05 ? 410 ARG A CB   1 
ATOM   477  C CG   . ARG A 1 62  ? -10.298 5.496   -15.682 1.00 34.85 ? 410 ARG A CG   1 
ATOM   478  C CD   . ARG A 1 62  ? -11.048 6.043   -16.876 1.00 40.09 ? 410 ARG A CD   1 
ATOM   479  N NE   . ARG A 1 62  ? -11.598 7.367   -16.591 1.00 40.92 ? 410 ARG A NE   1 
ATOM   480  C CZ   . ARG A 1 62  ? -12.240 8.118   -17.477 1.00 46.68 ? 410 ARG A CZ   1 
ATOM   481  N NH1  . ARG A 1 62  ? -12.411 7.690   -18.720 1.00 33.44 ? 410 ARG A NH1  1 
ATOM   482  N NH2  . ARG A 1 62  ? -12.703 9.308   -17.131 1.00 37.68 ? 410 ARG A NH2  1 
ATOM   483  N N    . GLU A 1 63  ? -10.942 3.157   -11.307 1.00 24.56 ? 411 GLU A N    1 
ATOM   484  C CA   . GLU A 1 63  ? -11.733 2.618   -10.193 1.00 23.22 ? 411 GLU A CA   1 
ATOM   485  C C    . GLU A 1 63  ? -11.812 3.569   -8.997  1.00 27.47 ? 411 GLU A C    1 
ATOM   486  O O    . GLU A 1 63  ? -12.552 3.308   -8.045  1.00 27.65 ? 411 GLU A O    1 
ATOM   487  C CB   . GLU A 1 63  ? -11.233 1.225   -9.782  1.00 24.54 ? 411 GLU A CB   1 
ATOM   488  C CG   . GLU A 1 63  ? -11.397 0.194   -10.889 1.00 30.87 ? 411 GLU A CG   1 
ATOM   489  C CD   . GLU A 1 63  ? -11.165 -1.231  -10.434 1.00 50.02 ? 411 GLU A CD   1 
ATOM   490  O OE1  . GLU A 1 63  ? -11.722 -1.613  -9.379  1.00 41.63 ? 411 GLU A OE1  1 
ATOM   491  O OE2  . GLU A 1 63  ? -10.421 -1.962  -11.126 1.00 43.11 ? 411 GLU A OE2  1 
ATOM   492  N N    . TYR A 1 64  ? -11.040 4.668   -9.031  1.00 21.94 ? 412 TYR A N    1 
ATOM   493  C CA   . TYR A 1 64  ? -11.101 5.656   -7.958  1.00 21.21 ? 412 TYR A CA   1 
ATOM   494  C C    . TYR A 1 64  ? -11.768 6.919   -8.478  1.00 24.91 ? 412 TYR A C    1 
ATOM   495  O O    . TYR A 1 64  ? -11.315 7.481   -9.473  1.00 23.19 ? 412 TYR A O    1 
ATOM   496  C CB   . TYR A 1 64  ? -9.706  5.972   -7.385  1.00 20.45 ? 412 TYR A CB   1 
ATOM   497  C CG   . TYR A 1 64  ? -8.952  4.767   -6.859  1.00 20.00 ? 412 TYR A CG   1 
ATOM   498  C CD1  . TYR A 1 64  ? -9.451  4.018   -5.795  1.00 21.86 ? 412 TYR A CD1  1 
ATOM   499  C CD2  . TYR A 1 64  ? -7.735  4.385   -7.415  1.00 19.97 ? 412 TYR A CD2  1 
ATOM   500  C CE1  . TYR A 1 64  ? -8.745  2.925   -5.288  1.00 20.83 ? 412 TYR A CE1  1 
ATOM   501  C CE2  . TYR A 1 64  ? -7.023  3.288   -6.919  1.00 19.40 ? 412 TYR A CE2  1 
ATOM   502  C CZ   . TYR A 1 64  ? -7.540  2.555   -5.865  1.00 22.39 ? 412 TYR A CZ   1 
ATOM   503  O OH   . TYR A 1 64  ? -6.848  1.479   -5.380  1.00 20.07 ? 412 TYR A OH   1 
ATOM   504  N N    . ARG A 1 65  ? -12.833 7.379   -7.794  1.00 24.19 ? 413 ARG A N    1 
ATOM   505  C CA   . ARG A 1 65  ? -13.544 8.597   -8.205  1.00 24.66 ? 413 ARG A CA   1 
ATOM   506  C C    . ARG A 1 65  ? -12.719 9.838   -7.891  1.00 28.89 ? 413 ARG A C    1 
ATOM   507  O O    . ARG A 1 65  ? -12.812 10.843  -8.599  1.00 29.09 ? 413 ARG A O    1 
ATOM   508  C CB   . ARG A 1 65  ? -14.891 8.724   -7.472  1.00 24.88 ? 413 ARG A CB   1 
ATOM   509  C CG   . ARG A 1 65  ? -15.939 7.731   -7.899  1.00 29.02 ? 413 ARG A CG   1 
ATOM   510  C CD   . ARG A 1 65  ? -17.309 8.140   -7.379  1.00 26.05 ? 413 ARG A CD   1 
ATOM   511  N NE   . ARG A 1 65  ? -17.378 8.203   -5.916  1.00 30.20 ? 413 ARG A NE   1 
ATOM   512  C CZ   . ARG A 1 65  ? -18.466 8.559   -5.238  1.00 43.00 ? 413 ARG A CZ   1 
ATOM   513  N NH1  . ARG A 1 65  ? -19.576 8.899   -5.882  1.00 28.81 ? 413 ARG A NH1  1 
ATOM   514  N NH2  . ARG A 1 65  ? -18.455 8.572   -3.909  1.00 30.86 ? 413 ARG A NH2  1 
ATOM   515  N N    . ASP A 1 66  ? -11.925 9.782   -6.812  1.00 24.35 ? 414 ASP A N    1 
ATOM   516  C CA   . ASP A 1 66  ? -11.153 10.921  -6.342  1.00 23.22 ? 414 ASP A CA   1 
ATOM   517  C C    . ASP A 1 66  ? -9.921  10.455  -5.563  1.00 24.77 ? 414 ASP A C    1 
ATOM   518  O O    . ASP A 1 66  ? -9.730  9.254   -5.366  1.00 23.36 ? 414 ASP A O    1 
ATOM   519  C CB   . ASP A 1 66  ? -12.038 11.856  -5.469  1.00 25.21 ? 414 ASP A CB   1 
ATOM   520  C CG   . ASP A 1 66  ? -12.780 11.181  -4.312  1.00 34.60 ? 414 ASP A CG   1 
ATOM   521  O OD1  . ASP A 1 66  ? -12.180 10.310  -3.640  1.00 30.33 ? 414 ASP A OD1  1 
ATOM   522  O OD2  . ASP A 1 66  ? -13.951 11.547  -4.063  1.00 41.26 ? 414 ASP A OD2  1 
ATOM   523  N N    . ALA A 1 67  ? -9.116  11.417  -5.097  1.00 22.52 ? 415 ALA A N    1 
ATOM   524  C CA   . ALA A 1 67  ? -7.904  11.125  -4.320  1.00 22.56 ? 415 ALA A CA   1 
ATOM   525  C C    . ALA A 1 67  ? -8.213  10.473  -2.960  1.00 23.91 ? 415 ALA A C    1 
ATOM   526  O O    . ALA A 1 67  ? -7.409  9.670   -2.472  1.00 21.09 ? 415 ALA A O    1 
ATOM   527  C CB   . ALA A 1 67  ? -7.105  12.392  -4.132  1.00 23.78 ? 415 ALA A CB   1 
ATOM   528  N N    . GLN A 1 68  ? -9.375  10.788  -2.358  1.00 21.49 ? 416 GLN A N    1 
ATOM   529  C CA   . GLN A 1 68  ? -9.752  10.161  -1.091  1.00 22.00 ? 416 GLN A CA   1 
ATOM   530  C C    . GLN A 1 68  ? -9.994  8.647   -1.250  1.00 23.23 ? 416 GLN A C    1 
ATOM   531  O O    . GLN A 1 68  ? -9.553  7.870   -0.402  1.00 20.78 ? 416 GLN A O    1 
ATOM   532  C CB   . GLN A 1 68  ? -10.932 10.889  -0.413  1.00 23.90 ? 416 GLN A CB   1 
ATOM   533  C CG   . GLN A 1 68  ? -10.540 12.244  0.220   1.00 35.59 ? 416 GLN A CG   1 
ATOM   534  C CD   . GLN A 1 68  ? -9.392  12.189  1.223   1.00 54.97 ? 416 GLN A CD   1 
ATOM   535  O OE1  . GLN A 1 68  ? -8.419  12.955  1.138   1.00 46.93 ? 416 GLN A OE1  1 
ATOM   536  N NE2  . GLN A 1 68  ? -9.478  11.297  2.207   1.00 46.41 ? 416 GLN A NE2  1 
ATOM   537  N N    . GLU A 1 69  ? -10.597 8.217   -2.383  1.00 19.64 ? 417 GLU A N    1 
ATOM   538  C CA   . GLU A 1 69  ? -10.801 6.781   -2.640  1.00 19.28 ? 417 GLU A CA   1 
ATOM   539  C C    . GLU A 1 69  ? -9.462  6.081   -2.863  1.00 21.10 ? 417 GLU A C    1 
ATOM   540  O O    . GLU A 1 69  ? -9.255  4.990   -2.343  1.00 20.41 ? 417 GLU A O    1 
ATOM   541  C CB   . GLU A 1 69  ? -11.765 6.547   -3.796  1.00 21.16 ? 417 GLU A CB   1 
ATOM   542  C CG   . GLU A 1 69  ? -13.176 6.971   -3.418  1.00 27.24 ? 417 GLU A CG   1 
ATOM   543  C CD   . GLU A 1 69  ? -14.237 6.675   -4.457  1.00 43.32 ? 417 GLU A CD   1 
ATOM   544  O OE1  . GLU A 1 69  ? -13.912 6.001   -5.462  1.00 27.45 ? 417 GLU A OE1  1 
ATOM   545  O OE2  . GLU A 1 69  ? -15.398 7.104   -4.257  1.00 33.29 ? 417 GLU A OE2  1 
ATOM   546  N N    . PHE A 1 70  ? -8.537  6.739   -3.576  1.00 17.56 ? 418 PHE A N    1 
ATOM   547  C CA   . PHE A 1 70  ? -7.188  6.206   -3.803  1.00 16.59 ? 418 PHE A CA   1 
ATOM   548  C C    . PHE A 1 70  ? -6.481  6.073   -2.450  1.00 19.89 ? 418 PHE A C    1 
ATOM   549  O O    . PHE A 1 70  ? -5.958  4.992   -2.152  1.00 19.46 ? 418 PHE A O    1 
ATOM   550  C CB   . PHE A 1 70  ? -6.409  7.133   -4.757  1.00 17.39 ? 418 PHE A CB   1 
ATOM   551  C CG   . PHE A 1 70  ? -4.907  6.918   -4.767  1.00 17.29 ? 418 PHE A CG   1 
ATOM   552  C CD1  . PHE A 1 70  ? -4.333  5.940   -5.572  1.00 18.47 ? 418 PHE A CD1  1 
ATOM   553  C CD2  . PHE A 1 70  ? -4.069  7.712   -3.988  1.00 19.00 ? 418 PHE A CD2  1 
ATOM   554  C CE1  . PHE A 1 70  ? -2.944  5.776   -5.614  1.00 19.28 ? 418 PHE A CE1  1 
ATOM   555  C CE2  . PHE A 1 70  ? -2.684  7.519   -4.003  1.00 20.36 ? 418 PHE A CE2  1 
ATOM   556  C CZ   . PHE A 1 70  ? -2.137  6.540   -4.800  1.00 18.66 ? 418 PHE A CZ   1 
ATOM   557  N N    . GLY A 1 71  ? -6.509  7.155   -1.648  1.00 15.91 ? 419 GLY A N    1 
ATOM   558  C CA   . GLY A 1 71  ? -5.901  7.211   -0.311  1.00 16.73 ? 419 GLY A CA   1 
ATOM   559  C C    . GLY A 1 71  ? -6.396  6.115   0.623   1.00 19.99 ? 419 GLY A C    1 
ATOM   560  O O    . GLY A 1 71  ? -5.601  5.520   1.359   1.00 19.78 ? 419 GLY A O    1 
ATOM   561  N N    . ALA A 1 72  ? -7.710  5.799   0.570   1.00 17.68 ? 420 ALA A N    1 
ATOM   562  C CA   . ALA A 1 72  ? -8.313  4.742   1.384   1.00 18.14 ? 420 ALA A CA   1 
ATOM   563  C C    . ALA A 1 72  ? -7.688  3.372   1.081   1.00 18.98 ? 420 ALA A C    1 
ATOM   564  O O    . ALA A 1 72  ? -7.444  2.616   2.026   1.00 18.17 ? 420 ALA A O    1 
ATOM   565  C CB   . ALA A 1 72  ? -9.821  4.693   1.166   1.00 19.03 ? 420 ALA A CB   1 
ATOM   566  N N    . ASP A 1 73  ? -7.388  3.068   -0.207  1.00 15.71 ? 421 ASP A N    1 
ATOM   567  C CA   . ASP A 1 73  ? -6.766  1.781   -0.568  1.00 15.65 ? 421 ASP A CA   1 
ATOM   568  C C    . ASP A 1 73  ? -5.307  1.749   -0.114  1.00 18.46 ? 421 ASP A C    1 
ATOM   569  O O    . ASP A 1 73  ? -4.862  0.717   0.392   1.00 17.51 ? 421 ASP A O    1 
ATOM   570  C CB   . ASP A 1 73  ? -6.894  1.448   -2.052  1.00 17.28 ? 421 ASP A CB   1 
ATOM   571  C CG   . ASP A 1 73  ? -8.052  0.516   -2.396  1.00 23.14 ? 421 ASP A CG   1 
ATOM   572  O OD1  . ASP A 1 73  ? -8.764  0.067   -1.460  1.00 23.77 ? 421 ASP A OD1  1 
ATOM   573  O OD2  . ASP A 1 73  ? -8.202  0.182   -3.584  1.00 22.96 ? 421 ASP A OD2  1 
ATOM   574  N N    . VAL A 1 74  ? -4.589  2.887   -0.215  1.00 15.62 ? 422 VAL A N    1 
ATOM   575  C CA   . VAL A 1 74  ? -3.206  2.916   0.312   1.00 14.71 ? 422 VAL A CA   1 
ATOM   576  C C    . VAL A 1 74  ? -3.229  2.638   1.831   1.00 18.15 ? 422 VAL A C    1 
ATOM   577  O O    . VAL A 1 74  ? -2.494  1.784   2.332   1.00 16.78 ? 422 VAL A O    1 
ATOM   578  C CB   . VAL A 1 74  ? -2.463  4.243   0.000   1.00 16.99 ? 422 VAL A CB   1 
ATOM   579  C CG1  . VAL A 1 74  ? -1.069  4.223   0.617   1.00 16.75 ? 422 VAL A CG1  1 
ATOM   580  C CG2  . VAL A 1 74  ? -2.366  4.499   -1.507  1.00 17.15 ? 422 VAL A CG2  1 
ATOM   581  N N    . ARG A 1 75  ? -4.112  3.324   2.554   1.00 15.65 ? 423 ARG A N    1 
ATOM   582  C CA   . ARG A 1 75  ? -4.200  3.155   4.004   1.00 16.00 ? 423 ARG A CA   1 
ATOM   583  C C    . ARG A 1 75  ? -4.701  1.780   4.405   1.00 18.87 ? 423 ARG A C    1 
ATOM   584  O O    . ARG A 1 75  ? -4.269  1.262   5.437   1.00 18.53 ? 423 ARG A O    1 
ATOM   585  C CB   . ARG A 1 75  ? -5.020  4.276   4.616   1.00 15.76 ? 423 ARG A CB   1 
ATOM   586  C CG   . ARG A 1 75  ? -4.272  5.601   4.393   1.00 19.64 ? 423 ARG A CG   1 
ATOM   587  C CD   . ARG A 1 75  ? -4.908  6.618   5.231   1.00 28.69 ? 423 ARG A CD   1 
ATOM   588  N NE   . ARG A 1 75  ? -4.235  7.916   5.195   1.00 21.95 ? 423 ARG A NE   1 
ATOM   589  C CZ   . ARG A 1 75  ? -4.829  9.025   4.770   1.00 27.41 ? 423 ARG A CZ   1 
ATOM   590  N NH1  . ARG A 1 75  ? -6.061  8.979   4.279   1.00 21.44 ? 423 ARG A NH1  1 
ATOM   591  N NH2  . ARG A 1 75  ? -4.198  10.186  4.833   1.00 21.61 ? 423 ARG A NH2  1 
ATOM   592  N N    . LEU A 1 76  ? -5.568  1.172   3.569   1.00 16.14 ? 424 LEU A N    1 
ATOM   593  C CA   . LEU A 1 76  ? -6.048  -0.203  3.789   1.00 15.94 ? 424 LEU A CA   1 
ATOM   594  C C    . LEU A 1 76  ? -4.823  -1.163  3.752   1.00 18.72 ? 424 LEU A C    1 
ATOM   595  O O    . LEU A 1 76  ? -4.702  -2.056  4.605   1.00 18.14 ? 424 LEU A O    1 
ATOM   596  C CB   . LEU A 1 76  ? -7.074  -0.605  2.702   1.00 16.36 ? 424 LEU A CB   1 
ATOM   597  C CG   . LEU A 1 76  ? -7.518  -2.082  2.691   1.00 21.06 ? 424 LEU A CG   1 
ATOM   598  C CD1  . LEU A 1 76  ? -8.218  -2.465  3.988   1.00 21.37 ? 424 LEU A CD1  1 
ATOM   599  C CD2  . LEU A 1 76  ? -8.357  -2.398  1.450   1.00 20.42 ? 424 LEU A CD2  1 
ATOM   600  N N    . MET A 1 77  ? -3.917  -0.963  2.773   1.00 14.87 ? 425 MET A N    1 
ATOM   601  C CA   . MET A 1 77  ? -2.695  -1.783  2.641   1.00 14.06 ? 425 MET A CA   1 
ATOM   602  C C    . MET A 1 77  ? -1.869  -1.703  3.938   1.00 16.45 ? 425 MET A C    1 
ATOM   603  O O    . MET A 1 77  ? -1.456  -2.742  4.463   1.00 16.24 ? 425 MET A O    1 
ATOM   604  C CB   . MET A 1 77  ? -1.865  -1.275  1.449   1.00 15.56 ? 425 MET A CB   1 
ATOM   605  C CG   . MET A 1 77  ? -0.574  -2.042  1.211   1.00 17.67 ? 425 MET A CG   1 
ATOM   606  S SD   . MET A 1 77  ? 0.310   -1.290  -0.171  1.00 19.70 ? 425 MET A SD   1 
ATOM   607  C CE   . MET A 1 77  ? 0.953   0.190   0.589   1.00 18.67 ? 425 MET A CE   1 
ATOM   608  N N    . PHE A 1 78  ? -1.670  -0.480  4.490   1.00 13.74 ? 426 PHE A N    1 
ATOM   609  C CA   . PHE A 1 78  ? -0.919  -0.330  5.749   1.00 14.19 ? 426 PHE A CA   1 
ATOM   610  C C    . PHE A 1 78  ? -1.658  -0.949  6.925   1.00 16.39 ? 426 PHE A C    1 
ATOM   611  O O    . PHE A 1 78  ? -1.057  -1.703  7.689   1.00 15.61 ? 426 PHE A O    1 
ATOM   612  C CB   . PHE A 1 78  ? -0.580  1.135   6.037   1.00 15.61 ? 426 PHE A CB   1 
ATOM   613  C CG   . PHE A 1 78  ? 0.285   1.793   4.983   1.00 16.08 ? 426 PHE A CG   1 
ATOM   614  C CD1  . PHE A 1 78  ? 1.442   1.168   4.515   1.00 18.73 ? 426 PHE A CD1  1 
ATOM   615  C CD2  . PHE A 1 78  ? -0.069  3.019   4.439   1.00 18.58 ? 426 PHE A CD2  1 
ATOM   616  C CE1  . PHE A 1 78  ? 2.252   1.794   3.550   1.00 20.33 ? 426 PHE A CE1  1 
ATOM   617  C CE2  . PHE A 1 78  ? 0.746   3.639   3.486   1.00 20.80 ? 426 PHE A CE2  1 
ATOM   618  C CZ   . PHE A 1 78  ? 1.860   2.987   3.000   1.00 18.51 ? 426 PHE A CZ   1 
ATOM   619  N N    . SER A 1 79  ? -2.972  -0.660  7.062   1.00 15.74 ? 427 SER A N    1 
ATOM   620  C CA   . SER A 1 79  ? -3.798  -1.195  8.142   1.00 15.23 ? 427 SER A CA   1 
ATOM   621  C C    . SER A 1 79  ? -3.781  -2.729  8.162   1.00 18.50 ? 427 SER A C    1 
ATOM   622  O O    . SER A 1 79  ? -3.663  -3.305  9.247   1.00 18.02 ? 427 SER A O    1 
ATOM   623  C CB   . SER A 1 79  ? -5.226  -0.676  8.034   1.00 19.58 ? 427 SER A CB   1 
ATOM   624  O OG   . SER A 1 79  ? -5.239  0.724   8.260   1.00 17.18 ? 427 SER A OG   1 
ATOM   625  N N    . ASN A 1 80  ? -3.812  -3.381  6.968   1.00 16.23 ? 428 ASN A N    1 
ATOM   626  C CA   . ASN A 1 80  ? -3.732  -4.859  6.882   1.00 16.73 ? 428 ASN A CA   1 
ATOM   627  C C    . ASN A 1 80  ? -2.444  -5.354  7.519   1.00 18.92 ? 428 ASN A C    1 
ATOM   628  O O    . ASN A 1 80  ? -2.458  -6.309  8.293   1.00 18.02 ? 428 ASN A O    1 
ATOM   629  C CB   . ASN A 1 80  ? -3.824  -5.335  5.450   1.00 14.67 ? 428 ASN A CB   1 
ATOM   630  C CG   . ASN A 1 80  ? -5.196  -5.199  4.863   1.00 16.75 ? 428 ASN A CG   1 
ATOM   631  O OD1  . ASN A 1 80  ? -6.200  -5.037  5.577   1.00 18.56 ? 428 ASN A OD1  1 
ATOM   632  N ND2  . ASN A 1 80  ? -5.272  -5.277  3.540   1.00 17.49 ? 428 ASN A ND2  1 
ATOM   633  N N    . CYS A 1 81  ? -1.331  -4.668  7.219   1.00 14.15 ? 429 CYS A N    1 
ATOM   634  C CA   . CYS A 1 81  ? -0.039  -5.008  7.787   1.00 14.71 ? 429 CYS A CA   1 
ATOM   635  C C    . CYS A 1 81  ? -0.024  -4.845  9.320   1.00 17.75 ? 429 CYS A C    1 
ATOM   636  O O    . CYS A 1 81  ? 0.474   -5.727  10.041  1.00 18.82 ? 429 CYS A O    1 
ATOM   637  C CB   . CYS A 1 81  ? 1.034   -4.152  7.128   1.00 14.78 ? 429 CYS A CB   1 
ATOM   638  S SG   . CYS A 1 81  ? 2.722   -4.651  7.530   1.00 19.06 ? 429 CYS A SG   1 
ATOM   639  N N    . TYR A 1 82  ? -0.596  -3.730  9.830   1.00 14.74 ? 430 TYR A N    1 
ATOM   640  C CA   . TYR A 1 82  ? -0.636  -3.464  11.264  1.00 14.47 ? 430 TYR A CA   1 
ATOM   641  C C    . TYR A 1 82  ? -1.554  -4.431  12.004  1.00 17.69 ? 430 TYR A C    1 
ATOM   642  O O    . TYR A 1 82  ? -1.290  -4.755  13.160  1.00 18.32 ? 430 TYR A O    1 
ATOM   643  C CB   . TYR A 1 82  ? -1.083  -2.011  11.553  1.00 15.10 ? 430 TYR A CB   1 
ATOM   644  C CG   . TYR A 1 82  ? -0.236  -0.954  10.878  1.00 14.31 ? 430 TYR A CG   1 
ATOM   645  C CD1  . TYR A 1 82  ? 1.143   -1.104  10.759  1.00 16.30 ? 430 TYR A CD1  1 
ATOM   646  C CD2  . TYR A 1 82  ? -0.813  0.208   10.374  1.00 15.07 ? 430 TYR A CD2  1 
ATOM   647  C CE1  . TYR A 1 82  ? 1.927   -0.129  10.127  1.00 14.70 ? 430 TYR A CE1  1 
ATOM   648  C CE2  . TYR A 1 82  ? -0.047  1.176   9.730   1.00 15.16 ? 430 TYR A CE2  1 
ATOM   649  C CZ   . TYR A 1 82  ? 1.319   0.996   9.591   1.00 15.83 ? 430 TYR A CZ   1 
ATOM   650  O OH   . TYR A 1 82  ? 2.083   1.972   8.994   1.00 19.68 ? 430 TYR A OH   1 
ATOM   651  N N    . LYS A 1 83  ? -2.636  -4.862  11.345  1.00 14.58 ? 431 LYS A N    1 
ATOM   652  C CA   . LYS A 1 83  ? -3.602  -5.783  11.943  1.00 15.88 ? 431 LYS A CA   1 
ATOM   653  C C    . LYS A 1 83  ? -3.073  -7.208  12.023  1.00 21.65 ? 431 LYS A C    1 
ATOM   654  O O    . LYS A 1 83  ? -3.245  -7.864  13.057  1.00 21.51 ? 431 LYS A O    1 
ATOM   655  C CB   . LYS A 1 83  ? -4.905  -5.745  11.138  1.00 15.95 ? 431 LYS A CB   1 
ATOM   656  C CG   . LYS A 1 83  ? -6.001  -6.656  11.711  1.00 19.40 ? 431 LYS A CG   1 
ATOM   657  C CD   . LYS A 1 83  ? -7.326  -6.449  11.026  1.00 21.95 ? 431 LYS A CD   1 
ATOM   658  C CE   . LYS A 1 83  ? -8.441  -6.986  11.904  1.00 36.89 ? 431 LYS A CE   1 
ATOM   659  N NZ   . LYS A 1 83  ? -8.692  -6.117  13.079  1.00 55.14 ? 431 LYS A NZ   1 
ATOM   660  N N    . TYR A 1 84  ? -2.471  -7.708  10.915  1.00 18.14 ? 432 TYR A N    1 
ATOM   661  C CA   . TYR A 1 84  ? -2.040  -9.104  10.840  1.00 18.72 ? 432 TYR A CA   1 
ATOM   662  C C    . TYR A 1 84  ? -0.776  -9.449  11.642  1.00 22.59 ? 432 TYR A C    1 
ATOM   663  O O    . TYR A 1 84  ? -0.717  -10.519 12.260  1.00 21.79 ? 432 TYR A O    1 
ATOM   664  C CB   . TYR A 1 84  ? -1.887  -9.546  9.365   1.00 19.20 ? 432 TYR A CB   1 
ATOM   665  C CG   . TYR A 1 84  ? -1.369  -10.964 9.224   1.00 20.75 ? 432 TYR A CG   1 
ATOM   666  C CD1  . TYR A 1 84  ? -2.211  -12.060 9.428   1.00 22.79 ? 432 TYR A CD1  1 
ATOM   667  C CD2  . TYR A 1 84  ? -0.025  -11.212 8.955   1.00 21.94 ? 432 TYR A CD2  1 
ATOM   668  C CE1  . TYR A 1 84  ? -1.722  -13.369 9.365   1.00 24.18 ? 432 TYR A CE1  1 
ATOM   669  C CE2  . TYR A 1 84  ? 0.474   -12.516 8.892   1.00 22.63 ? 432 TYR A CE2  1 
ATOM   670  C CZ   . TYR A 1 84  ? -0.385  -13.589 9.076   1.00 26.43 ? 432 TYR A CZ   1 
ATOM   671  O OH   . TYR A 1 84  ? 0.116   -14.866 9.020   1.00 28.84 ? 432 TYR A OH   1 
ATOM   672  N N    . ASN A 1 85  ? 0.257   -8.617  11.547  1.00 19.23 ? 433 ASN A N    1 
ATOM   673  C CA   . ASN A 1 85  ? 1.560   -8.923  12.121  1.00 19.34 ? 433 ASN A CA   1 
ATOM   674  C C    . ASN A 1 85  ? 1.747   -8.522  13.568  1.00 25.10 ? 433 ASN A C    1 
ATOM   675  O O    . ASN A 1 85  ? 1.194   -7.497  13.955  1.00 24.51 ? 433 ASN A O    1 
ATOM   676  C CB   . ASN A 1 85  ? 2.628   -8.242  11.269  1.00 17.14 ? 433 ASN A CB   1 
ATOM   677  C CG   . ASN A 1 85  ? 2.584   -8.738  9.859   1.00 24.55 ? 433 ASN A CG   1 
ATOM   678  O OD1  . ASN A 1 85  ? 3.007   -9.876  9.554   1.00 21.89 ? 433 ASN A OD1  1 
ATOM   679  N ND2  . ASN A 1 85  ? 1.981   -7.932  8.981   1.00 20.36 ? 433 ASN A ND2  1 
ATOM   680  N N    . PRO A 1 86  ? 2.624   -9.209  14.358  1.00 23.96 ? 434 PRO A N    1 
ATOM   681  C CA   . PRO A 1 86  ? 2.946   -8.691  15.699  1.00 24.41 ? 434 PRO A CA   1 
ATOM   682  C C    . PRO A 1 86  ? 3.577   -7.294  15.564  1.00 26.87 ? 434 PRO A C    1 
ATOM   683  O O    . PRO A 1 86  ? 4.262   -7.042  14.558  1.00 24.30 ? 434 PRO A O    1 
ATOM   684  C CB   . PRO A 1 86  ? 3.977   -9.693  16.241  1.00 26.11 ? 434 PRO A CB   1 
ATOM   685  C CG   . PRO A 1 86  ? 3.853   -10.891 15.391  1.00 30.95 ? 434 PRO A CG   1 
ATOM   686  C CD   . PRO A 1 86  ? 3.431   -10.405 14.043  1.00 26.64 ? 434 PRO A CD   1 
ATOM   687  N N    . PRO A 1 87  ? 3.377   -6.373  16.546  1.00 24.90 ? 435 PRO A N    1 
ATOM   688  C CA   . PRO A 1 87  ? 3.902   -4.997  16.397  1.00 25.22 ? 435 PRO A CA   1 
ATOM   689  C C    . PRO A 1 87  ? 5.410   -4.847  16.227  1.00 28.39 ? 435 PRO A C    1 
ATOM   690  O O    . PRO A 1 87  ? 5.870   -3.839  15.691  1.00 27.41 ? 435 PRO A O    1 
ATOM   691  C CB   . PRO A 1 87  ? 3.429   -4.295  17.682  1.00 27.02 ? 435 PRO A CB   1 
ATOM   692  C CG   . PRO A 1 87  ? 3.138   -5.411  18.649  1.00 31.04 ? 435 PRO A CG   1 
ATOM   693  C CD   . PRO A 1 87  ? 2.584   -6.503  17.787  1.00 26.29 ? 435 PRO A CD   1 
ATOM   694  N N    . ASP A 1 88  ? 6.176   -5.838  16.702  1.00 24.99 ? 436 ASP A N    1 
ATOM   695  C CA   . ASP A 1 88  ? 7.636   -5.837  16.652  1.00 25.28 ? 436 ASP A CA   1 
ATOM   696  C C    . ASP A 1 88  ? 8.195   -6.423  15.336  1.00 27.15 ? 436 ASP A C    1 
ATOM   697  O O    . ASP A 1 88  ? 9.417   -6.426  15.139  1.00 27.08 ? 436 ASP A O    1 
ATOM   698  C CB   . ASP A 1 88  ? 8.170   -6.646  17.849  1.00 28.01 ? 436 ASP A CB   1 
ATOM   699  C CG   . ASP A 1 88  ? 7.520   -8.020  17.945  1.00 46.12 ? 436 ASP A CG   1 
ATOM   700  O OD1  . ASP A 1 88  ? 6.361   -8.103  18.431  1.00 48.73 ? 436 ASP A OD1  1 
ATOM   701  O OD2  . ASP A 1 88  ? 8.120   -8.995  17.449  1.00 57.39 ? 436 ASP A OD2  1 
ATOM   702  N N    . HIS A 1 89  ? 7.313   -6.935  14.454  1.00 23.31 ? 437 HIS A N    1 
ATOM   703  C CA   . HIS A 1 89  ? 7.728   -7.543  13.198  1.00 21.99 ? 437 HIS A CA   1 
ATOM   704  C C    . HIS A 1 89  ? 8.426   -6.514  12.300  1.00 24.49 ? 437 HIS A C    1 
ATOM   705  O O    . HIS A 1 89  ? 7.997   -5.358  12.243  1.00 23.33 ? 437 HIS A O    1 
ATOM   706  C CB   . HIS A 1 89  ? 6.534   -8.193  12.471  1.00 22.41 ? 437 HIS A CB   1 
ATOM   707  C CG   . HIS A 1 89  ? 6.912   -9.201  11.418  1.00 25.71 ? 437 HIS A CG   1 
ATOM   708  N ND1  . HIS A 1 89  ? 7.575   -8.830  10.255  1.00 27.08 ? 437 HIS A ND1  1 
ATOM   709  C CD2  . HIS A 1 89  ? 6.653   -10.529 11.361  1.00 27.92 ? 437 HIS A CD2  1 
ATOM   710  C CE1  . HIS A 1 89  ? 7.723   -9.939  9.551   1.00 26.91 ? 437 HIS A CE1  1 
ATOM   711  N NE2  . HIS A 1 89  ? 7.197   -10.992 10.183  1.00 27.55 ? 437 HIS A NE2  1 
ATOM   712  N N    . GLU A 1 90  ? 9.508   -6.951  11.616  1.00 21.52 ? 438 GLU A N    1 
ATOM   713  C CA   . GLU A 1 90  ? 10.304  -6.178  10.664  1.00 21.71 ? 438 GLU A CA   1 
ATOM   714  C C    . GLU A 1 90  ? 9.376   -5.537  9.610   1.00 21.88 ? 438 GLU A C    1 
ATOM   715  O O    . GLU A 1 90  ? 9.592   -4.372  9.232   1.00 21.58 ? 438 GLU A O    1 
ATOM   716  C CB   . GLU A 1 90  ? 11.312  -7.137  9.964   1.00 24.30 ? 438 GLU A CB   1 
ATOM   717  C CG   . GLU A 1 90  ? 12.429  -6.490  9.159   1.00 43.81 ? 438 GLU A CG   1 
ATOM   718  C CD   . GLU A 1 90  ? 13.035  -7.319  8.034   1.00 70.72 ? 438 GLU A CD   1 
ATOM   719  O OE1  . GLU A 1 90  ? 13.029  -8.570  8.121   1.00 56.03 ? 438 GLU A OE1  1 
ATOM   720  O OE2  . GLU A 1 90  ? 13.539  -6.704  7.066   1.00 68.23 ? 438 GLU A OE2  1 
ATOM   721  N N    . VAL A 1 91  ? 8.341   -6.279  9.151   1.00 16.65 ? 439 VAL A N    1 
ATOM   722  C CA   . VAL A 1 91  ? 7.462   -5.760  8.082   1.00 15.87 ? 439 VAL A CA   1 
ATOM   723  C C    . VAL A 1 91  ? 6.596   -4.569  8.555   1.00 19.25 ? 439 VAL A C    1 
ATOM   724  O O    . VAL A 1 91  ? 6.250   -3.708  7.727   1.00 17.88 ? 439 VAL A O    1 
ATOM   725  C CB   . VAL A 1 91  ? 6.627   -6.867  7.390   1.00 19.03 ? 439 VAL A CB   1 
ATOM   726  C CG1  . VAL A 1 91  ? 5.386   -7.250  8.205   1.00 18.86 ? 439 VAL A CG1  1 
ATOM   727  C CG2  . VAL A 1 91  ? 6.259   -6.473  5.956   1.00 19.39 ? 439 VAL A CG2  1 
ATOM   728  N N    . VAL A 1 92  ? 6.287   -4.501  9.867   1.00 18.16 ? 440 VAL A N    1 
ATOM   729  C CA   . VAL A 1 92  ? 5.504   -3.380  10.447  1.00 17.30 ? 440 VAL A CA   1 
ATOM   730  C C    . VAL A 1 92  ? 6.353   -2.105  10.428  1.00 19.86 ? 440 VAL A C    1 
ATOM   731  O O    . VAL A 1 92  ? 5.857   -1.047  10.020  1.00 19.24 ? 440 VAL A O    1 
ATOM   732  C CB   . VAL A 1 92  ? 4.931   -3.734  11.859  1.00 19.39 ? 440 VAL A CB   1 
ATOM   733  C CG1  . VAL A 1 92  ? 4.396   -2.491  12.583  1.00 19.00 ? 440 VAL A CG1  1 
ATOM   734  C CG2  . VAL A 1 92  ? 3.833   -4.776  11.733  1.00 19.06 ? 440 VAL A CG2  1 
ATOM   735  N N    . ALA A 1 93  ? 7.651   -2.208  10.800  1.00 18.14 ? 441 ALA A N    1 
ATOM   736  C CA   . ALA A 1 93  ? 8.562   -1.070  10.747  1.00 19.01 ? 441 ALA A CA   1 
ATOM   737  C C    . ALA A 1 93  ? 8.695   -0.558  9.303   1.00 20.32 ? 441 ALA A C    1 
ATOM   738  O O    . ALA A 1 93  ? 8.737   0.654   9.084   1.00 19.56 ? 441 ALA A O    1 
ATOM   739  C CB   . ALA A 1 93  ? 9.928   -1.462  11.288  1.00 20.50 ? 441 ALA A CB   1 
ATOM   740  N N    . MET A 1 94  ? 8.754   -1.495  8.318   1.00 15.43 ? 442 MET A N    1 
ATOM   741  C CA   . MET A 1 94  ? 8.834   -1.173  6.895   1.00 14.39 ? 442 MET A CA   1 
ATOM   742  C C    . MET A 1 94  ? 7.567   -0.455  6.449   1.00 17.47 ? 442 MET A C    1 
ATOM   743  O O    . MET A 1 94  ? 7.673   0.561   5.746   1.00 16.27 ? 442 MET A O    1 
ATOM   744  C CB   . MET A 1 94  ? 9.085   -2.441  6.059   1.00 16.36 ? 442 MET A CB   1 
ATOM   745  C CG   . MET A 1 94  ? 10.451  -3.038  6.338   1.00 20.91 ? 442 MET A CG   1 
ATOM   746  S SD   . MET A 1 94  ? 10.628  -4.729  5.738   1.00 26.72 ? 442 MET A SD   1 
ATOM   747  C CE   . MET A 1 94  ? 11.153  -4.447  4.203   1.00 22.80 ? 442 MET A CE   1 
ATOM   748  N N    . ALA A 1 95  ? 6.376   -0.953  6.867   1.00 15.37 ? 443 ALA A N    1 
ATOM   749  C CA   . ALA A 1 95  ? 5.099   -0.315  6.533   1.00 15.80 ? 443 ALA A CA   1 
ATOM   750  C C    . ALA A 1 95  ? 5.066   1.131   7.049   1.00 19.08 ? 443 ALA A C    1 
ATOM   751  O O    . ALA A 1 95  ? 4.637   2.030   6.326   1.00 17.46 ? 443 ALA A O    1 
ATOM   752  C CB   . ALA A 1 95  ? 3.937   -1.099  7.118   1.00 16.61 ? 443 ALA A CB   1 
ATOM   753  N N    . ARG A 1 96  ? 5.569   1.355   8.258   1.00 15.47 ? 444 ARG A N    1 
ATOM   754  C CA   . ARG A 1 96  ? 5.602   2.696   8.864   1.00 15.67 ? 444 ARG A CA   1 
ATOM   755  C C    . ARG A 1 96  ? 6.468   3.658   8.061   1.00 16.79 ? 444 ARG A C    1 
ATOM   756  O O    . ARG A 1 96  ? 6.046   4.785   7.825   1.00 16.89 ? 444 ARG A O    1 
ATOM   757  C CB   . ARG A 1 96  ? 6.098   2.616   10.304  1.00 16.33 ? 444 ARG A CB   1 
ATOM   758  C CG   . ARG A 1 96  ? 5.009   2.148   11.248  1.00 21.75 ? 444 ARG A CG   1 
ATOM   759  C CD   . ARG A 1 96  ? 5.367   2.486   12.683  1.00 26.29 ? 444 ARG A CD   1 
ATOM   760  N NE   . ARG A 1 96  ? 4.502   1.780   13.626  1.00 40.56 ? 444 ARG A NE   1 
ATOM   761  C CZ   . ARG A 1 96  ? 4.893   0.757   14.381  1.00 60.86 ? 444 ARG A CZ   1 
ATOM   762  N NH1  . ARG A 1 96  ? 6.145   0.313   14.314  1.00 52.82 ? 444 ARG A NH1  1 
ATOM   763  N NH2  . ARG A 1 96  ? 4.039   0.173   15.208  1.00 49.15 ? 444 ARG A NH2  1 
ATOM   764  N N    . LYS A 1 97  ? 7.667   3.209   7.626   1.00 15.08 ? 445 LYS A N    1 
ATOM   765  C CA   . LYS A 1 97  ? 8.569   4.022   6.804   1.00 15.26 ? 445 LYS A CA   1 
ATOM   766  C C    . LYS A 1 97  ? 7.902   4.361   5.458   1.00 17.70 ? 445 LYS A C    1 
ATOM   767  O O    . LYS A 1 97  ? 8.019   5.507   5.006   1.00 18.50 ? 445 LYS A O    1 
ATOM   768  C CB   . LYS A 1 97  ? 9.896   3.302   6.567   1.00 17.84 ? 445 LYS A CB   1 
ATOM   769  C CG   . LYS A 1 97  ? 10.760  3.207   7.824   1.00 22.28 ? 445 LYS A CG   1 
ATOM   770  C CD   . LYS A 1 97  ? 12.058  2.500   7.501   1.00 25.76 ? 445 LYS A CD   1 
ATOM   771  C CE   . LYS A 1 97  ? 12.893  2.236   8.725   1.00 36.78 ? 445 LYS A CE   1 
ATOM   772  N NZ   . LYS A 1 97  ? 14.294  1.891   8.347   1.00 48.48 ? 445 LYS A NZ   1 
ATOM   773  N N    . LEU A 1 98  ? 7.183   3.387   4.850   1.00 13.84 ? 446 LEU A N    1 
ATOM   774  C CA   . LEU A 1 98  ? 6.499   3.646   3.576   1.00 14.64 ? 446 LEU A CA   1 
ATOM   775  C C    . LEU A 1 98  ? 5.318   4.599   3.786   1.00 17.64 ? 446 LEU A C    1 
ATOM   776  O O    . LEU A 1 98  ? 5.094   5.508   2.968   1.00 15.83 ? 446 LEU A O    1 
ATOM   777  C CB   . LEU A 1 98  ? 6.059   2.339   2.895   1.00 14.82 ? 446 LEU A CB   1 
ATOM   778  C CG   . LEU A 1 98  ? 5.509   2.507   1.448   1.00 18.88 ? 446 LEU A CG   1 
ATOM   779  C CD1  . LEU A 1 98  ? 6.518   3.239   0.547   1.00 19.50 ? 446 LEU A CD1  1 
ATOM   780  C CD2  . LEU A 1 98  ? 5.117   1.164   0.867   1.00 21.98 ? 446 LEU A CD2  1 
ATOM   781  N N    . GLN A 1 99  ? 4.561   4.394   4.886   1.00 15.03 ? 447 GLN A N    1 
ATOM   782  C CA   . GLN A 1 99  ? 3.448   5.292   5.222   1.00 13.83 ? 447 GLN A CA   1 
ATOM   783  C C    . GLN A 1 99  ? 3.948   6.743   5.405   1.00 16.96 ? 447 GLN A C    1 
ATOM   784  O O    . GLN A 1 99  ? 3.270   7.658   4.955   1.00 17.13 ? 447 GLN A O    1 
ATOM   785  C CB   . GLN A 1 99  ? 2.638   4.784   6.418   1.00 14.89 ? 447 GLN A CB   1 
ATOM   786  C CG   . GLN A 1 99  ? 1.425   5.684   6.689   1.00 16.20 ? 447 GLN A CG   1 
ATOM   787  C CD   . GLN A 1 99  ? 0.321   4.997   7.468   1.00 25.18 ? 447 GLN A CD   1 
ATOM   788  O OE1  . GLN A 1 99  ? 0.551   4.067   8.235   1.00 20.33 ? 447 GLN A OE1  1 
ATOM   789  N NE2  . GLN A 1 99  ? -0.894  5.509   7.349   1.00 22.86 ? 447 GLN A NE2  1 
ATOM   790  N N    . ASP A 1 100 ? 5.175   6.944   5.959   1.00 14.92 ? 448 ASP A N    1 
ATOM   791  C CA   . ASP A 1 100 ? 5.769   8.280   6.120   1.00 15.75 ? 448 ASP A CA   1 
ATOM   792  C C    . ASP A 1 100 ? 5.871   8.976   4.745   1.00 20.05 ? 448 ASP A C    1 
ATOM   793  O O    . ASP A 1 100 ? 5.479   10.144  4.603   1.00 19.60 ? 448 ASP A O    1 
ATOM   794  C CB   . ASP A 1 100 ? 7.202   8.173   6.714   1.00 18.22 ? 448 ASP A CB   1 
ATOM   795  C CG   . ASP A 1 100 ? 7.331   7.781   8.178   1.00 36.12 ? 448 ASP A CG   1 
ATOM   796  O OD1  . ASP A 1 100 ? 6.322   7.870   8.910   1.00 35.78 ? 448 ASP A OD1  1 
ATOM   797  O OD2  . ASP A 1 100 ? 8.469   7.422   8.602   1.00 42.20 ? 448 ASP A OD2  1 
ATOM   798  N N    . VAL A 1 101 ? 6.362   8.237   3.730   1.00 15.93 ? 449 VAL A N    1 
ATOM   799  C CA   . VAL A 1 101 ? 6.542   8.736   2.361   1.00 15.32 ? 449 VAL A CA   1 
ATOM   800  C C    . VAL A 1 101 ? 5.176   9.111   1.795   1.00 16.92 ? 449 VAL A C    1 
ATOM   801  O O    . VAL A 1 101 ? 4.993   10.235  1.312   1.00 14.74 ? 449 VAL A O    1 
ATOM   802  C CB   . VAL A 1 101 ? 7.286   7.706   1.466   1.00 19.17 ? 449 VAL A CB   1 
ATOM   803  C CG1  . VAL A 1 101 ? 7.370   8.178   0.013   1.00 18.84 ? 449 VAL A CG1  1 
ATOM   804  C CG2  . VAL A 1 101 ? 8.679   7.429   2.014   1.00 19.62 ? 449 VAL A CG2  1 
ATOM   805  N N    . PHE A 1 102 ? 4.218   8.177   1.894   1.00 13.66 ? 450 PHE A N    1 
ATOM   806  C CA   . PHE A 1 102 ? 2.865   8.398   1.407   1.00 12.89 ? 450 PHE A CA   1 
ATOM   807  C C    . PHE A 1 102 ? 2.185   9.618   2.084   1.00 15.16 ? 450 PHE A C    1 
ATOM   808  O O    . PHE A 1 102 ? 1.620   10.442  1.372   1.00 14.62 ? 450 PHE A O    1 
ATOM   809  C CB   . PHE A 1 102 ? 1.993   7.151   1.651   1.00 13.25 ? 450 PHE A CB   1 
ATOM   810  C CG   . PHE A 1 102 ? 0.537   7.467   1.419   1.00 13.92 ? 450 PHE A CG   1 
ATOM   811  C CD1  . PHE A 1 102 ? 0.054   7.685   0.131   1.00 16.74 ? 450 PHE A CD1  1 
ATOM   812  C CD2  . PHE A 1 102 ? -0.350  7.576   2.489   1.00 16.01 ? 450 PHE A CD2  1 
ATOM   813  C CE1  . PHE A 1 102 ? -1.287  8.021   -0.082  1.00 16.69 ? 450 PHE A CE1  1 
ATOM   814  C CE2  . PHE A 1 102 ? -1.700  7.907   2.269   1.00 18.90 ? 450 PHE A CE2  1 
ATOM   815  C CZ   . PHE A 1 102 ? -2.148  8.145   0.991   1.00 16.77 ? 450 PHE A CZ   1 
ATOM   816  N N    . GLU A 1 103 ? 2.164   9.678   3.429   1.00 13.32 ? 451 GLU A N    1 
ATOM   817  C CA   . GLU A 1 103 ? 1.448   10.750  4.142   1.00 14.25 ? 451 GLU A CA   1 
ATOM   818  C C    . GLU A 1 103 ? 1.984   12.160  3.830   1.00 17.57 ? 451 GLU A C    1 
ATOM   819  O O    . GLU A 1 103 ? 1.202   13.096  3.670   1.00 16.75 ? 451 GLU A O    1 
ATOM   820  C CB   . GLU A 1 103 ? 1.415   10.520  5.659   1.00 16.03 ? 451 GLU A CB   1 
ATOM   821  C CG   . GLU A 1 103 ? 0.666   9.275   6.104   1.00 15.36 ? 451 GLU A CG   1 
ATOM   822  C CD   . GLU A 1 103 ? -0.837  9.230   5.892   1.00 22.59 ? 451 GLU A CD   1 
ATOM   823  O OE1  . GLU A 1 103 ? -1.444  10.290  5.607   1.00 20.54 ? 451 GLU A OE1  1 
ATOM   824  O OE2  . GLU A 1 103 ? -1.407  8.120   6.010   1.00 20.97 ? 451 GLU A OE2  1 
ATOM   825  N N    . MET A 1 104 ? 3.303   12.289  3.707   1.00 15.73 ? 452 MET A N    1 
ATOM   826  C CA   . MET A 1 104 ? 3.936   13.569  3.384   1.00 16.57 ? 452 MET A CA   1 
ATOM   827  C C    . MET A 1 104 ? 3.525   14.039  1.986   1.00 20.44 ? 452 MET A C    1 
ATOM   828  O O    . MET A 1 104 ? 3.195   15.207  1.828   1.00 19.52 ? 452 MET A O    1 
ATOM   829  C CB   . MET A 1 104 ? 5.467   13.451  3.511   1.00 19.36 ? 452 MET A CB   1 
ATOM   830  C CG   . MET A 1 104 ? 5.937   13.166  4.944   1.00 25.31 ? 452 MET A CG   1 
ATOM   831  S SD   . MET A 1 104 ? 5.445   14.400  6.199   1.00 33.43 ? 452 MET A SD   1 
ATOM   832  C CE   . MET A 1 104 ? 5.933   15.818  5.366   1.00 28.63 ? 452 MET A CE   1 
ATOM   833  N N    . ARG A 1 105 ? 3.465   13.117  1.003   1.00 16.01 ? 453 ARG A N    1 
ATOM   834  C CA   . ARG A 1 105 ? 3.095   13.479  -0.373  1.00 15.96 ? 453 ARG A CA   1 
ATOM   835  C C    . ARG A 1 105 ? 1.589   13.722  -0.507  1.00 17.87 ? 453 ARG A C    1 
ATOM   836  O O    . ARG A 1 105 ? 1.183   14.661  -1.190  1.00 17.18 ? 453 ARG A O    1 
ATOM   837  C CB   . ARG A 1 105 ? 3.571   12.393  -1.359  1.00 17.30 ? 453 ARG A CB   1 
ATOM   838  C CG   . ARG A 1 105 ? 3.376   12.726  -2.843  1.00 19.67 ? 453 ARG A CG   1 
ATOM   839  C CD   . ARG A 1 105 ? 4.232   13.865  -3.360  1.00 19.08 ? 453 ARG A CD   1 
ATOM   840  N NE   . ARG A 1 105 ? 5.659   13.581  -3.165  1.00 19.08 ? 453 ARG A NE   1 
ATOM   841  C CZ   . ARG A 1 105 ? 6.621   14.486  -3.281  1.00 22.70 ? 453 ARG A CZ   1 
ATOM   842  N NH1  . ARG A 1 105 ? 6.326   15.739  -3.612  1.00 23.42 ? 453 ARG A NH1  1 
ATOM   843  N NH2  . ARG A 1 105 ? 7.886   14.150  -3.052  1.00 21.01 ? 453 ARG A NH2  1 
ATOM   844  N N    . PHE A 1 106 ? 0.761   12.858  0.111   1.00 14.92 ? 454 PHE A N    1 
ATOM   845  C CA   . PHE A 1 106 ? -0.692  12.975  0.068   1.00 15.11 ? 454 PHE A CA   1 
ATOM   846  C C    . PHE A 1 106 ? -1.153  14.310  0.697   1.00 18.73 ? 454 PHE A C    1 
ATOM   847  O O    . PHE A 1 106 ? -2.141  14.885  0.249   1.00 19.42 ? 454 PHE A O    1 
ATOM   848  C CB   . PHE A 1 106 ? -1.320  11.781  0.801   1.00 16.63 ? 454 PHE A CB   1 
ATOM   849  C CG   . PHE A 1 106 ? -2.789  11.550  0.535   1.00 17.77 ? 454 PHE A CG   1 
ATOM   850  C CD1  . PHE A 1 106 ? -3.233  11.172  -0.728  1.00 20.27 ? 454 PHE A CD1  1 
ATOM   851  C CD2  . PHE A 1 106 ? -3.714  11.635  1.563   1.00 21.36 ? 454 PHE A CD2  1 
ATOM   852  C CE1  . PHE A 1 106 ? -4.595  10.952  -0.971  1.00 21.74 ? 454 PHE A CE1  1 
ATOM   853  C CE2  . PHE A 1 106 ? -5.072  11.379  1.328   1.00 24.03 ? 454 PHE A CE2  1 
ATOM   854  C CZ   . PHE A 1 106 ? -5.500  11.052  0.061   1.00 20.99 ? 454 PHE A CZ   1 
ATOM   855  N N    . ALA A 1 107 ? -0.423  14.803  1.724   1.00 16.68 ? 455 ALA A N    1 
ATOM   856  C CA   . ALA A 1 107 ? -0.733  16.061  2.435   1.00 17.60 ? 455 ALA A CA   1 
ATOM   857  C C    . ALA A 1 107 ? -0.531  17.293  1.518   1.00 22.25 ? 455 ALA A C    1 
ATOM   858  O O    . ALA A 1 107 ? -1.124  18.343  1.777   1.00 22.47 ? 455 ALA A O    1 
ATOM   859  C CB   . ALA A 1 107 ? 0.162   16.189  3.671   1.00 18.69 ? 455 ALA A CB   1 
ATOM   860  N N    . LYS A 1 108 ? 0.291   17.152  0.455   1.00 19.97 ? 456 LYS A N    1 
ATOM   861  C CA   . LYS A 1 108 ? 0.604   18.226  -0.508  1.00 21.22 ? 456 LYS A CA   1 
ATOM   862  C C    . LYS A 1 108 ? -0.521  18.498  -1.510  1.00 30.27 ? 456 LYS A C    1 
ATOM   863  O O    . LYS A 1 108 ? -0.440  19.475  -2.265  1.00 31.51 ? 456 LYS A O    1 
ATOM   864  C CB   . LYS A 1 108 ? 1.944   17.961  -1.229  1.00 23.06 ? 456 LYS A CB   1 
ATOM   865  C CG   . LYS A 1 108 ? 3.128   18.158  -0.309  1.00 23.21 ? 456 LYS A CG   1 
ATOM   866  C CD   . LYS A 1 108 ? 4.457   17.839  -0.970  1.00 26.49 ? 456 LYS A CD   1 
ATOM   867  C CE   . LYS A 1 108 ? 5.629   18.124  -0.070  1.00 30.88 ? 456 LYS A CE   1 
ATOM   868  N NZ   . LYS A 1 108 ? 5.627   17.258  1.146   1.00 37.21 ? 456 LYS A NZ   1 
ATOM   869  N N    . MET A 1 109 ? -1.578  17.671  -1.507  1.00 27.97 ? 457 MET A N    1 
ATOM   870  C CA   . MET A 1 109 ? -2.711  17.870  -2.412  1.00 60.57 ? 457 MET A CA   1 
ATOM   871  C C    . MET A 1 109 ? -4.032  17.949  -1.665  1.00 96.81 ? 457 MET A C    1 
ATOM   872  O O    . MET A 1 109 ? -4.268  18.930  -0.963  1.00 63.74 ? 457 MET A O    1 
ATOM   873  C CB   . MET A 1 109 ? -2.747  16.835  -3.554  1.00 62.90 ? 457 MET A CB   1 
ATOM   874  C CG   . MET A 1 109 ? -2.558  15.400  -3.119  1.00 66.55 ? 457 MET A CG   1 
ATOM   875  S SD   . MET A 1 109 ? -3.961  14.371  -3.598  1.00 70.75 ? 457 MET A SD   1 
ATOM   876  C CE   . MET A 1 109 ? -4.955  14.509  -2.115  1.00 67.44 ? 457 MET A CE   1 
HETATM 877  C C4   . 8O4 B 2 .   ? 4.795   -11.410 6.850   1.00 20.32 ? 501 8O4 A C4   1 
HETATM 878  C C5   . 8O4 B 2 .   ? 6.054   -10.307 2.708   1.00 16.61 ? 501 8O4 A C5   1 
HETATM 879  C C6   . 8O4 B 2 .   ? 4.784   -10.276 4.934   1.00 19.04 ? 501 8O4 A C6   1 
HETATM 880  C C7   . 8O4 B 2 .   ? 5.440   -11.315 5.636   1.00 18.80 ? 501 8O4 A C7   1 
HETATM 881  C C8   . 8O4 B 2 .   ? 6.666   -10.704 0.388   1.00 21.26 ? 501 8O4 A C8   1 
HETATM 882  C C10  . 8O4 B 2 .   ? 3.783   -9.765  5.727   1.00 18.32 ? 501 8O4 A C10  1 
HETATM 883  C C13  . 8O4 B 2 .   ? 2.930   -8.673  5.373   1.00 19.73 ? 501 8O4 A C13  1 
HETATM 884  C C15  . 8O4 B 2 .   ? 10.633  -9.776  4.972   1.00 23.71 ? 501 8O4 A C15  1 
HETATM 885  C C17  . 8O4 B 2 .   ? 9.262   -9.390  4.509   1.00 23.59 ? 501 8O4 A C17  1 
HETATM 886  C C20  . 8O4 B 2 .   ? 6.370   -10.509 -1.067  1.00 23.23 ? 501 8O4 A C20  1 
HETATM 887  C C21  . 8O4 B 2 .   ? 8.077   -10.019 5.150   1.00 21.04 ? 501 8O4 A C21  1 
HETATM 888  C C1   . 8O4 B 2 .   ? 7.799   -11.364 0.800   1.00 21.08 ? 501 8O4 A C1   1 
HETATM 889  C C2   . 8O4 B 2 .   ? 8.051   -11.498 2.149   1.00 21.04 ? 501 8O4 A C2   1 
HETATM 890  C C3   . 8O4 B 2 .   ? 5.818   -10.182 1.344   1.00 20.51 ? 501 8O4 A C3   1 
HETATM 891  C C9   . 8O4 B 2 .   ? 7.199   -10.992 3.117   1.00 18.28 ? 501 8O4 A C9   1 
HETATM 892  C C11  . 8O4 B 2 .   ? 4.273   -8.702  3.315   1.00 18.24 ? 501 8O4 A C11  1 
HETATM 893  C C12  . 8O4 B 2 .   ? 5.051   -9.750  3.657   1.00 18.84 ? 501 8O4 A C12  1 
HETATM 894  C C14  . 8O4 B 2 .   ? 6.611   -12.057 5.151   1.00 19.45 ? 501 8O4 A C14  1 
HETATM 895  C C16  . 8O4 B 2 .   ? 10.058  -8.437  5.336   1.00 23.86 ? 501 8O4 A C16  1 
HETATM 896  C C18  . 8O4 B 2 .   ? 2.539   -7.030  3.600   1.00 19.18 ? 501 8O4 A C18  1 
HETATM 897  C C19  . 8O4 B 2 .   ? 4.804   -11.186 -3.258  1.00 27.77 ? 501 8O4 A C19  1 
HETATM 898  N N22  . 8O4 B 2 .   ? 3.779   -10.490 6.886   1.00 19.52 ? 501 8O4 A N22  1 
HETATM 899  N N23  . 8O4 B 2 .   ? 7.617   -11.238 4.463   1.00 18.96 ? 501 8O4 A N23  1 
HETATM 900  N N24  . 8O4 B 2 .   ? 3.281   -8.158  4.128   1.00 17.90 ? 501 8O4 A N24  1 
HETATM 901  O O25  . 8O4 B 2 .   ? 2.048   -8.231  6.110   1.00 18.84 ? 501 8O4 A O25  1 
HETATM 902  O O26  . 8O4 B 2 .   ? 6.200   -12.935 -1.893  1.00 26.40 ? 501 8O4 A O26  1 
HETATM 903  O O27  . 8O4 B 2 .   ? 4.144   -11.863 -0.828  1.00 27.05 ? 501 8O4 A O27  1 
HETATM 904  S S28  . 8O4 B 2 .   ? 5.317   -11.806 -1.679  1.00 26.98 ? 501 8O4 A S28  1 
HETATM 905  H H4   . 8O4 B 2 .   ? 4.948   -12.076 7.685   1.00 20.94 ? 501 8O4 A H4   1 
HETATM 906  H H151 . 8O4 B 2 .   ? 11.427  -9.807  4.237   1.00 23.15 ? 501 8O4 A H151 1 
HETATM 907  H H152 . 8O4 B 2 .   ? 10.707  -10.519 5.755   1.00 23.75 ? 501 8O4 A H152 1 
HETATM 908  H H17  . 8O4 B 2 .   ? 9.112   -9.128  3.470   1.00 23.16 ? 501 8O4 A H17  1 
HETATM 909  H H211 . 8O4 B 2 .   ? 7.289   -9.270  5.188   1.00 20.85 ? 501 8O4 A H211 1 
HETATM 910  H H212 . 8O4 B 2 .   ? 8.327   -10.278 6.181   1.00 20.80 ? 501 8O4 A H212 1 
HETATM 911  H H1   . 8O4 B 2 .   ? 8.490   -11.770 0.071   1.00 21.02 ? 501 8O4 A H1   1 
HETATM 912  H H2   . 8O4 B 2 .   ? 8.947   -12.024 2.458   1.00 21.03 ? 501 8O4 A H2   1 
HETATM 913  H H3   . 8O4 B 2 .   ? 4.937   -9.671  0.978   1.00 19.90 ? 501 8O4 A H3   1 
HETATM 914  H H11  . 8O4 B 2 .   ? 4.378   -8.198  2.370   1.00 18.05 ? 501 8O4 A H11  1 
HETATM 915  H H142 . 8O4 B 2 .   ? 6.279   -12.864 4.489   1.00 19.98 ? 501 8O4 A H142 1 
HETATM 916  H H141 . 8O4 B 2 .   ? 7.094   -12.525 6.013   1.00 18.38 ? 501 8O4 A H141 1 
HETATM 917  H H162 . 8O4 B 2 .   ? 10.461  -7.567  4.838   1.00 23.99 ? 501 8O4 A H162 1 
HETATM 918  H H161 . 8O4 B 2 .   ? 9.748   -8.277  6.359   1.00 23.42 ? 501 8O4 A H161 1 
HETATM 919  H H183 . 8O4 B 2 .   ? 1.972   -6.528  4.386   1.00 18.70 ? 501 8O4 A H183 1 
HETATM 920  H H181 . 8O4 B 2 .   ? 1.856   -7.367  2.825   1.00 19.97 ? 501 8O4 A H181 1 
HETATM 921  H H182 . 8O4 B 2 .   ? 3.252   -6.324  3.167   1.00 18.35 ? 501 8O4 A H182 1 
HETATM 922  H H22  . 8O4 B 2 .   ? 3.153   -10.344 7.665   1.00 19.17 ? 501 8O4 A H22  1 
HETATM 923  H H7   . 8O4 B 2 .   ? 7.293   -10.525 -1.648  1.00 22.71 ? 501 8O4 A H7   1 
HETATM 924  H H8   . 8O4 B 2 .   ? 5.849   -9.564  -1.221  1.00 23.10 ? 501 8O4 A H8   1 
HETATM 925  H H9   . 8O4 B 2 .   ? 5.694   -10.913 -3.831  1.00 27.39 ? 501 8O4 A H9   1 
HETATM 926  H H10  . 8O4 B 2 .   ? 4.240   -11.968 -3.770  1.00 27.73 ? 501 8O4 A H10  1 
HETATM 927  H H12  . 8O4 B 2 .   ? 4.175   -10.307 -3.092  1.00 27.80 ? 501 8O4 A H12  1 
HETATM 928  O O    . HOH C 3 .   ? 0.664   -5.172  15.022  1.00 29.98 ? 601 HOH A O    1 
HETATM 929  O O    . HOH C 3 .   ? 10.784  10.552  -1.956  1.00 25.73 ? 602 HOH A O    1 
HETATM 930  O O    . HOH C 3 .   ? 3.061   -23.002 2.202   1.00 36.02 ? 603 HOH A O    1 
HETATM 931  O O    . HOH C 3 .   ? -11.037 3.088   -1.828  1.00 27.77 ? 604 HOH A O    1 
HETATM 932  O O    . HOH C 3 .   ? -3.543  -7.538  -2.389  1.00 22.54 ? 605 HOH A O    1 
HETATM 933  O O    . HOH C 3 .   ? -13.641 1.864   -15.105 1.00 61.45 ? 606 HOH A O    1 
HETATM 934  O O    . HOH C 3 .   ? 4.278   6.241   9.475   1.00 35.86 ? 607 HOH A O    1 
HETATM 935  O O    . HOH C 3 .   ? -4.813  1.719   10.707  1.00 19.45 ? 608 HOH A O    1 
HETATM 936  O O    . HOH C 3 .   ? -6.749  -18.717 11.778  1.00 35.46 ? 609 HOH A O    1 
HETATM 937  O O    . HOH C 3 .   ? -2.832  -6.869  2.172   1.00 19.02 ? 610 HOH A O    1 
HETATM 938  O O    . HOH C 3 .   ? -0.469  -7.282  5.378   1.00 17.63 ? 611 HOH A O    1 
HETATM 939  O O    . HOH C 3 .   ? -2.637  -5.726  -10.746 1.00 43.12 ? 612 HOH A O    1 
HETATM 940  O O    . HOH C 3 .   ? 15.969  5.545   1.621   1.00 30.11 ? 613 HOH A O    1 
HETATM 941  O O    . HOH C 3 .   ? -15.194 3.795   -8.176  1.00 42.04 ? 614 HOH A O    1 
HETATM 942  O O    . HOH C 3 .   ? 10.082  1.592   -3.721  1.00 15.86 ? 615 HOH A O    1 
HETATM 943  O O    . HOH C 3 .   ? -11.454 -17.333 6.251   1.00 41.64 ? 616 HOH A O    1 
HETATM 944  O O    . HOH C 3 .   ? -9.149  8.511   2.200   1.00 26.46 ? 617 HOH A O    1 
HETATM 945  O O    . HOH C 3 .   ? 2.004   -7.077  -0.075  1.00 18.91 ? 618 HOH A O    1 
HETATM 946  O O    . HOH C 3 .   ? 0.124   -5.611  1.145   1.00 23.77 ? 619 HOH A O    1 
HETATM 947  O O    . HOH C 3 .   ? -0.356  -5.118  3.741   1.00 21.36 ? 620 HOH A O    1 
HETATM 948  O O    . HOH C 3 .   ? -5.076  -8.071  -6.510  1.00 35.89 ? 621 HOH A O    1 
HETATM 949  O O    . HOH C 3 .   ? 8.758   4.526   -9.638  1.00 24.50 ? 622 HOH A O    1 
HETATM 950  O O    . HOH C 3 .   ? -10.318 0.975   0.577   1.00 33.72 ? 623 HOH A O    1 
HETATM 951  O O    . HOH C 3 .   ? -11.033 -4.100  -8.522  1.00 39.59 ? 624 HOH A O    1 
HETATM 952  O O    . HOH C 3 .   ? -5.693  -1.459  -15.043 1.00 32.62 ? 625 HOH A O    1 
HETATM 953  O O    . HOH C 3 .   ? 14.095  7.237   2.411   1.00 37.09 ? 626 HOH A O    1 
HETATM 954  O O    . HOH C 3 .   ? 1.789   -12.056 -5.260  1.00 31.08 ? 627 HOH A O    1 
HETATM 955  O O    . HOH C 3 .   ? 15.660  -4.322  2.525   1.00 47.83 ? 628 HOH A O    1 
HETATM 956  O O    . HOH C 3 .   ? -16.870 6.714   -1.998  1.00 49.19 ? 629 HOH A O    1 
HETATM 957  O O    . HOH C 3 .   ? -4.576  -6.997  15.276  1.00 34.37 ? 630 HOH A O    1 
HETATM 958  O O    . HOH C 3 .   ? -10.382 -10.107 11.198  1.00 38.43 ? 631 HOH A O    1 
HETATM 959  O O    . HOH C 3 .   ? -9.415  -6.242  -1.355  1.00 41.67 ? 632 HOH A O    1 
HETATM 960  O O    . HOH C 3 .   ? 4.217   9.039   -2.097  1.00 21.15 ? 633 HOH A O    1 
HETATM 961  O O    . HOH C 3 .   ? -10.898 -1.557  -1.996  1.00 34.62 ? 634 HOH A O    1 
HETATM 962  O O    . HOH C 3 .   ? 6.519   -16.042 5.779   1.00 35.87 ? 635 HOH A O    1 
HETATM 963  O O    . HOH C 3 .   ? 6.510   14.882  0.117   1.00 22.74 ? 636 HOH A O    1 
HETATM 964  O O    . HOH C 3 .   ? -7.265  7.395   -12.582 1.00 39.12 ? 637 HOH A O    1 
HETATM 965  O O    . HOH C 3 .   ? 10.915  -10.241 8.598   1.00 53.41 ? 638 HOH A O    1 
HETATM 966  O O    . HOH C 3 .   ? 10.495  6.652   4.720   1.00 23.34 ? 639 HOH A O    1 
HETATM 967  O O    . HOH C 3 .   ? 9.546   2.282   11.143  1.00 27.05 ? 640 HOH A O    1 
HETATM 968  O O    . HOH C 3 .   ? 1.485   13.626  -5.825  1.00 29.95 ? 641 HOH A O    1 
HETATM 969  O O    . HOH C 3 .   ? -9.201  -20.427 6.432   1.00 24.67 ? 642 HOH A O    1 
HETATM 970  O O    . HOH C 3 .   ? -7.323  2.223   7.241   1.00 24.07 ? 643 HOH A O    1 
HETATM 971  O O    . HOH C 3 .   ? -8.445  2.472   4.598   1.00 25.34 ? 644 HOH A O    1 
HETATM 972  O O    . HOH C 3 .   ? 2.178   5.788   -11.282 1.00 28.80 ? 645 HOH A O    1 
HETATM 973  O O    . HOH C 3 .   ? 17.037  0.668   -4.337  1.00 36.86 ? 646 HOH A O    1 
HETATM 974  O O    . HOH C 3 .   ? -3.863  -21.163 2.336   1.00 28.47 ? 647 HOH A O    1 
HETATM 975  O O    . HOH C 3 .   ? -12.314 8.496   -11.852 1.00 37.24 ? 648 HOH A O    1 
HETATM 976  O O    . HOH C 3 .   ? -7.292  -7.294  15.169  1.00 31.86 ? 649 HOH A O    1 
HETATM 977  O O    . HOH C 3 .   ? -7.374  -7.114  -3.554  1.00 52.05 ? 650 HOH A O    1 
HETATM 978  O O    . HOH C 3 .   ? -14.196 11.267  -18.424 1.00 51.49 ? 651 HOH A O    1 
HETATM 979  O O    . HOH C 3 .   ? -10.802 -3.630  -4.707  1.00 38.90 ? 652 HOH A O    1 
HETATM 980  O O    . HOH C 3 .   ? -8.794  -6.019  5.330   1.00 20.54 ? 653 HOH A O    1 
HETATM 981  O O    . HOH C 3 .   ? 6.856   12.053  0.321   1.00 19.01 ? 654 HOH A O    1 
HETATM 982  O O    . HOH C 3 .   ? -2.915  -11.372 -0.745  1.00 30.33 ? 655 HOH A O    1 
HETATM 983  O O    . HOH C 3 .   ? -4.732  15.267  1.212   1.00 46.43 ? 656 HOH A O    1 
HETATM 984  O O    . HOH C 3 .   ? -11.157 8.832   -14.256 1.00 50.58 ? 657 HOH A O    1 
HETATM 985  O O    . HOH C 3 .   ? 12.326  0.428   -6.890  1.00 36.53 ? 658 HOH A O    1 
HETATM 986  O O    . HOH C 3 .   ? 7.888   -13.556 9.320   1.00 39.79 ? 659 HOH A O    1 
HETATM 987  O O    . HOH C 3 .   ? -6.752  -21.078 5.356   1.00 35.70 ? 660 HOH A O    1 
HETATM 988  O O    . HOH C 3 .   ? -0.657  -1.514  -13.936 1.00 60.00 ? 661 HOH A O    1 
HETATM 989  O O    . HOH C 3 .   ? 2.983   -2.756  -10.766 1.00 42.89 ? 662 HOH A O    1 
HETATM 990  O O    . HOH C 3 .   ? -9.677  10.632  4.919   1.00 41.99 ? 663 HOH A O    1 
HETATM 991  O O    . HOH C 3 .   ? 3.249   -18.860 -5.418  1.00 48.84 ? 664 HOH A O    1 
HETATM 992  O O    . HOH C 3 .   ? 3.647   18.032  2.968   1.00 34.06 ? 665 HOH A O    1 
HETATM 993  O O    . HOH C 3 .   ? -9.996  -12.556 2.811   1.00 59.52 ? 666 HOH A O    1 
HETATM 994  O O    . HOH C 3 .   ? -3.056  -1.610  -15.744 1.00 57.38 ? 667 HOH A O    1 
HETATM 995  O O    . HOH C 3 .   ? 8.105   -3.213  14.110  1.00 28.57 ? 668 HOH A O    1 
HETATM 996  O O    . HOH C 3 .   ? -14.891 3.908   -13.867 1.00 22.39 ? 669 HOH A O    1 
HETATM 997  O O    . HOH C 3 .   ? -2.752  11.240  7.912   1.00 19.97 ? 670 HOH A O    1 
HETATM 998  O O    . HOH C 3 .   ? 1.146   15.485  -3.885  1.00 33.05 ? 671 HOH A O    1 
HETATM 999  O O    . HOH C 3 .   ? 7.373   18.080  3.201   1.00 36.82 ? 672 HOH A O    1 
HETATM 1000 O O    . HOH C 3 .   ? -7.428  -3.681  7.721   1.00 31.31 ? 673 HOH A O    1 
HETATM 1001 O O    . HOH C 3 .   ? 15.308  2.197   10.959  1.00 53.27 ? 674 HOH A O    1 
HETATM 1002 O O    . HOH C 3 .   ? -3.305  -4.181  -14.659 1.00 61.19 ? 675 HOH A O    1 
HETATM 1003 O O    . HOH C 3 .   ? 9.714   -13.090 4.887   1.00 23.74 ? 676 HOH A O    1 
HETATM 1004 O O    . HOH C 3 .   ? -9.730  14.307  -5.495  1.00 36.60 ? 677 HOH A O    1 
HETATM 1005 O O    . HOH C 3 .   ? 0.194   -13.176 12.618  1.00 47.56 ? 678 HOH A O    1 
HETATM 1006 O O    . HOH C 3 .   ? 9.669   -0.501  -8.594  1.00 39.97 ? 679 HOH A O    1 
HETATM 1007 O O    . HOH C 3 .   ? -0.020  -2.807  -11.683 1.00 31.65 ? 680 HOH A O    1 
HETATM 1008 O O    . HOH C 3 .   ? 3.619   -12.265 10.960  1.00 28.95 ? 681 HOH A O    1 
HETATM 1009 O O    . HOH C 3 .   ? 12.206  -3.278  9.490   1.00 37.51 ? 682 HOH A O    1 
HETATM 1010 O O    . HOH C 3 .   ? -15.117 9.661   -2.278  1.00 61.38 ? 683 HOH A O    1 
HETATM 1011 O O    . HOH C 3 .   ? -4.864  -17.289 4.377   1.00 41.19 ? 684 HOH A O    1 
HETATM 1012 O O    . HOH C 3 .   ? -1.786  -6.884  -8.452  1.00 38.05 ? 685 HOH A O    1 
HETATM 1013 O O    . HOH C 3 .   ? -9.573  -7.363  8.023   1.00 28.36 ? 686 HOH A O    1 
HETATM 1014 O O    . HOH C 3 .   ? 5.737   -7.647  -2.906  1.00 22.65 ? 687 HOH A O    1 
HETATM 1015 O O    . HOH C 3 .   ? -13.201 3.124   -5.252  1.00 46.85 ? 688 HOH A O    1 
HETATM 1016 O O    . HOH C 3 .   ? -2.132  -8.620  -0.314  1.00 21.65 ? 689 HOH A O    1 
HETATM 1017 O O    . HOH C 3 .   ? -14.538 5.378   -10.281 1.00 31.26 ? 690 HOH A O    1 
HETATM 1018 O O    . HOH C 3 .   ? 3.158   -23.422 4.810   1.00 41.90 ? 691 HOH A O    1 
HETATM 1019 O O    . HOH C 3 .   ? -2.063  -15.225 -2.077  1.00 44.47 ? 692 HOH A O    1 
HETATM 1020 O O    . HOH C 3 .   ? 2.441   -14.743 10.775  1.00 45.82 ? 693 HOH A O    1 
HETATM 1021 O O    . HOH C 3 .   ? -7.946  -3.377  -11.739 1.00 46.91 ? 694 HOH A O    1 
HETATM 1022 O O    . HOH C 3 .   ? 9.192   -7.348  -3.946  1.00 42.33 ? 695 HOH A O    1 
HETATM 1023 O O    . HOH C 3 .   ? -6.476  11.814  -14.043 1.00 55.12 ? 696 HOH A O    1 
HETATM 1024 O O    . HOH C 3 .   ? 8.839   1.443   13.832  1.00 38.50 ? 697 HOH A O    1 
HETATM 1025 O O    . HOH C 3 .   ? -9.060  6.060   -10.804 1.00 27.87 ? 698 HOH A O    1 
HETATM 1026 O O    . HOH C 3 .   ? 3.795   17.075  -4.482  1.00 34.16 ? 699 HOH A O    1 
HETATM 1027 O O    . HOH C 3 .   ? 14.489  -2.286  5.352   1.00 44.56 ? 700 HOH A O    1 
HETATM 1028 O O    . HOH C 3 .   ? 1.554   2.168   12.976  1.00 33.03 ? 701 HOH A O    1 
HETATM 1029 O O    . HOH C 3 .   ? -8.256  6.872   4.136   1.00 25.14 ? 702 HOH A O    1 
HETATM 1030 O O    . HOH C 3 .   ? 6.327   6.631   11.694  0.50 58.08 ? 703 HOH A O    1 
HETATM 1031 O O    . HOH C 3 .   ? -1.106  -17.749 -2.628  1.00 33.19 ? 704 HOH A O    1 
HETATM 1032 O O    . HOH C 3 .   ? -9.682  18.715  -11.755 1.00 61.03 ? 705 HOH A O    1 
HETATM 1033 O O    . HOH C 3 .   ? 10.807  -9.691  12.143  1.00 31.14 ? 706 HOH A O    1 
HETATM 1034 O O    . HOH C 3 .   ? 14.356  -6.389  3.619   1.00 44.61 ? 707 HOH A O    1 
HETATM 1035 O O    . HOH C 3 .   ? 3.489   -0.629  18.152  1.00 43.02 ? 708 HOH A O    1 
HETATM 1036 O O    . HOH C 3 .   ? -6.468  14.398  3.071   1.00 41.24 ? 709 HOH A O    1 
HETATM 1037 O O    . HOH C 3 .   ? -11.926 1.306   -3.679  1.00 49.22 ? 710 HOH A O    1 
HETATM 1038 O O    . HOH C 3 .   ? 11.925  1.162   -9.475  1.00 45.13 ? 711 HOH A O    1 
HETATM 1039 O O    . HOH C 3 .   ? 8.908   16.213  -0.858  1.00 42.64 ? 712 HOH A O    1 
HETATM 1040 O O    . HOH C 3 .   ? -0.438  5.388   -12.481 1.00 39.91 ? 713 HOH A O    1 
HETATM 1041 O O    . HOH C 3 .   ? -3.422  -11.067 13.859  1.00 42.81 ? 714 HOH A O    1 
HETATM 1042 O O    . HOH C 3 .   ? 14.363  -4.029  -2.572  1.00 38.52 ? 715 HOH A O    1 
HETATM 1043 O O    . HOH C 3 .   ? -10.684 13.698  -2.725  1.00 35.42 ? 716 HOH A O    1 
HETATM 1044 O O    . HOH C 3 .   ? 13.058  -0.942  7.420   1.00 52.31 ? 717 HOH A O    1 
HETATM 1045 O O    . HOH C 3 .   ? 6.202   -4.724  -8.951  1.00 48.45 ? 718 HOH A O    1 
HETATM 1046 O O    . HOH C 3 .   ? 3.228   8.934   8.764   1.00 46.24 ? 719 HOH A O    1 
HETATM 1047 O O    . HOH C 3 .   ? 4.826   -19.676 8.272   1.00 57.26 ? 720 HOH A O    1 
HETATM 1048 O O    . HOH C 3 .   ? -4.827  8.570   -12.971 1.00 60.78 ? 721 HOH A O    1 
HETATM 1049 O O    . HOH C 3 .   ? -12.846 7.969   0.195   1.00 44.36 ? 722 HOH A O    1 
HETATM 1050 O O    . HOH C 3 .   ? 12.963  -2.192  -6.618  1.00 57.37 ? 723 HOH A O    1 
HETATM 1051 O O    . HOH C 3 .   ? -4.087  -19.477 -1.677  1.00 57.40 ? 724 HOH A O    1 
HETATM 1052 O O    . HOH C 3 .   ? 7.417   -11.118 14.809  1.00 52.36 ? 725 HOH A O    1 
HETATM 1053 O O    . HOH C 3 .   ? 0.668   -7.915  -8.994  1.00 46.75 ? 726 HOH A O    1 
HETATM 1054 O O    . HOH C 3 .   ? 8.792   11.314  4.577   1.00 33.39 ? 727 HOH A O    1 
HETATM 1055 O O    . HOH C 3 .   ? 9.145   4.979   11.040  1.00 53.22 ? 728 HOH A O    1 
HETATM 1056 O O    . HOH C 3 .   ? -5.538  -16.621 13.013  1.00 49.33 ? 729 HOH A O    1 
HETATM 1057 O O    . HOH C 3 .   ? -11.852 8.635   2.635   1.00 49.26 ? 730 HOH A O    1 
HETATM 1058 O O    . HOH C 3 .   ? 14.485  -7.166  -1.489  1.00 49.27 ? 731 HOH A O    1 
HETATM 1059 O O    . HOH C 3 .   ? -12.844 10.985  3.572   1.00 51.31 ? 732 HOH A O    1 
HETATM 1060 O O    . HOH C 3 .   ? -11.021 -4.079  -1.017  1.00 60.32 ? 733 HOH A O    1 
HETATM 1061 O O    . HOH C 3 .   ? -13.576 -0.779  -14.609 1.00 62.84 ? 734 HOH A O    1 
HETATM 1062 O O    . HOH C 3 .   ? 1.076   18.131  -5.430  1.00 70.02 ? 735 HOH A O    1 
HETATM 1063 O O    . HOH C 3 .   ? -10.581 1.166   3.504   1.00 43.13 ? 736 HOH A O    1 
HETATM 1064 O O    . HOH C 3 .   ? 3.933   3.670   -10.628 1.00 30.51 ? 737 HOH A O    1 
HETATM 1065 O O    . HOH C 3 .   ? 1.364   -15.661 -7.351  1.00 56.74 ? 738 HOH A O    1 
HETATM 1066 O O    . HOH C 3 .   ? -0.461  -9.922  16.513  1.00 40.85 ? 739 HOH A O    1 
HETATM 1067 O O    . HOH C 3 .   ? -12.461 14.670  -7.983  1.00 61.25 ? 740 HOH A O    1 
HETATM 1068 O O    . HOH C 3 .   ? -20.054 11.606  -8.650  1.00 32.64 ? 741 HOH A O    1 
HETATM 1069 O O    . HOH C 3 .   ? 6.716   -21.584 4.683   1.00 49.69 ? 742 HOH A O    1 
HETATM 1070 O O    . HOH C 3 .   ? 2.829   21.616  -2.540  1.00 47.97 ? 743 HOH A O    1 
HETATM 1071 O O    . HOH C 3 .   ? 9.832   -12.533 7.707   1.00 44.23 ? 744 HOH A O    1 
HETATM 1072 O O    . HOH C 3 .   ? -7.787  8.302   -16.844 1.00 54.79 ? 745 HOH A O    1 
HETATM 1073 O O    . HOH C 3 .   ? 11.451  11.760  0.878   1.00 43.11 ? 746 HOH A O    1 
HETATM 1074 O O    . HOH C 3 .   ? -0.119  -14.240 -4.835  1.00 54.54 ? 747 HOH A O    1 
HETATM 1075 O O    . HOH C 3 .   ? -5.283  -6.269  -10.403 1.00 44.55 ? 748 HOH A O    1 
HETATM 1076 O O    . HOH C 3 .   ? -12.646 -2.389  1.778   1.00 55.01 ? 749 HOH A O    1 
HETATM 1077 O O    . HOH C 3 .   ? 9.170   -10.552 -3.443  1.00 48.31 ? 750 HOH A O    1 
HETATM 1078 O O    . HOH C 3 .   ? -9.897  -12.353 0.046   1.00 52.97 ? 751 HOH A O    1 
HETATM 1079 O O    . HOH C 3 .   ? 8.824   15.428  3.063   1.00 42.01 ? 752 HOH A O    1 
HETATM 1080 O O    . HOH C 3 .   ? 8.467   20.212  1.896   1.00 49.12 ? 753 HOH A O    1 
HETATM 1081 O O    . HOH C 3 .   ? -5.426  -8.995  -3.859  1.00 31.98 ? 754 HOH A O    1 
HETATM 1082 O O    . HOH C 3 .   ? 12.662  9.679   2.652   1.00 42.63 ? 755 HOH A O    1 
HETATM 1083 O O    . HOH C 3 .   ? 9.289   -15.491 -0.662  1.00 69.12 ? 756 HOH A O    1 
HETATM 1084 O O    . HOH C 3 .   ? -11.728 3.564   -19.178 1.00 48.03 ? 757 HOH A O    1 
HETATM 1085 O O    . HOH C 3 .   ? -2.066  19.423  -6.175  1.00 64.58 ? 758 HOH A O    1 
HETATM 1086 O O    . HOH C 3 .   ? -3.582  -23.905 -3.855  1.00 55.93 ? 759 HOH A O    1 
HETATM 1087 O O    . HOH C 3 .   ? -7.200  -9.912  14.255  1.00 36.49 ? 760 HOH A O    1 
HETATM 1088 O O    . HOH C 3 .   ? -8.433  9.119   -14.325 1.00 54.92 ? 761 HOH A O    1 
HETATM 1089 O O    . HOH C 3 .   ? -10.980 -4.269  5.545   1.00 41.31 ? 762 HOH A O    1 
HETATM 1090 O O    . HOH C 3 .   ? 9.001   12.239  1.957   1.00 31.90 ? 763 HOH A O    1 
HETATM 1091 O O    . HOH C 3 .   ? -5.391  -18.923 2.276   1.00 34.65 ? 764 HOH A O    1 
HETATM 1092 O O    . HOH C 3 .   ? 7.175   -8.423  -5.365  1.00 35.37 ? 765 HOH A O    1 
HETATM 1093 O O    . HOH C 3 .   ? 12.008  10.984  -4.340  1.00 46.38 ? 766 HOH A O    1 
HETATM 1094 O O    . HOH C 3 .   ? -4.896  -13.126 -0.153  1.00 57.24 ? 767 HOH A O    1 
HETATM 1095 O O    . HOH C 3 .   ? 5.111   -13.300 13.299  1.00 40.50 ? 768 HOH A O    1 
HETATM 1096 O O    . HOH C 3 .   ? 6.626   3.533   -11.015 1.00 32.41 ? 769 HOH A O    1 
HETATM 1097 O O    . HOH C 3 .   ? -13.351 4.435   -0.706  1.00 38.27 ? 770 HOH A O    1 
HETATM 1098 O O    . HOH C 3 .   ? 4.408   -12.501 -6.459  1.00 47.89 ? 771 HOH A O    1 
HETATM 1099 O O    . HOH C 3 .   ? 9.902   -16.884 2.416   1.00 46.37 ? 772 HOH A O    1 
HETATM 1100 O O    . HOH C 3 .   ? 13.302  -4.439  -5.040  1.00 46.91 ? 773 HOH A O    1 
HETATM 1101 O O    . HOH C 3 .   ? 4.252   19.752  -4.152  1.00 55.74 ? 774 HOH A O    1 
HETATM 1102 O O    . HOH C 3 .   ? 7.593   0.496   -10.755 1.00 38.54 ? 775 HOH A O    1 
HETATM 1103 O O    . HOH C 3 .   ? 0.742   -11.023 -8.145  1.00 57.30 ? 776 HOH A O    1 
HETATM 1104 O O    . HOH C 3 .   ? 12.787  -3.324  12.379  1.00 58.23 ? 777 HOH A O    1 
HETATM 1105 O O    . HOH C 3 .   ? 5.927   -15.064 8.242   1.00 53.82 ? 778 HOH A O    1 
HETATM 1106 O O    . HOH C 3 .   ? 13.955  -10.830 4.176   1.00 51.19 ? 779 HOH A O    1 
HETATM 1107 O O    . HOH C 3 .   ? 7.779   -6.900  -7.535  1.00 35.28 ? 780 HOH A O    1 
HETATM 1108 O O    . HOH C 3 .   ? -4.631  -11.547 -2.874  1.00 44.69 ? 781 HOH A O    1 
HETATM 1109 O O    . HOH C 3 .   ? -0.005  16.212  -15.349 1.00 61.51 ? 782 HOH A O    1 
HETATM 1110 O O    . HOH C 3 .   ? 9.011   -15.734 4.728   1.00 37.42 ? 783 HOH A O    1 
HETATM 1111 O O    . HOH C 3 .   ? 5.232   -1.294  -11.274 1.00 46.23 ? 784 HOH A O    1 
HETATM 1112 O O    . HOH C 3 .   ? -9.073  -5.658  -5.131  1.00 41.23 ? 785 HOH A O    1 
HETATM 1113 O O    . HOH C 3 .   ? 9.439   -20.665 4.236   1.00 69.08 ? 786 HOH A O    1 
HETATM 1114 O O    . HOH C 3 .   ? 10.952  -12.200 -2.183  1.00 55.94 ? 787 HOH A O    1 
HETATM 1115 O O    . HOH C 3 .   ? 7.024   -10.984 -6.287  1.00 44.91 ? 788 HOH A O    1 
HETATM 1116 O O    . HOH C 3 .   ? 12.147  -12.708 3.374   1.00 36.25 ? 789 HOH A O    1 
HETATM 1117 O O    . HOH C 3 .   ? 13.608  -9.744  -1.509  1.00 64.45 ? 790 HOH A O    1 
HETATM 1118 O O    . HOH C 3 .   ? 15.724  -1.473  -6.171  1.00 51.55 ? 791 HOH A O    1 
HETATM 1119 O O    . HOH C 3 .   ? -7.983  -11.079 -2.585  1.00 63.46 ? 792 HOH A O    1 
HETATM 1120 O O    . HOH C 3 .   ? -8.731  -5.385  -7.840  1.00 51.87 ? 793 HOH A O    1 
HETATM 1121 O O    . HOH C 3 .   ? -3.684  -12.921 -5.016  1.00 56.06 ? 794 HOH A O    1 
HETATM 1122 O O    . HOH C 3 .   ? 11.407  -6.789  -5.448  1.00 51.90 ? 795 HOH A O    1 
HETATM 1123 O O    . HOH C 3 .   ? 8.160   -2.812  -9.084  1.00 57.53 ? 796 HOH A O    1 
HETATM 1124 O O    . HOH C 3 .   ? 11.172  -12.916 0.443   1.00 51.66 ? 797 HOH A O    1 
HETATM 1125 O O    . HOH C 3 .   ? 10.308  -5.319  -8.155  1.00 50.82 ? 798 HOH A O    1 
HETATM 1126 O O    . HOH C 3 .   ? -5.662  -17.549 -0.545  1.00 49.58 ? 799 HOH A O    1 
HETATM 1127 O O    . HOH C 3 .   ? -3.126  -11.969 -7.521  1.00 51.42 ? 800 HOH A O    1 
# 
